data_7ABD
#
_entry.id   7ABD
#
_cell.length_a   98.703
_cell.length_b   110.935
_cell.length_c   160.626
_cell.angle_alpha   90.000
_cell.angle_beta   90.000
_cell.angle_gamma   90.000
#
_symmetry.space_group_name_H-M   'P 21 21 21'
#
loop_
_entity.id
_entity.type
_entity.pdbx_description
1 polymer "cAMP-specific 3',5'-cyclic phosphodiesterase 4D"
2 non-polymer 'ZINC ION'
3 non-polymer 'MAGNESIUM ION'
4 non-polymer 1,2-ETHANEDIOL
5 non-polymer '4-(2-HYDROXYETHYL)-1-PIPERAZINE ETHANESULFONIC ACID'
6 non-polymer 3-(3-cyclopentyloxy-4-methoxy-phenyl)-4,4-dimethyl-1~{H}-pyrazol-5-one
7 non-polymer DI(HYDROXYETHYL)ETHER
8 water water
#
_entity_poly.entity_id   1
_entity_poly.type   'polypeptide(L)'
_entity_poly.pdbx_seq_one_letter_code
;GSHMIPRFGVKTEQEDVLAKELEDVNKWGLHVFRIAELSGNRPLTVIMHTIFQERDLLKTFKIPVDTLITYLMTLEDHYH
ADVAYHNNIHAADVVQSTHVLLSTPALEAVFTDLEILAAIFASAIHDVDHPGVSNQFLINTNSELALMYNDSSVLENHHL
AVGFKLLQEENCDIFQNLTKKQRQSLRKMVIDIVLATDMSKHMNLLADLKTMVETKKVTSSGVLLLDNYSDRIQVLQNMV
HCADLSNPTKPLQLYRQWTDRIMEEFFRQGDRERERGMEISPMCDKHNASVEKSQVGFIDYIVHPLWETWADLVHPDAQD
ILDTLEDNREWYQSTIPQSPSPAPDDPEEGRQGQTEKFQFELTL
;
_entity_poly.pdbx_strand_id   A,B,C,D
#
loop_
_chem_comp.id
_chem_comp.type
_chem_comp.name
_chem_comp.formula
EDO non-polymer 1,2-ETHANEDIOL 'C2 H6 O2'
EPE non-polymer '4-(2-HYDROXYETHYL)-1-PIPERAZINE ETHANESULFONIC ACID' 'C8 H18 N2 O4 S'
MG non-polymer 'MAGNESIUM ION' 'Mg 2'
PEG non-polymer DI(HYDROXYETHYL)ETHER 'C4 H10 O3'
RLW non-polymer 3-(3-cyclopentyloxy-4-methoxy-phenyl)-4,4-dimethyl-1~{H}-pyrazol-5-one 'C17 H22 N2 O3'
ZN non-polymer 'ZINC ION' 'Zn 2'
#
# COMPACT_ATOMS: atom_id res chain seq x y z
N PHE A 8 -39.96 5.76 20.35
CA PHE A 8 -39.92 7.06 21.11
C PHE A 8 -38.46 7.53 21.17
N GLY A 9 -38.13 8.54 21.99
CA GLY A 9 -36.74 9.03 22.21
C GLY A 9 -36.15 8.50 23.52
N VAL A 10 -36.64 7.34 23.95
CA VAL A 10 -36.23 6.60 25.17
C VAL A 10 -35.50 5.33 24.71
N LYS A 11 -34.67 4.82 25.59
CA LYS A 11 -33.91 3.67 25.23
C LYS A 11 -34.60 2.33 25.31
N THR A 12 -34.09 1.38 24.58
CA THR A 12 -34.54 -0.05 24.58
C THR A 12 -34.22 -0.53 25.98
N GLU A 13 -34.70 -1.67 26.47
CA GLU A 13 -34.32 -2.09 27.82
C GLU A 13 -32.89 -2.60 27.84
N GLN A 14 -32.44 -3.15 26.73
CA GLN A 14 -31.04 -3.66 26.60
C GLN A 14 -30.10 -2.45 26.75
N GLU A 15 -30.34 -1.36 26.01
CA GLU A 15 -29.64 -0.05 26.16
C GLU A 15 -29.71 0.47 27.61
N ASP A 16 -30.73 0.15 28.41
CA ASP A 16 -30.82 0.65 29.81
C ASP A 16 -29.87 -0.17 30.67
N VAL A 17 -29.85 -1.50 30.51
CA VAL A 17 -28.96 -2.38 31.32
C VAL A 17 -27.50 -2.01 31.02
N LEU A 18 -27.22 -1.71 29.73
CA LEU A 18 -25.87 -1.28 29.26
C LEU A 18 -25.46 0.01 29.97
N ALA A 19 -26.33 1.02 30.00
CA ALA A 19 -26.09 2.32 30.66
C ALA A 19 -25.85 2.11 32.16
N LYS A 20 -26.54 1.15 32.79
CA LYS A 20 -26.30 0.87 34.24
C LYS A 20 -24.89 0.29 34.42
N GLU A 21 -24.44 -0.60 33.52
CA GLU A 21 -23.08 -1.20 33.58
C GLU A 21 -22.03 -0.10 33.36
N LEU A 22 -22.29 0.83 32.44
CA LEU A 22 -21.36 1.94 32.09
C LEU A 22 -21.25 2.94 33.25
N GLU A 23 -22.03 2.80 34.32
CA GLU A 23 -21.88 3.68 35.51
C GLU A 23 -20.60 3.29 36.25
N ASP A 24 -20.07 2.08 36.00
CA ASP A 24 -18.78 1.61 36.59
C ASP A 24 -17.56 2.11 35.79
N VAL A 25 -17.75 2.98 34.80
CA VAL A 25 -16.70 3.29 33.78
C VAL A 25 -15.48 3.95 34.46
N ASN A 26 -15.63 4.54 35.65
CA ASN A 26 -14.53 5.25 36.36
C ASN A 26 -13.87 4.28 37.35
N LYS A 27 -14.27 3.02 37.37
CA LYS A 27 -13.77 2.03 38.35
C LYS A 27 -12.91 0.95 37.67
N TRP A 28 -11.79 0.62 38.31
CA TRP A 28 -11.03 -0.63 38.05
C TRP A 28 -11.93 -1.84 38.31
N GLY A 29 -12.08 -2.75 37.38
CA GLY A 29 -12.97 -3.93 37.58
C GLY A 29 -14.31 -3.80 36.87
N LEU A 30 -14.46 -2.84 35.96
CA LEU A 30 -15.59 -2.74 35.01
C LEU A 30 -15.86 -4.11 34.39
N HIS A 31 -17.16 -4.51 34.32
CA HIS A 31 -17.63 -5.77 33.69
C HIS A 31 -17.56 -5.63 32.16
N VAL A 32 -16.35 -5.58 31.62
CA VAL A 32 -16.12 -5.24 30.19
C VAL A 32 -16.68 -6.33 29.29
N PHE A 33 -16.65 -7.60 29.73
CA PHE A 33 -17.19 -8.74 28.93
C PHE A 33 -18.72 -8.61 28.85
N ARG A 34 -19.35 -8.28 29.97
CA ARG A 34 -20.79 -8.07 29.96
C ARG A 34 -21.14 -6.87 29.07
N ILE A 35 -20.33 -5.80 29.11
CA ILE A 35 -20.59 -4.62 28.25
C ILE A 35 -20.50 -5.04 26.78
N ALA A 36 -19.54 -5.88 26.41
CA ALA A 36 -19.40 -6.42 25.03
C ALA A 36 -20.66 -7.20 24.64
N GLU A 37 -21.19 -8.03 25.56
CA GLU A 37 -22.44 -8.79 25.33
C GLU A 37 -23.60 -7.81 25.10
N LEU A 38 -23.78 -6.82 25.96
CA LEU A 38 -24.95 -5.91 25.97
C LEU A 38 -24.89 -4.92 24.81
N SER A 39 -23.71 -4.52 24.37
CA SER A 39 -23.54 -3.52 23.29
C SER A 39 -23.67 -4.18 21.92
N GLY A 40 -23.94 -5.49 21.84
CA GLY A 40 -23.89 -6.25 20.56
C GLY A 40 -22.49 -6.25 19.98
N ASN A 41 -21.48 -6.52 20.80
CA ASN A 41 -20.04 -6.57 20.42
C ASN A 41 -19.55 -5.19 20.02
N ARG A 42 -19.97 -4.16 20.76
CA ARG A 42 -19.56 -2.76 20.51
C ARG A 42 -18.95 -2.17 21.79
N PRO A 43 -18.15 -2.93 22.57
CA PRO A 43 -17.60 -2.39 23.80
C PRO A 43 -16.67 -1.19 23.54
N LEU A 44 -15.89 -1.20 22.46
CA LEU A 44 -14.90 -0.13 22.24
C LEU A 44 -15.68 1.15 21.94
N THR A 45 -16.70 1.07 21.12
CA THR A 45 -17.50 2.24 20.66
C THR A 45 -18.22 2.84 21.87
N VAL A 46 -18.95 2.03 22.66
CA VAL A 46 -19.78 2.59 23.77
C VAL A 46 -18.86 3.11 24.87
N ILE A 47 -17.79 2.40 25.21
CA ILE A 47 -16.87 2.83 26.29
C ILE A 47 -16.11 4.10 25.85
N MET A 48 -15.64 4.17 24.60
CA MET A 48 -14.96 5.39 24.08
C MET A 48 -15.94 6.57 24.09
N HIS A 49 -17.17 6.35 23.65
CA HIS A 49 -18.23 7.40 23.64
C HIS A 49 -18.46 7.93 25.06
N THR A 50 -18.74 7.02 26.00
CA THR A 50 -18.95 7.35 27.43
C THR A 50 -17.79 8.21 27.93
N ILE A 51 -16.55 7.77 27.65
CA ILE A 51 -15.34 8.47 28.14
C ILE A 51 -15.26 9.84 27.48
N PHE A 52 -15.55 9.95 26.19
CA PHE A 52 -15.43 11.25 25.49
C PHE A 52 -16.45 12.24 26.06
N GLN A 53 -17.70 11.82 26.28
CA GLN A 53 -18.75 12.60 26.96
C GLN A 53 -18.26 13.00 28.37
N GLU A 54 -17.83 12.03 29.18
CA GLU A 54 -17.46 12.28 30.61
C GLU A 54 -16.34 13.33 30.66
N ARG A 55 -15.38 13.31 29.75
CA ARG A 55 -14.20 14.21 29.77
C ARG A 55 -14.46 15.42 28.88
N ASP A 56 -15.67 15.53 28.34
CA ASP A 56 -16.10 16.71 27.54
C ASP A 56 -15.15 16.92 26.31
N LEU A 57 -14.71 15.82 25.71
CA LEU A 57 -13.70 15.87 24.63
C LEU A 57 -14.34 16.30 23.30
N LEU A 58 -15.62 15.98 23.10
CA LEU A 58 -16.39 16.43 21.90
C LEU A 58 -16.42 17.97 21.83
N LYS A 59 -16.80 18.63 22.92
CA LYS A 59 -16.85 20.11 23.00
C LYS A 59 -15.44 20.68 22.85
N THR A 60 -14.48 20.22 23.62
CA THR A 60 -13.10 20.77 23.64
C THR A 60 -12.46 20.74 22.25
N PHE A 61 -12.70 19.68 21.47
CA PHE A 61 -12.03 19.41 20.18
C PHE A 61 -12.99 19.54 19.01
N LYS A 62 -14.23 19.94 19.26
CA LYS A 62 -15.24 20.26 18.22
C LYS A 62 -15.37 19.02 17.34
N ILE A 63 -15.56 17.89 17.99
CA ILE A 63 -15.74 16.59 17.30
C ILE A 63 -17.24 16.41 17.10
N PRO A 64 -17.73 16.42 15.84
CA PRO A 64 -19.14 16.09 15.58
C PRO A 64 -19.44 14.68 16.10
N VAL A 65 -20.51 14.51 16.86
CA VAL A 65 -20.83 13.23 17.52
C VAL A 65 -21.04 12.13 16.45
N ASP A 66 -21.63 12.44 15.31
CA ASP A 66 -21.87 11.48 14.20
C ASP A 66 -20.49 11.00 13.67
N THR A 67 -19.50 11.89 13.56
CA THR A 67 -18.17 11.55 13.04
C THR A 67 -17.50 10.61 14.05
N LEU A 68 -17.57 10.95 15.32
CA LEU A 68 -17.00 10.13 16.40
C LEU A 68 -17.57 8.72 16.34
N ILE A 69 -18.88 8.58 16.21
CA ILE A 69 -19.52 7.24 16.26
C ILE A 69 -19.12 6.46 15.00
N THR A 70 -19.10 7.12 13.86
CA THR A 70 -18.71 6.46 12.58
C THR A 70 -17.25 5.98 12.70
N TYR A 71 -16.33 6.83 13.17
CA TYR A 71 -14.93 6.41 13.32
C TYR A 71 -14.83 5.28 14.35
N LEU A 72 -15.51 5.38 15.50
CA LEU A 72 -15.42 4.32 16.54
C LEU A 72 -15.92 3.00 15.95
N MET A 73 -17.02 3.01 15.22
CA MET A 73 -17.55 1.75 14.65
C MET A 73 -16.62 1.21 13.56
N THR A 74 -16.04 2.10 12.77
CA THR A 74 -15.09 1.67 11.72
C THR A 74 -13.87 1.06 12.39
N LEU A 75 -13.36 1.69 13.44
CA LEU A 75 -12.15 1.22 14.17
C LEU A 75 -12.45 -0.12 14.84
N GLU A 76 -13.59 -0.25 15.49
CA GLU A 76 -13.99 -1.50 16.17
C GLU A 76 -14.08 -2.61 15.14
N ASP A 77 -14.60 -2.31 13.95
CA ASP A 77 -14.80 -3.31 12.87
C ASP A 77 -13.46 -3.81 12.35
N HIS A 78 -12.35 -3.08 12.54
CA HIS A 78 -11.00 -3.49 12.06
C HIS A 78 -10.23 -4.24 13.15
N TYR A 79 -10.82 -4.47 14.32
CA TYR A 79 -10.40 -5.53 15.28
C TYR A 79 -11.07 -6.82 14.79
N HIS A 80 -10.34 -7.93 14.85
CA HIS A 80 -10.76 -9.26 14.34
C HIS A 80 -11.59 -9.93 15.45
N ALA A 81 -12.86 -10.20 15.18
CA ALA A 81 -13.79 -10.93 16.06
C ALA A 81 -13.32 -12.36 16.32
N ASP A 82 -12.57 -12.97 15.39
CA ASP A 82 -12.08 -14.38 15.45
C ASP A 82 -10.77 -14.49 16.24
N VAL A 83 -10.17 -13.41 16.71
CA VAL A 83 -8.94 -13.45 17.56
C VAL A 83 -9.38 -13.40 19.03
N ALA A 84 -8.87 -14.29 19.87
CA ALA A 84 -9.45 -14.53 21.21
C ALA A 84 -9.05 -13.43 22.20
N TYR A 85 -7.82 -12.91 22.13
CA TYR A 85 -7.33 -11.88 23.07
C TYR A 85 -7.26 -10.51 22.37
N HIS A 86 -6.46 -10.36 21.31
CA HIS A 86 -6.17 -9.05 20.68
C HIS A 86 -7.35 -8.59 19.81
N ASN A 87 -8.47 -8.28 20.47
CA ASN A 87 -9.75 -7.94 19.83
C ASN A 87 -10.28 -6.60 20.40
N ASN A 88 -11.47 -6.22 19.95
CA ASN A 88 -12.15 -4.97 20.38
C ASN A 88 -12.35 -4.98 21.90
N ILE A 89 -12.55 -6.16 22.53
CA ILE A 89 -12.79 -6.17 24.00
C ILE A 89 -11.49 -5.76 24.71
N HIS A 90 -10.35 -6.30 24.32
CA HIS A 90 -9.02 -5.90 24.87
C HIS A 90 -8.81 -4.41 24.66
N ALA A 91 -9.07 -3.89 23.46
CA ALA A 91 -8.97 -2.46 23.12
C ALA A 91 -9.83 -1.66 24.10
N ALA A 92 -11.08 -2.07 24.27
CA ALA A 92 -12.03 -1.39 25.18
C ALA A 92 -11.44 -1.39 26.61
N ASP A 93 -10.90 -2.53 27.04
CA ASP A 93 -10.35 -2.73 28.39
C ASP A 93 -9.20 -1.76 28.61
N VAL A 94 -8.30 -1.63 27.64
CA VAL A 94 -7.07 -0.80 27.79
C VAL A 94 -7.50 0.68 27.80
N VAL A 95 -8.47 1.04 26.99
CA VAL A 95 -9.07 2.41 26.96
C VAL A 95 -9.59 2.73 28.36
N GLN A 96 -10.42 1.85 28.91
CA GLN A 96 -11.11 2.14 30.19
C GLN A 96 -10.08 2.17 31.32
N SER A 97 -9.08 1.29 31.26
CA SER A 97 -8.01 1.21 32.27
C SER A 97 -7.15 2.48 32.21
N THR A 98 -6.82 2.95 31.02
CA THR A 98 -6.04 4.19 30.82
C THR A 98 -6.83 5.34 31.41
N HIS A 99 -8.14 5.32 31.19
CA HIS A 99 -9.08 6.38 31.67
C HIS A 99 -9.02 6.43 33.19
N VAL A 100 -9.07 5.29 33.86
CA VAL A 100 -8.99 5.24 35.34
C VAL A 100 -7.60 5.70 35.80
N LEU A 101 -6.53 5.30 35.12
CA LEU A 101 -5.16 5.71 35.53
C LEU A 101 -4.98 7.22 35.37
N LEU A 102 -5.55 7.84 34.34
CA LEU A 102 -5.47 9.31 34.12
C LEU A 102 -6.15 10.06 35.28
N SER A 103 -7.14 9.45 35.89
CA SER A 103 -7.89 10.07 36.95
C SER A 103 -7.28 9.90 38.31
N THR A 104 -6.12 9.28 38.38
CA THR A 104 -5.44 9.16 39.64
C THR A 104 -5.17 10.48 40.36
N PRO A 105 -5.43 10.49 41.68
CA PRO A 105 -5.21 11.73 42.42
C PRO A 105 -3.83 12.35 42.17
N ALA A 106 -2.77 11.56 42.12
CA ALA A 106 -1.38 12.05 42.03
C ALA A 106 -1.12 12.71 40.65
N LEU A 107 -2.04 12.54 39.69
CA LEU A 107 -1.88 13.16 38.35
C LEU A 107 -2.97 14.21 38.09
N GLU A 108 -3.74 14.59 39.10
CA GLU A 108 -4.82 15.58 38.96
C GLU A 108 -4.23 16.87 38.38
N ALA A 109 -4.81 17.38 37.29
CA ALA A 109 -4.42 18.66 36.64
C ALA A 109 -3.00 18.64 36.05
N VAL A 110 -2.35 17.48 35.98
CA VAL A 110 -0.98 17.40 35.40
C VAL A 110 -1.03 17.54 33.87
N PHE A 111 -1.92 16.83 33.20
CA PHE A 111 -1.92 16.61 31.73
C PHE A 111 -2.94 17.52 31.05
N THR A 112 -2.59 18.03 29.86
CA THR A 112 -3.45 18.89 29.02
C THR A 112 -4.57 18.03 28.41
N ASP A 113 -5.61 18.68 27.89
CA ASP A 113 -6.71 17.99 27.16
C ASP A 113 -6.13 17.21 25.96
N LEU A 114 -5.13 17.78 25.28
CA LEU A 114 -4.53 17.16 24.08
C LEU A 114 -3.81 15.88 24.49
N GLU A 115 -3.04 15.92 25.56
CA GLU A 115 -2.37 14.72 26.13
C GLU A 115 -3.40 13.66 26.54
N ILE A 116 -4.51 14.04 27.16
CA ILE A 116 -5.54 13.08 27.61
C ILE A 116 -6.11 12.39 26.36
N LEU A 117 -6.44 13.19 25.33
CA LEU A 117 -6.93 12.71 24.03
C LEU A 117 -5.92 11.73 23.41
N ALA A 118 -4.63 12.06 23.42
CA ALA A 118 -3.56 11.23 22.85
C ALA A 118 -3.53 9.87 23.55
N ALA A 119 -3.55 9.87 24.88
CA ALA A 119 -3.46 8.62 25.67
C ALA A 119 -4.67 7.74 25.36
N ILE A 120 -5.85 8.32 25.32
CA ILE A 120 -7.09 7.54 25.14
C ILE A 120 -7.19 7.06 23.69
N PHE A 121 -6.91 7.94 22.73
CA PHE A 121 -6.96 7.57 21.29
C PHE A 121 -5.93 6.47 21.06
N ALA A 122 -4.71 6.65 21.55
CA ALA A 122 -3.64 5.63 21.46
C ALA A 122 -4.16 4.27 21.97
N SER A 123 -4.76 4.27 23.15
CA SER A 123 -5.29 3.04 23.78
C SER A 123 -6.30 2.38 22.82
N ALA A 124 -7.13 3.17 22.15
CA ALA A 124 -8.23 2.61 21.35
C ALA A 124 -7.67 1.96 20.08
N ILE A 125 -6.57 2.49 19.50
CA ILE A 125 -6.05 2.00 18.20
C ILE A 125 -4.90 1.02 18.40
N HIS A 126 -4.49 0.74 19.64
CA HIS A 126 -3.11 0.28 19.94
C HIS A 126 -2.89 -1.14 19.44
N ASP A 127 -3.94 -1.89 19.18
CA ASP A 127 -3.87 -3.29 18.68
C ASP A 127 -4.79 -3.48 17.45
N VAL A 128 -5.18 -2.43 16.74
CA VAL A 128 -6.19 -2.60 15.66
C VAL A 128 -5.58 -3.45 14.53
N ASP A 129 -6.41 -4.35 13.98
CA ASP A 129 -6.06 -5.26 12.87
C ASP A 129 -4.98 -6.25 13.33
N HIS A 130 -4.95 -6.58 14.61
CA HIS A 130 -4.01 -7.60 15.16
C HIS A 130 -4.47 -8.95 14.61
N PRO A 131 -3.56 -9.69 13.94
CA PRO A 131 -3.88 -11.02 13.40
C PRO A 131 -3.80 -12.20 14.41
N GLY A 132 -3.46 -11.96 15.66
CA GLY A 132 -3.48 -12.98 16.72
C GLY A 132 -2.20 -13.80 16.76
N VAL A 133 -1.13 -13.30 16.17
CA VAL A 133 0.23 -13.92 16.20
C VAL A 133 1.25 -12.82 16.54
N SER A 134 2.45 -13.21 16.96
CA SER A 134 3.51 -12.31 17.44
C SER A 134 4.30 -11.68 16.27
N ASN A 135 5.01 -10.61 16.56
CA ASN A 135 5.99 -10.00 15.64
C ASN A 135 6.93 -11.10 15.12
N GLN A 136 7.41 -11.98 16.03
CA GLN A 136 8.43 -12.99 15.67
C GLN A 136 7.81 -13.96 14.66
N PHE A 137 6.56 -14.34 14.84
CA PHE A 137 5.87 -15.26 13.93
C PHE A 137 5.80 -14.61 12.56
N LEU A 138 5.41 -13.32 12.51
CA LEU A 138 5.26 -12.58 11.23
C LEU A 138 6.62 -12.47 10.56
N ILE A 139 7.69 -12.32 11.33
CA ILE A 139 9.05 -12.21 10.75
C ILE A 139 9.46 -13.59 10.19
N ASN A 140 9.29 -14.64 10.99
CA ASN A 140 9.77 -16.00 10.64
C ASN A 140 9.00 -16.55 9.41
N THR A 141 7.76 -16.10 9.15
CA THR A 141 6.95 -16.58 8.01
C THR A 141 7.14 -15.67 6.79
N ASN A 142 8.01 -14.66 6.83
CA ASN A 142 8.15 -13.74 5.67
C ASN A 142 6.80 -13.10 5.30
N SER A 143 5.97 -12.74 6.28
CA SER A 143 4.67 -12.05 6.04
C SER A 143 4.90 -10.67 5.42
N GLU A 144 3.95 -10.23 4.62
CA GLU A 144 3.93 -8.87 4.02
C GLU A 144 4.15 -7.79 5.09
N LEU A 145 3.53 -7.92 6.27
CA LEU A 145 3.64 -6.90 7.36
C LEU A 145 5.09 -6.75 7.77
N ALA A 146 5.77 -7.89 8.02
CA ALA A 146 7.20 -7.91 8.43
C ALA A 146 8.04 -7.23 7.34
N LEU A 147 7.73 -7.44 6.07
CA LEU A 147 8.46 -6.86 4.92
C LEU A 147 8.21 -5.35 4.88
N MET A 148 6.98 -4.91 5.10
CA MET A 148 6.57 -3.47 5.04
C MET A 148 7.35 -2.69 6.09
N TYR A 149 7.57 -3.25 7.28
CA TYR A 149 8.08 -2.54 8.47
C TYR A 149 9.51 -2.96 8.84
N ASN A 150 10.21 -3.64 7.92
CA ASN A 150 11.62 -4.06 8.10
C ASN A 150 11.80 -4.75 9.44
N ASP A 151 10.90 -5.69 9.77
CA ASP A 151 11.03 -6.50 10.99
C ASP A 151 11.08 -5.72 12.29
N SER A 152 10.74 -4.44 12.22
CA SER A 152 10.81 -3.59 13.41
C SER A 152 9.43 -3.19 13.93
N SER A 153 9.14 -3.55 15.17
CA SER A 153 7.84 -3.24 15.83
C SER A 153 6.72 -3.41 14.80
N VAL A 154 6.69 -4.60 14.18
CA VAL A 154 5.84 -4.82 12.97
C VAL A 154 4.38 -4.55 13.31
N LEU A 155 3.84 -5.21 14.31
CA LEU A 155 2.41 -5.07 14.65
C LEU A 155 2.11 -3.61 15.07
N GLU A 156 3.00 -3.00 15.84
CA GLU A 156 2.75 -1.69 16.47
C GLU A 156 2.78 -0.61 15.37
N ASN A 157 3.69 -0.69 14.41
CA ASN A 157 3.66 0.17 13.19
C ASN A 157 2.32 -0.01 12.49
N HIS A 158 1.88 -1.25 12.32
CA HIS A 158 0.64 -1.55 11.58
C HIS A 158 -0.56 -0.95 12.33
N HIS A 159 -0.67 -1.17 13.64
CA HIS A 159 -1.80 -0.64 14.41
C HIS A 159 -1.90 0.86 14.23
N LEU A 160 -0.77 1.56 14.36
CA LEU A 160 -0.74 3.02 14.14
C LEU A 160 -1.23 3.36 12.73
N ALA A 161 -0.63 2.76 11.70
CA ALA A 161 -0.96 3.10 10.30
C ALA A 161 -2.46 2.88 10.05
N VAL A 162 -3.05 1.79 10.58
CA VAL A 162 -4.49 1.50 10.35
C VAL A 162 -5.32 2.53 11.11
N GLY A 163 -4.99 2.75 12.38
CA GLY A 163 -5.74 3.72 13.23
C GLY A 163 -5.83 5.08 12.56
N PHE A 164 -4.73 5.57 12.02
CA PHE A 164 -4.65 6.89 11.34
C PHE A 164 -5.38 6.84 9.98
N LYS A 165 -5.12 5.80 9.21
CA LYS A 165 -5.74 5.61 7.86
C LYS A 165 -7.26 5.60 7.95
N LEU A 166 -7.84 5.03 9.01
CA LEU A 166 -9.31 4.95 9.11
C LEU A 166 -9.93 6.34 9.28
N LEU A 167 -9.13 7.36 9.60
CA LEU A 167 -9.65 8.74 9.74
C LEU A 167 -10.04 9.29 8.35
N GLN A 168 -9.53 8.67 7.30
CA GLN A 168 -9.77 9.09 5.90
C GLN A 168 -11.01 8.42 5.31
N GLU A 169 -11.72 7.61 6.09
CA GLU A 169 -12.96 6.97 5.61
C GLU A 169 -14.11 7.99 5.70
N GLU A 170 -15.21 7.74 5.02
CA GLU A 170 -16.37 8.66 4.99
C GLU A 170 -16.85 9.02 6.39
N ASN A 171 -16.85 10.32 6.70
CA ASN A 171 -17.31 10.89 7.99
C ASN A 171 -16.54 10.25 9.16
N CYS A 172 -15.23 10.11 9.01
CA CYS A 172 -14.43 9.44 10.07
C CYS A 172 -13.34 10.36 10.61
N ASP A 173 -13.15 11.56 10.06
CA ASP A 173 -12.07 12.45 10.58
C ASP A 173 -12.52 13.15 11.85
N ILE A 174 -12.25 12.55 12.99
CA ILE A 174 -12.64 13.08 14.32
C ILE A 174 -11.73 14.26 14.69
N PHE A 175 -10.61 14.47 14.01
CA PHE A 175 -9.69 15.60 14.27
C PHE A 175 -9.80 16.64 13.16
N GLN A 176 -10.93 16.73 12.47
CA GLN A 176 -11.11 17.69 11.32
C GLN A 176 -11.01 19.16 11.81
N ASN A 177 -11.42 19.46 13.03
CA ASN A 177 -11.48 20.83 13.60
C ASN A 177 -10.22 21.18 14.42
N LEU A 178 -9.29 20.26 14.65
CA LEU A 178 -8.01 20.60 15.31
C LEU A 178 -7.13 21.40 14.36
N THR A 179 -6.33 22.30 14.91
CA THR A 179 -5.34 23.09 14.14
C THR A 179 -4.23 22.13 13.71
N LYS A 180 -3.43 22.53 12.73
CA LYS A 180 -2.23 21.77 12.33
C LYS A 180 -1.33 21.54 13.55
N LYS A 181 -1.08 22.55 14.40
CA LYS A 181 -0.23 22.41 15.59
C LYS A 181 -0.77 21.32 16.51
N GLN A 182 -2.06 21.36 16.82
CA GLN A 182 -2.71 20.33 17.69
C GLN A 182 -2.53 18.95 17.05
N ARG A 183 -2.75 18.85 15.75
CA ARG A 183 -2.69 17.55 15.02
C ARG A 183 -1.26 16.99 15.01
N GLN A 184 -0.25 17.82 14.77
CA GLN A 184 1.16 17.38 14.77
C GLN A 184 1.52 16.85 16.15
N SER A 185 1.14 17.55 17.20
CA SER A 185 1.44 17.21 18.60
C SER A 185 0.72 15.90 18.96
N LEU A 186 -0.57 15.81 18.64
CA LEU A 186 -1.40 14.62 18.95
C LEU A 186 -0.78 13.42 18.24
N ARG A 187 -0.43 13.59 16.99
CA ARG A 187 0.14 12.49 16.15
C ARG A 187 1.43 11.97 16.80
N LYS A 188 2.35 12.86 17.13
CA LYS A 188 3.64 12.46 17.70
C LYS A 188 3.38 11.70 19.00
N MET A 189 2.52 12.21 19.88
CA MET A 189 2.26 11.57 21.17
C MET A 189 1.64 10.18 20.94
N VAL A 190 0.70 10.05 20.00
CA VAL A 190 0.01 8.75 19.77
C VAL A 190 1.02 7.73 19.24
N ILE A 191 1.89 8.15 18.36
CA ILE A 191 2.93 7.25 17.81
C ILE A 191 3.88 6.84 18.96
N ASP A 192 4.31 7.78 19.78
CA ASP A 192 5.26 7.48 20.89
C ASP A 192 4.59 6.49 21.85
N ILE A 193 3.30 6.64 22.13
CA ILE A 193 2.59 5.75 23.08
C ILE A 193 2.45 4.34 22.47
N VAL A 194 1.99 4.21 21.24
CA VAL A 194 1.70 2.87 20.66
C VAL A 194 3.01 2.10 20.40
N LEU A 195 4.07 2.77 19.94
CA LEU A 195 5.38 2.11 19.72
C LEU A 195 5.91 1.54 21.05
N ALA A 196 5.55 2.15 22.16
CA ALA A 196 5.99 1.75 23.50
C ALA A 196 5.20 0.54 24.03
N THR A 197 4.16 0.07 23.32
CA THR A 197 3.40 -1.16 23.69
C THR A 197 4.13 -2.42 23.20
N ASP A 198 5.11 -2.29 22.32
CA ASP A 198 5.99 -3.41 21.89
C ASP A 198 6.75 -3.88 23.13
N MET A 199 6.59 -5.15 23.51
CA MET A 199 7.18 -5.73 24.74
C MET A 199 8.71 -5.70 24.67
N SER A 200 9.29 -5.60 23.48
CA SER A 200 10.77 -5.48 23.32
C SER A 200 11.24 -4.15 23.94
N LYS A 201 10.35 -3.18 24.16
CA LYS A 201 10.70 -1.88 24.76
C LYS A 201 10.46 -1.88 26.28
N HIS A 202 9.96 -2.98 26.86
CA HIS A 202 9.45 -3.02 28.26
C HIS A 202 10.54 -2.64 29.26
N MET A 203 11.71 -3.27 29.15
CA MET A 203 12.87 -3.10 30.08
C MET A 203 13.35 -1.63 30.06
N ASN A 204 13.48 -1.00 28.89
CA ASN A 204 13.95 0.42 28.80
C ASN A 204 12.90 1.36 29.40
N LEU A 205 11.63 1.15 29.08
CA LEU A 205 10.50 1.92 29.64
C LEU A 205 10.54 1.86 31.18
N LEU A 206 10.70 0.65 31.72
CA LEU A 206 10.67 0.40 33.18
C LEU A 206 11.90 1.03 33.83
N ALA A 207 13.07 0.93 33.19
CA ALA A 207 14.31 1.58 33.66
C ALA A 207 14.05 3.08 33.81
N ASP A 208 13.45 3.71 32.81
CA ASP A 208 13.19 5.17 32.78
C ASP A 208 12.12 5.54 33.81
N LEU A 209 11.11 4.70 34.00
CA LEU A 209 10.08 4.95 35.05
C LEU A 209 10.74 4.89 36.44
N LYS A 210 11.63 3.92 36.68
CA LYS A 210 12.40 3.77 37.96
C LYS A 210 13.26 5.01 38.20
N THR A 211 14.01 5.45 37.18
CA THR A 211 14.83 6.70 37.21
C THR A 211 13.91 7.86 37.61
N MET A 212 12.69 7.89 37.10
CA MET A 212 11.76 9.02 37.34
C MET A 212 11.23 8.97 38.76
N VAL A 213 11.02 7.77 39.34
CA VAL A 213 10.59 7.60 40.76
C VAL A 213 11.70 8.09 41.71
N GLU A 214 12.95 7.74 41.41
CA GLU A 214 14.15 8.15 42.19
C GLU A 214 14.34 9.67 42.19
N THR A 215 14.02 10.37 41.09
CA THR A 215 14.22 11.84 40.93
C THR A 215 12.89 12.57 40.92
N LYS A 216 11.90 11.98 41.50
CA LYS A 216 10.50 12.46 41.51
C LYS A 216 10.44 13.78 42.26
N LYS A 217 9.87 14.82 41.65
CA LYS A 217 9.50 16.10 42.29
C LYS A 217 7.98 16.22 42.33
N VAL A 218 7.42 16.76 43.41
CA VAL A 218 5.96 17.01 43.55
C VAL A 218 5.75 18.53 43.61
N THR A 219 4.56 19.02 43.25
CA THR A 219 4.12 20.42 43.45
C THR A 219 3.64 20.59 44.91
N SER A 220 3.23 21.79 45.31
CA SER A 220 2.38 21.99 46.52
C SER A 220 1.03 21.33 46.23
N SER A 221 0.51 20.57 47.19
CA SER A 221 -0.69 19.69 47.06
C SER A 221 -0.28 18.30 46.51
N GLY A 222 1.00 18.07 46.16
CA GLY A 222 1.58 16.70 46.16
C GLY A 222 1.39 15.95 44.85
N VAL A 223 1.13 16.69 43.77
CA VAL A 223 0.90 16.17 42.38
C VAL A 223 2.24 16.15 41.63
N LEU A 224 2.44 15.18 40.75
CA LEU A 224 3.71 15.03 40.03
C LEU A 224 4.12 16.18 39.12
N LEU A 225 5.36 16.64 39.26
CA LEU A 225 5.91 17.70 38.40
C LEU A 225 6.58 17.05 37.18
N LEU A 226 6.10 17.39 35.98
CA LEU A 226 6.70 16.95 34.69
C LEU A 226 6.87 18.17 33.78
N ASP A 227 8.07 18.72 33.62
CA ASP A 227 8.22 20.07 33.00
C ASP A 227 8.85 19.99 31.62
N ASN A 228 9.13 18.78 31.10
CA ASN A 228 9.68 18.57 29.73
C ASN A 228 8.86 17.48 29.02
N TYR A 229 8.83 17.51 27.68
CA TYR A 229 8.08 16.54 26.83
C TYR A 229 8.54 15.12 27.20
N SER A 230 9.85 14.93 27.27
CA SER A 230 10.47 13.61 27.47
C SER A 230 9.88 12.92 28.72
N ASP A 231 9.59 13.69 29.77
CA ASP A 231 9.12 13.14 31.07
C ASP A 231 7.61 12.89 30.99
N ARG A 232 6.90 13.85 30.40
CA ARG A 232 5.44 13.79 30.21
C ARG A 232 5.08 12.56 29.37
N ILE A 233 5.80 12.35 28.27
CA ILE A 233 5.49 11.25 27.31
C ILE A 233 5.87 9.92 27.95
N GLN A 234 6.95 9.87 28.71
CA GLN A 234 7.37 8.64 29.36
C GLN A 234 6.35 8.17 30.36
N VAL A 235 5.69 9.10 31.02
CA VAL A 235 4.63 8.73 31.99
C VAL A 235 3.41 8.22 31.20
N LEU A 236 3.06 8.87 30.08
CA LEU A 236 1.89 8.44 29.27
C LEU A 236 2.19 7.06 28.68
N GLN A 237 3.42 6.87 28.20
CA GLN A 237 3.87 5.57 27.65
C GLN A 237 3.70 4.50 28.73
N ASN A 238 4.22 4.73 29.93
CA ASN A 238 4.17 3.71 31.02
C ASN A 238 2.71 3.51 31.45
N MET A 239 1.91 4.55 31.39
CA MET A 239 0.49 4.48 31.79
C MET A 239 -0.26 3.50 30.85
N VAL A 240 -0.13 3.70 29.53
CA VAL A 240 -0.84 2.85 28.53
C VAL A 240 -0.25 1.44 28.57
N HIS A 241 1.08 1.34 28.78
CA HIS A 241 1.78 0.05 28.96
C HIS A 241 1.18 -0.69 30.19
N CYS A 242 1.03 -0.01 31.34
CA CYS A 242 0.37 -0.55 32.56
C CYS A 242 -1.07 -0.99 32.24
N ALA A 243 -1.80 -0.17 31.48
CA ALA A 243 -3.18 -0.51 31.07
C ALA A 243 -3.16 -1.80 30.24
N ASP A 244 -2.19 -1.92 29.35
CA ASP A 244 -2.03 -3.08 28.43
C ASP A 244 -1.74 -4.34 29.26
N LEU A 245 -0.93 -4.22 30.32
CA LEU A 245 -0.52 -5.34 31.21
C LEU A 245 -1.34 -5.29 32.51
N SER A 246 -2.61 -4.90 32.44
CA SER A 246 -3.39 -4.74 33.69
C SER A 246 -4.29 -5.92 34.02
N ASN A 247 -4.29 -6.97 33.22
CA ASN A 247 -5.21 -8.11 33.47
C ASN A 247 -4.98 -8.75 34.84
N PRO A 248 -3.74 -9.01 35.27
CA PRO A 248 -3.52 -9.66 36.55
C PRO A 248 -3.88 -8.78 37.76
N THR A 249 -4.14 -7.49 37.51
CA THR A 249 -4.42 -6.52 38.59
C THR A 249 -5.95 -6.37 38.73
N LYS A 250 -6.71 -7.10 37.94
CA LYS A 250 -8.18 -6.98 37.95
C LYS A 250 -8.75 -8.04 38.88
N PRO A 251 -9.99 -7.86 39.37
CA PRO A 251 -10.72 -8.95 40.02
C PRO A 251 -10.47 -10.27 39.28
N LEU A 252 -10.25 -11.33 40.04
CA LEU A 252 -9.87 -12.67 39.54
C LEU A 252 -10.82 -13.14 38.43
N GLN A 253 -12.14 -12.91 38.51
CA GLN A 253 -13.11 -13.40 37.49
C GLN A 253 -12.78 -12.80 36.12
N LEU A 254 -12.29 -11.56 36.09
CA LEU A 254 -11.85 -10.87 34.86
C LEU A 254 -10.51 -11.44 34.40
N TYR A 255 -9.53 -11.50 35.31
CA TYR A 255 -8.17 -12.00 35.04
C TYR A 255 -8.24 -13.38 34.40
N ARG A 256 -9.01 -14.28 34.98
CA ARG A 256 -9.09 -15.67 34.47
C ARG A 256 -9.62 -15.69 33.04
N GLN A 257 -10.52 -14.77 32.71
CA GLN A 257 -11.11 -14.69 31.35
C GLN A 257 -10.03 -14.24 30.36
N TRP A 258 -9.19 -13.29 30.77
CA TRP A 258 -8.07 -12.80 29.94
C TRP A 258 -7.02 -13.91 29.76
N THR A 259 -6.76 -14.68 30.83
CA THR A 259 -5.81 -15.81 30.81
C THR A 259 -6.34 -16.84 29.81
N ASP A 260 -7.60 -17.27 29.89
CA ASP A 260 -8.20 -18.24 28.93
C ASP A 260 -7.92 -17.74 27.51
N ARG A 261 -8.13 -16.45 27.28
CA ARG A 261 -8.10 -15.85 25.92
C ARG A 261 -6.66 -15.75 25.41
N ILE A 262 -5.72 -15.28 26.21
CA ILE A 262 -4.33 -15.17 25.73
C ILE A 262 -3.79 -16.59 25.47
N MET A 263 -4.19 -17.56 26.29
CA MET A 263 -3.70 -18.96 26.14
C MET A 263 -4.33 -19.55 24.87
N GLU A 264 -5.61 -19.29 24.59
CA GLU A 264 -6.24 -19.71 23.31
C GLU A 264 -5.42 -19.14 22.14
N GLU A 265 -5.09 -17.86 22.19
CA GLU A 265 -4.36 -17.20 21.07
C GLU A 265 -2.99 -17.83 20.92
N PHE A 266 -2.28 -18.05 22.03
CA PHE A 266 -0.90 -18.60 22.05
C PHE A 266 -0.91 -20.04 21.53
N PHE A 267 -1.85 -20.86 21.99
CA PHE A 267 -1.94 -22.28 21.55
C PHE A 267 -2.24 -22.31 20.04
N ARG A 268 -3.13 -21.43 19.56
CA ARG A 268 -3.41 -21.35 18.09
C ARG A 268 -2.11 -20.98 17.36
N GLN A 269 -1.27 -20.09 17.90
CA GLN A 269 0.02 -19.76 17.23
C GLN A 269 0.89 -21.02 17.22
N GLY A 270 0.94 -21.71 18.36
CA GLY A 270 1.76 -22.94 18.49
C GLY A 270 1.31 -23.99 17.49
N ASP A 271 0.00 -24.18 17.32
CA ASP A 271 -0.58 -25.15 16.34
C ASP A 271 -0.14 -24.76 14.93
N ARG A 272 -0.15 -23.47 14.59
CA ARG A 272 0.25 -22.99 13.24
C ARG A 272 1.75 -23.22 13.06
N GLU A 273 2.54 -23.12 14.12
CA GLU A 273 4.02 -23.31 14.08
C GLU A 273 4.33 -24.82 13.93
N ARG A 274 3.65 -25.69 14.68
CA ARG A 274 3.85 -27.16 14.67
C ARG A 274 3.47 -27.70 13.27
N GLU A 275 2.30 -27.32 12.76
CA GLU A 275 1.80 -27.61 11.38
C GLU A 275 2.90 -27.36 10.35
N ARG A 276 3.63 -26.24 10.46
CA ARG A 276 4.60 -25.76 9.44
C ARG A 276 6.00 -26.26 9.77
N GLY A 277 6.14 -27.08 10.82
CA GLY A 277 7.43 -27.60 11.33
C GLY A 277 8.37 -26.49 11.82
N MET A 278 7.84 -25.32 12.19
CA MET A 278 8.61 -24.24 12.86
C MET A 278 8.83 -24.63 14.32
N GLU A 279 9.86 -24.07 14.96
CA GLU A 279 10.04 -24.17 16.42
C GLU A 279 8.80 -23.55 17.09
N ILE A 280 8.22 -24.25 18.07
CA ILE A 280 7.05 -23.76 18.84
C ILE A 280 7.54 -22.70 19.84
N SER A 281 6.95 -21.50 19.79
CA SER A 281 7.32 -20.33 20.62
C SER A 281 7.06 -20.60 22.09
N PRO A 282 7.79 -19.92 23.00
CA PRO A 282 7.57 -20.09 24.43
C PRO A 282 6.08 -20.02 24.83
N MET A 283 5.62 -21.00 25.62
CA MET A 283 4.28 -21.10 26.26
C MET A 283 3.17 -21.22 25.21
N CYS A 284 3.52 -21.56 23.96
CA CYS A 284 2.56 -21.76 22.83
C CYS A 284 2.26 -23.24 22.59
N ASP A 285 2.93 -24.16 23.31
CA ASP A 285 2.73 -25.61 23.11
C ASP A 285 1.66 -26.11 24.09
N LYS A 286 0.45 -26.39 23.59
CA LYS A 286 -0.69 -26.85 24.42
C LYS A 286 -0.40 -28.24 25.02
N HIS A 287 0.59 -28.97 24.49
CA HIS A 287 0.92 -30.35 24.93
C HIS A 287 1.97 -30.26 26.05
N ASN A 288 2.58 -29.09 26.24
CA ASN A 288 3.76 -28.90 27.13
C ASN A 288 3.64 -27.55 27.85
N ALA A 289 2.51 -27.26 28.49
CA ALA A 289 2.19 -25.92 29.05
C ALA A 289 1.73 -25.99 30.49
N SER A 290 2.29 -25.10 31.31
CA SER A 290 1.85 -24.81 32.70
C SER A 290 1.24 -23.41 32.70
N VAL A 291 -0.07 -23.32 32.44
CA VAL A 291 -0.84 -22.04 32.48
C VAL A 291 -0.51 -21.31 33.79
N GLU A 292 -0.62 -22.00 34.94
CA GLU A 292 -0.50 -21.41 36.30
C GLU A 292 0.91 -20.89 36.51
N LYS A 293 1.91 -21.70 36.20
CA LYS A 293 3.33 -21.34 36.40
C LYS A 293 3.69 -20.18 35.45
N SER A 294 3.15 -20.16 34.24
CA SER A 294 3.37 -19.07 33.26
C SER A 294 2.85 -17.73 33.81
N GLN A 295 1.64 -17.73 34.37
CA GLN A 295 1.03 -16.50 34.98
C GLN A 295 1.90 -16.06 36.15
N VAL A 296 2.36 -16.98 36.98
CA VAL A 296 3.19 -16.56 38.15
C VAL A 296 4.49 -15.95 37.63
N GLY A 297 5.09 -16.56 36.61
CA GLY A 297 6.32 -16.04 36.01
C GLY A 297 6.10 -14.68 35.40
N PHE A 298 4.97 -14.51 34.72
CA PHE A 298 4.58 -13.23 34.08
C PHE A 298 4.46 -12.14 35.15
N ILE A 299 3.78 -12.46 36.24
CA ILE A 299 3.57 -11.49 37.34
C ILE A 299 4.95 -11.15 37.93
N ASP A 300 5.75 -12.15 38.27
CA ASP A 300 7.03 -11.98 39.02
C ASP A 300 8.05 -11.19 38.19
N TYR A 301 8.16 -11.44 36.88
CA TYR A 301 9.26 -10.90 36.06
C TYR A 301 8.82 -9.62 35.33
N ILE A 302 7.54 -9.48 34.98
CA ILE A 302 7.08 -8.35 34.11
C ILE A 302 6.08 -7.47 34.83
N VAL A 303 4.95 -8.03 35.23
CA VAL A 303 3.76 -7.24 35.66
C VAL A 303 4.03 -6.57 37.01
N HIS A 304 4.47 -7.33 38.02
CA HIS A 304 4.67 -6.82 39.40
C HIS A 304 5.77 -5.76 39.40
N PRO A 305 6.95 -5.95 38.76
CA PRO A 305 7.96 -4.89 38.73
C PRO A 305 7.41 -3.60 38.13
N LEU A 306 6.56 -3.71 37.10
CA LEU A 306 6.03 -2.51 36.40
C LEU A 306 5.06 -1.81 37.33
N TRP A 307 4.07 -2.55 37.84
CA TRP A 307 3.03 -1.97 38.72
C TRP A 307 3.61 -1.50 40.06
N GLU A 308 4.61 -2.17 40.60
CA GLU A 308 5.30 -1.73 41.83
C GLU A 308 5.95 -0.38 41.56
N THR A 309 6.60 -0.18 40.42
CA THR A 309 7.22 1.12 40.07
C THR A 309 6.14 2.18 39.79
N TRP A 310 5.07 1.82 39.07
CA TRP A 310 3.92 2.74 38.89
C TRP A 310 3.40 3.16 40.27
N ALA A 311 3.13 2.19 41.15
CA ALA A 311 2.54 2.44 42.51
C ALA A 311 3.42 3.42 43.28
N ASP A 312 4.76 3.31 43.19
CA ASP A 312 5.70 4.25 43.81
C ASP A 312 5.47 5.63 43.20
N LEU A 313 5.42 5.73 41.87
CA LEU A 313 5.29 7.05 41.20
C LEU A 313 4.06 7.79 41.74
N VAL A 314 2.94 7.09 41.95
CA VAL A 314 1.63 7.73 42.29
C VAL A 314 1.22 7.38 43.73
N HIS A 315 2.17 7.02 44.58
CA HIS A 315 1.89 6.64 45.98
C HIS A 315 0.93 7.56 46.72
N PRO A 316 -0.04 6.97 47.46
CA PRO A 316 -0.44 5.57 47.51
C PRO A 316 -1.74 5.36 46.75
N ASP A 317 -1.84 5.90 45.55
CA ASP A 317 -3.09 5.82 44.76
C ASP A 317 -3.32 4.39 44.26
N ALA A 318 -2.26 3.61 44.00
CA ALA A 318 -2.37 2.31 43.32
C ALA A 318 -2.29 1.13 44.29
N GLN A 319 -2.33 1.40 45.59
CA GLN A 319 -2.19 0.35 46.63
C GLN A 319 -3.21 -0.79 46.43
N ASP A 320 -4.49 -0.54 46.15
CA ASP A 320 -5.50 -1.63 46.03
C ASP A 320 -5.24 -2.46 44.77
N ILE A 321 -4.80 -1.80 43.70
CA ILE A 321 -4.44 -2.47 42.42
C ILE A 321 -3.27 -3.43 42.73
N LEU A 322 -2.21 -2.95 43.40
CA LEU A 322 -1.05 -3.79 43.75
C LEU A 322 -1.51 -4.92 44.67
N ASP A 323 -2.37 -4.66 45.67
CA ASP A 323 -2.87 -5.71 46.60
C ASP A 323 -3.59 -6.80 45.78
N THR A 324 -4.40 -6.41 44.81
CA THR A 324 -5.15 -7.37 43.96
C THR A 324 -4.17 -8.22 43.17
N LEU A 325 -3.12 -7.60 42.64
CA LEU A 325 -2.09 -8.27 41.82
C LEU A 325 -1.45 -9.37 42.67
N GLU A 326 -1.07 -9.03 43.91
CA GLU A 326 -0.38 -9.94 44.85
C GLU A 326 -1.33 -11.06 45.27
N ASP A 327 -2.63 -10.77 45.48
CA ASP A 327 -3.64 -11.79 45.82
C ASP A 327 -3.78 -12.77 44.65
N ASN A 328 -3.92 -12.25 43.42
CA ASN A 328 -4.11 -13.04 42.19
C ASN A 328 -2.85 -13.90 41.98
N ARG A 329 -1.68 -13.35 42.25
CA ARG A 329 -0.41 -14.09 42.13
C ARG A 329 -0.46 -15.32 43.06
N GLU A 330 -0.82 -15.14 44.35
CA GLU A 330 -0.84 -16.23 45.36
C GLU A 330 -1.90 -17.25 44.95
N TRP A 331 -2.99 -16.81 44.36
CA TRP A 331 -4.05 -17.75 43.91
C TRP A 331 -3.49 -18.67 42.82
N TYR A 332 -2.80 -18.13 41.81
CA TYR A 332 -2.25 -18.93 40.68
C TYR A 332 -1.15 -19.87 41.24
N GLN A 333 -0.26 -19.38 42.11
CA GLN A 333 0.80 -20.19 42.77
C GLN A 333 0.17 -21.40 43.48
N SER A 334 -0.94 -21.22 44.17
CA SER A 334 -1.60 -22.27 44.99
C SER A 334 -2.28 -23.30 44.08
N THR A 335 -2.31 -23.12 42.77
CA THR A 335 -2.97 -24.07 41.82
C THR A 335 -1.95 -24.73 40.91
N ILE A 336 -0.66 -24.57 41.19
CA ILE A 336 0.46 -25.24 40.47
C ILE A 336 0.50 -26.71 40.92
N PRO A 337 0.17 -27.71 40.05
CA PRO A 337 0.13 -29.12 40.45
C PRO A 337 1.51 -29.78 40.32
N GLU B 15 34.79 5.34 -23.54
CA GLU B 15 34.92 3.96 -24.10
C GLU B 15 36.14 3.28 -23.45
N ASP B 16 37.32 3.51 -24.00
CA ASP B 16 38.63 3.12 -23.39
C ASP B 16 38.91 4.04 -22.19
N VAL B 17 38.64 5.34 -22.35
CA VAL B 17 38.80 6.38 -21.30
C VAL B 17 38.00 5.99 -20.04
N LEU B 18 36.81 5.40 -20.18
CA LEU B 18 35.96 4.95 -19.03
C LEU B 18 36.71 3.89 -18.22
N ALA B 19 37.24 2.87 -18.91
CA ALA B 19 38.00 1.75 -18.30
C ALA B 19 39.27 2.31 -17.61
N LYS B 20 39.89 3.35 -18.18
CA LYS B 20 41.07 4.00 -17.54
C LYS B 20 40.64 4.64 -16.21
N GLU B 21 39.50 5.34 -16.20
CA GLU B 21 38.98 6.04 -14.99
C GLU B 21 38.62 5.00 -13.91
N LEU B 22 38.04 3.86 -14.31
CA LEU B 22 37.61 2.79 -13.38
C LEU B 22 38.81 2.08 -12.75
N GLU B 23 40.03 2.37 -13.19
CA GLU B 23 41.24 1.79 -12.54
C GLU B 23 41.45 2.47 -11.18
N ASP B 24 40.87 3.66 -10.97
CA ASP B 24 40.92 4.39 -9.67
C ASP B 24 39.85 3.88 -8.69
N VAL B 25 39.14 2.79 -8.99
CA VAL B 25 37.96 2.33 -8.22
C VAL B 25 38.35 2.00 -6.76
N ASN B 26 39.62 1.71 -6.48
CA ASN B 26 40.07 1.34 -5.11
C ASN B 26 40.60 2.57 -4.38
N LYS B 27 40.53 3.74 -5.00
CA LYS B 27 41.09 4.99 -4.45
C LYS B 27 39.98 5.96 -4.01
N TRP B 28 40.13 6.55 -2.83
CA TRP B 28 39.44 7.77 -2.38
C TRP B 28 39.74 8.88 -3.37
N GLY B 29 38.72 9.54 -3.94
CA GLY B 29 38.97 10.62 -4.90
C GLY B 29 38.74 10.20 -6.33
N LEU B 30 38.09 9.05 -6.52
CA LEU B 30 37.55 8.61 -7.83
C LEU B 30 36.80 9.76 -8.49
N HIS B 31 37.05 10.00 -9.79
CA HIS B 31 36.39 11.05 -10.61
C HIS B 31 34.98 10.57 -10.98
N VAL B 32 34.10 10.46 -9.97
CA VAL B 32 32.77 9.81 -10.09
C VAL B 32 31.89 10.61 -11.06
N PHE B 33 32.04 11.94 -11.12
CA PHE B 33 31.24 12.80 -12.04
C PHE B 33 31.67 12.50 -13.49
N ARG B 34 32.97 12.38 -13.72
CA ARG B 34 33.45 12.02 -15.05
C ARG B 34 32.93 10.63 -15.43
N ILE B 35 32.95 9.70 -14.47
CA ILE B 35 32.44 8.32 -14.75
C ILE B 35 30.96 8.38 -15.15
N ALA B 36 30.16 9.20 -14.47
CA ALA B 36 28.73 9.42 -14.81
C ALA B 36 28.60 9.95 -16.24
N GLU B 37 29.44 10.92 -16.64
CA GLU B 37 29.45 11.47 -18.01
C GLU B 37 29.78 10.36 -19.02
N LEU B 38 30.83 9.58 -18.77
CA LEU B 38 31.37 8.59 -19.75
C LEU B 38 30.47 7.36 -19.83
N SER B 39 29.76 6.99 -18.78
CA SER B 39 28.89 5.79 -18.75
C SER B 39 27.51 6.08 -19.35
N GLY B 40 27.28 7.31 -19.84
CA GLY B 40 25.92 7.76 -20.24
C GLY B 40 24.96 7.76 -19.05
N ASN B 41 25.38 8.32 -17.92
CA ASN B 41 24.60 8.44 -16.67
C ASN B 41 24.33 7.05 -16.08
N ARG B 42 25.34 6.18 -16.12
CA ARG B 42 25.25 4.81 -15.55
C ARG B 42 26.38 4.60 -14.55
N PRO B 43 26.73 5.61 -13.70
CA PRO B 43 27.83 5.43 -12.76
C PRO B 43 27.54 4.31 -11.75
N LEU B 44 26.30 4.16 -11.30
CA LEU B 44 26.00 3.16 -10.22
C LEU B 44 26.24 1.78 -10.83
N THR B 45 25.75 1.57 -12.06
CA THR B 45 25.80 0.25 -12.72
C THR B 45 27.27 -0.13 -12.98
N VAL B 46 28.06 0.76 -13.60
CA VAL B 46 29.45 0.41 -14.02
C VAL B 46 30.33 0.26 -12.76
N ILE B 47 30.17 1.14 -11.78
CA ILE B 47 30.99 1.06 -10.53
C ILE B 47 30.60 -0.20 -9.75
N MET B 48 29.32 -0.51 -9.60
CA MET B 48 28.89 -1.73 -8.87
C MET B 48 29.42 -2.98 -9.63
N HIS B 49 29.33 -2.99 -10.95
CA HIS B 49 29.81 -4.13 -11.80
C HIS B 49 31.30 -4.33 -11.56
N THR B 50 32.10 -3.27 -11.74
CA THR B 50 33.57 -3.27 -11.52
C THR B 50 33.86 -3.81 -10.10
N ILE B 51 33.17 -3.34 -9.08
CA ILE B 51 33.41 -3.76 -7.67
C ILE B 51 33.03 -5.23 -7.53
N PHE B 52 31.93 -5.67 -8.13
CA PHE B 52 31.50 -7.08 -7.95
C PHE B 52 32.55 -8.02 -8.61
N GLN B 53 33.05 -7.68 -9.81
CA GLN B 53 34.16 -8.39 -10.48
C GLN B 53 35.39 -8.35 -9.56
N GLU B 54 35.84 -7.18 -9.13
CA GLU B 54 37.06 -7.12 -8.33
C GLU B 54 37.02 -8.00 -7.08
N ARG B 55 35.87 -8.05 -6.41
CA ARG B 55 35.77 -8.81 -5.14
C ARG B 55 35.27 -10.22 -5.43
N ASP B 56 35.14 -10.56 -6.71
CA ASP B 56 34.77 -11.93 -7.18
C ASP B 56 33.41 -12.32 -6.57
N LEU B 57 32.49 -11.36 -6.42
CA LEU B 57 31.20 -11.58 -5.73
C LEU B 57 30.23 -12.38 -6.61
N LEU B 58 30.32 -12.21 -7.94
CA LEU B 58 29.53 -13.00 -8.92
C LEU B 58 29.80 -14.49 -8.74
N LYS B 59 31.07 -14.90 -8.74
CA LYS B 59 31.45 -16.32 -8.56
C LYS B 59 31.07 -16.79 -7.15
N THR B 60 31.42 -16.05 -6.09
CA THR B 60 31.17 -16.47 -4.69
C THR B 60 29.69 -16.75 -4.44
N PHE B 61 28.78 -15.96 -5.03
CA PHE B 61 27.32 -16.00 -4.75
C PHE B 61 26.54 -16.49 -5.99
N LYS B 62 27.24 -16.91 -7.04
CA LYS B 62 26.63 -17.51 -8.26
C LYS B 62 25.56 -16.54 -8.78
N ILE B 63 25.97 -15.31 -8.94
CA ILE B 63 25.13 -14.22 -9.51
C ILE B 63 25.34 -14.23 -11.01
N PRO B 64 24.31 -14.58 -11.79
CA PRO B 64 24.40 -14.45 -13.24
C PRO B 64 24.70 -12.99 -13.61
N VAL B 65 25.69 -12.78 -14.48
CA VAL B 65 26.15 -11.41 -14.83
C VAL B 65 24.98 -10.63 -15.48
N ASP B 66 24.15 -11.28 -16.29
CA ASP B 66 22.98 -10.65 -16.97
C ASP B 66 21.99 -10.16 -15.89
N THR B 67 21.79 -10.95 -14.83
CA THR B 67 20.83 -10.60 -13.75
C THR B 67 21.38 -9.38 -13.00
N LEU B 68 22.67 -9.41 -12.69
CA LEU B 68 23.34 -8.30 -11.99
C LEU B 68 23.12 -7.02 -12.78
N ILE B 69 23.38 -7.03 -14.09
CA ILE B 69 23.36 -5.81 -14.92
C ILE B 69 21.91 -5.32 -15.00
N THR B 70 20.95 -6.22 -15.16
CA THR B 70 19.51 -5.88 -15.22
C THR B 70 19.10 -5.22 -13.89
N TYR B 71 19.43 -5.83 -12.76
CA TYR B 71 19.08 -5.24 -11.45
C TYR B 71 19.78 -3.88 -11.28
N LEU B 72 21.05 -3.76 -11.64
CA LEU B 72 21.79 -2.50 -11.43
C LEU B 72 21.14 -1.42 -12.28
N MET B 73 20.79 -1.74 -13.51
CA MET B 73 20.16 -0.75 -14.40
C MET B 73 18.78 -0.35 -13.86
N THR B 74 18.01 -1.32 -13.38
CA THR B 74 16.68 -1.08 -12.78
C THR B 74 16.83 -0.17 -11.56
N LEU B 75 17.73 -0.51 -10.66
CA LEU B 75 17.97 0.27 -9.42
C LEU B 75 18.38 1.69 -9.81
N GLU B 76 19.33 1.84 -10.71
CA GLU B 76 19.82 3.18 -11.12
C GLU B 76 18.65 3.99 -11.69
N ASP B 77 17.75 3.33 -12.43
CA ASP B 77 16.59 4.00 -13.08
C ASP B 77 15.60 4.53 -12.03
N HIS B 78 15.60 3.99 -10.81
CA HIS B 78 14.68 4.40 -9.72
C HIS B 78 15.33 5.44 -8.80
N TYR B 79 16.53 5.92 -9.15
CA TYR B 79 17.07 7.21 -8.66
C TYR B 79 16.54 8.27 -9.62
N HIS B 80 16.17 9.43 -9.09
CA HIS B 80 15.52 10.53 -9.84
C HIS B 80 16.62 11.36 -10.50
N ALA B 81 16.61 11.45 -11.83
CA ALA B 81 17.57 12.25 -12.62
C ALA B 81 17.44 13.75 -12.32
N ASP B 82 16.24 14.22 -11.91
CA ASP B 82 15.92 15.65 -11.64
C ASP B 82 16.39 16.10 -10.25
N VAL B 83 16.84 15.19 -9.37
CA VAL B 83 17.24 15.52 -7.99
C VAL B 83 18.75 15.76 -8.00
N ALA B 84 19.21 16.87 -7.45
CA ALA B 84 20.58 17.37 -7.73
C ALA B 84 21.61 16.59 -6.91
N TYR B 85 21.26 16.21 -5.67
CA TYR B 85 22.20 15.48 -4.79
C TYR B 85 21.78 14.01 -4.67
N HIS B 86 20.58 13.70 -4.15
CA HIS B 86 20.15 12.31 -3.83
C HIS B 86 19.77 11.55 -5.11
N ASN B 87 20.76 11.31 -5.96
CA ASN B 87 20.61 10.64 -7.27
C ASN B 87 21.58 9.45 -7.39
N ASN B 88 21.61 8.83 -8.57
CA ASN B 88 22.44 7.66 -8.91
C ASN B 88 23.93 8.02 -8.71
N ILE B 89 24.35 9.28 -8.92
CA ILE B 89 25.78 9.63 -8.75
C ILE B 89 26.14 9.54 -7.27
N HIS B 90 25.32 10.10 -6.37
CA HIS B 90 25.51 9.98 -4.90
C HIS B 90 25.54 8.50 -4.53
N ALA B 91 24.61 7.70 -5.03
CA ALA B 91 24.53 6.24 -4.74
C ALA B 91 25.85 5.59 -5.17
N ALA B 92 26.31 5.89 -6.39
CA ALA B 92 27.58 5.36 -6.92
C ALA B 92 28.72 5.77 -5.98
N ASP B 93 28.73 7.03 -5.57
CA ASP B 93 29.79 7.56 -4.71
C ASP B 93 29.82 6.85 -3.35
N VAL B 94 28.67 6.59 -2.75
CA VAL B 94 28.62 5.93 -1.42
C VAL B 94 29.06 4.47 -1.55
N VAL B 95 28.66 3.82 -2.65
CA VAL B 95 29.07 2.42 -2.97
C VAL B 95 30.60 2.38 -3.05
N GLN B 96 31.19 3.26 -3.84
CA GLN B 96 32.65 3.24 -4.09
C GLN B 96 33.41 3.59 -2.83
N SER B 97 32.86 4.51 -2.03
CA SER B 97 33.47 4.94 -0.75
C SER B 97 33.43 3.77 0.23
N THR B 98 32.30 3.09 0.31
CA THR B 98 32.12 1.92 1.21
C THR B 98 33.13 0.84 0.79
N HIS B 99 33.31 0.67 -0.51
CA HIS B 99 34.27 -0.32 -1.02
C HIS B 99 35.67 -0.01 -0.53
N VAL B 100 36.09 1.24 -0.68
CA VAL B 100 37.43 1.66 -0.21
C VAL B 100 37.53 1.45 1.30
N LEU B 101 36.49 1.78 2.07
CA LEU B 101 36.54 1.65 3.54
C LEU B 101 36.64 0.17 3.92
N LEU B 102 35.95 -0.73 3.21
CA LEU B 102 36.00 -2.19 3.51
C LEU B 102 37.40 -2.75 3.29
N SER B 103 38.14 -2.18 2.32
CA SER B 103 39.50 -2.58 1.90
C SER B 103 40.55 -2.07 2.89
N THR B 104 40.14 -1.33 3.89
CA THR B 104 41.07 -0.79 4.85
C THR B 104 41.88 -1.87 5.55
N PRO B 105 43.21 -1.70 5.57
CA PRO B 105 44.07 -2.70 6.19
C PRO B 105 43.65 -3.09 7.59
N ALA B 106 43.24 -2.14 8.40
CA ALA B 106 42.85 -2.44 9.81
C ALA B 106 41.63 -3.33 9.87
N LEU B 107 40.94 -3.56 8.74
CA LEU B 107 39.73 -4.45 8.73
C LEU B 107 39.97 -5.71 7.91
N GLU B 108 41.21 -5.95 7.48
CA GLU B 108 41.61 -7.18 6.74
C GLU B 108 41.10 -8.39 7.52
N ALA B 109 40.38 -9.27 6.82
CA ALA B 109 39.94 -10.59 7.33
C ALA B 109 38.90 -10.46 8.45
N VAL B 110 38.42 -9.26 8.77
CA VAL B 110 37.36 -9.09 9.80
C VAL B 110 36.01 -9.62 9.28
N PHE B 111 35.60 -9.22 8.06
CA PHE B 111 34.20 -9.35 7.60
C PHE B 111 34.08 -10.48 6.58
N THR B 112 32.98 -11.23 6.68
CA THR B 112 32.65 -12.35 5.75
C THR B 112 32.26 -11.79 4.38
N ASP B 113 32.25 -12.64 3.36
CA ASP B 113 31.79 -12.30 1.99
C ASP B 113 30.33 -11.79 2.06
N LEU B 114 29.51 -12.40 2.91
CA LEU B 114 28.07 -12.06 3.02
C LEU B 114 27.95 -10.63 3.57
N GLU B 115 28.71 -10.32 4.63
CA GLU B 115 28.75 -8.97 5.22
C GLU B 115 29.23 -7.96 4.16
N ILE B 116 30.23 -8.28 3.36
CA ILE B 116 30.78 -7.33 2.35
C ILE B 116 29.65 -7.03 1.35
N LEU B 117 28.98 -8.09 0.89
CA LEU B 117 27.84 -8.02 -0.04
C LEU B 117 26.73 -7.12 0.57
N ALA B 118 26.40 -7.31 1.85
CA ALA B 118 25.37 -6.55 2.57
C ALA B 118 25.73 -5.07 2.56
N ALA B 119 26.97 -4.73 2.92
CA ALA B 119 27.42 -3.33 3.05
C ALA B 119 27.33 -2.67 1.68
N ILE B 120 27.78 -3.35 0.65
CA ILE B 120 27.85 -2.71 -0.70
C ILE B 120 26.42 -2.63 -1.28
N PHE B 121 25.62 -3.69 -1.14
CA PHE B 121 24.22 -3.67 -1.60
C PHE B 121 23.48 -2.54 -0.87
N ALA B 122 23.59 -2.49 0.45
CA ALA B 122 22.97 -1.45 1.29
C ALA B 122 23.35 -0.06 0.72
N SER B 123 24.62 0.17 0.47
CA SER B 123 25.13 1.44 -0.08
C SER B 123 24.40 1.77 -1.38
N ALA B 124 24.17 0.78 -2.22
CA ALA B 124 23.64 0.99 -3.58
C ALA B 124 22.17 1.40 -3.48
N ILE B 125 21.42 0.86 -2.53
CA ILE B 125 19.95 1.09 -2.44
C ILE B 125 19.62 2.20 -1.45
N HIS B 126 20.60 2.78 -0.77
CA HIS B 126 20.36 3.45 0.55
C HIS B 126 19.52 4.73 0.41
N ASP B 127 19.45 5.28 -0.80
CA ASP B 127 18.68 6.53 -1.09
C ASP B 127 17.79 6.32 -2.34
N VAL B 128 17.45 5.09 -2.70
CA VAL B 128 16.72 4.88 -3.98
C VAL B 128 15.32 5.51 -3.86
N ASP B 129 14.88 6.15 -4.94
CA ASP B 129 13.55 6.79 -5.06
C ASP B 129 13.46 7.98 -4.08
N HIS B 130 14.61 8.63 -3.92
CA HIS B 130 14.66 9.80 -3.06
C HIS B 130 14.00 11.01 -3.76
N PRO B 131 12.92 11.59 -3.16
CA PRO B 131 12.24 12.70 -3.83
C PRO B 131 12.91 14.08 -3.77
N GLY B 132 14.04 14.22 -3.08
CA GLY B 132 14.80 15.49 -3.02
C GLY B 132 14.26 16.41 -1.92
N VAL B 133 13.49 15.86 -0.99
CA VAL B 133 12.94 16.59 0.19
C VAL B 133 13.13 15.73 1.44
N SER B 134 13.09 16.36 2.60
CA SER B 134 13.39 15.76 3.92
C SER B 134 12.23 14.93 4.47
N ASN B 135 12.53 14.09 5.44
CA ASN B 135 11.51 13.38 6.23
C ASN B 135 10.50 14.41 6.75
N GLN B 136 10.97 15.54 7.29
CA GLN B 136 10.09 16.54 7.96
C GLN B 136 9.11 17.10 6.92
N PHE B 137 9.57 17.36 5.70
CA PHE B 137 8.70 17.87 4.62
C PHE B 137 7.58 16.86 4.35
N LEU B 138 7.94 15.57 4.24
CA LEU B 138 6.96 14.47 3.96
C LEU B 138 6.00 14.36 5.13
N ILE B 139 6.46 14.61 6.35
CA ILE B 139 5.59 14.51 7.56
C ILE B 139 4.65 15.70 7.60
N ASN B 140 5.16 16.89 7.34
CA ASN B 140 4.36 18.14 7.38
C ASN B 140 3.24 18.14 6.35
N THR B 141 3.44 17.49 5.21
CA THR B 141 2.42 17.50 4.14
C THR B 141 1.49 16.28 4.25
N ASN B 142 1.57 15.48 5.30
CA ASN B 142 0.73 14.25 5.40
C ASN B 142 0.89 13.42 4.13
N SER B 143 2.12 13.19 3.69
CA SER B 143 2.37 12.32 2.52
C SER B 143 2.01 10.88 2.86
N GLU B 144 1.67 10.09 1.86
CA GLU B 144 1.36 8.64 2.00
C GLU B 144 2.50 7.92 2.75
N LEU B 145 3.75 8.22 2.37
CA LEU B 145 4.95 7.58 2.96
C LEU B 145 4.99 7.85 4.48
N ALA B 146 4.78 9.10 4.89
CA ALA B 146 4.83 9.50 6.31
C ALA B 146 3.73 8.73 7.08
N LEU B 147 2.57 8.55 6.48
CA LEU B 147 1.41 7.80 7.08
C LEU B 147 1.79 6.32 7.21
N MET B 148 2.40 5.75 6.18
CA MET B 148 2.76 4.30 6.12
C MET B 148 3.74 3.98 7.26
N TYR B 149 4.69 4.88 7.52
CA TYR B 149 5.87 4.58 8.38
C TYR B 149 5.82 5.39 9.69
N ASN B 150 4.66 5.90 10.06
CA ASN B 150 4.42 6.57 11.37
C ASN B 150 5.49 7.64 11.60
N ASP B 151 5.82 8.40 10.55
CA ASP B 151 6.71 9.59 10.63
C ASP B 151 8.12 9.20 11.07
N SER B 152 8.47 7.92 11.05
CA SER B 152 9.73 7.40 11.64
C SER B 152 10.61 6.88 10.51
N SER B 153 11.76 7.53 10.31
CA SER B 153 12.72 7.13 9.26
C SER B 153 11.97 6.92 7.93
N VAL B 154 11.17 7.92 7.56
CA VAL B 154 10.20 7.73 6.44
C VAL B 154 10.96 7.36 5.17
N LEU B 155 11.91 8.19 4.75
CA LEU B 155 12.66 7.96 3.50
C LEU B 155 13.42 6.63 3.58
N GLU B 156 14.01 6.34 4.74
CA GLU B 156 14.95 5.20 4.89
C GLU B 156 14.14 3.88 4.81
N ASN B 157 12.96 3.82 5.45
CA ASN B 157 12.00 2.70 5.25
C ASN B 157 11.68 2.55 3.74
N HIS B 158 11.41 3.66 3.08
CA HIS B 158 11.08 3.61 1.66
C HIS B 158 12.23 3.10 0.79
N HIS B 159 13.44 3.61 1.00
CA HIS B 159 14.60 3.18 0.23
C HIS B 159 14.74 1.67 0.35
N LEU B 160 14.66 1.14 1.57
CA LEU B 160 14.70 -0.30 1.79
C LEU B 160 13.61 -1.01 0.98
N ALA B 161 12.35 -0.61 1.13
CA ALA B 161 11.20 -1.28 0.48
C ALA B 161 11.43 -1.31 -1.04
N VAL B 162 11.88 -0.20 -1.63
CA VAL B 162 12.07 -0.13 -3.11
C VAL B 162 13.26 -1.03 -3.49
N GLY B 163 14.38 -0.91 -2.78
CA GLY B 163 15.58 -1.70 -3.10
C GLY B 163 15.30 -3.20 -3.12
N PHE B 164 14.55 -3.69 -2.14
CA PHE B 164 14.14 -5.11 -2.04
C PHE B 164 13.13 -5.46 -3.15
N LYS B 165 12.12 -4.62 -3.33
CA LYS B 165 11.02 -4.86 -4.28
C LYS B 165 11.61 -4.96 -5.70
N LEU B 166 12.64 -4.20 -6.04
CA LEU B 166 13.17 -4.22 -7.43
C LEU B 166 13.81 -5.58 -7.74
N LEU B 167 14.15 -6.40 -6.73
CA LEU B 167 14.66 -7.77 -6.93
C LEU B 167 13.62 -8.63 -7.65
N GLN B 168 12.33 -8.28 -7.55
CA GLN B 168 11.21 -9.06 -8.15
C GLN B 168 10.94 -8.64 -9.59
N GLU B 169 11.66 -7.68 -10.17
CA GLU B 169 11.42 -7.31 -11.60
C GLU B 169 12.05 -8.41 -12.45
N GLU B 170 11.77 -8.43 -13.75
CA GLU B 170 12.23 -9.48 -14.69
C GLU B 170 13.75 -9.55 -14.65
N ASN B 171 14.29 -10.73 -14.31
CA ASN B 171 15.74 -11.06 -14.35
C ASN B 171 16.52 -10.10 -13.44
N CYS B 172 15.98 -9.85 -12.23
CA CYS B 172 16.55 -8.83 -11.28
C CYS B 172 16.95 -9.49 -9.95
N ASP B 173 16.64 -10.76 -9.71
CA ASP B 173 16.92 -11.38 -8.39
C ASP B 173 18.40 -11.83 -8.34
N ILE B 174 19.27 -10.91 -7.93
CA ILE B 174 20.74 -11.16 -7.88
C ILE B 174 21.06 -12.12 -6.72
N PHE B 175 20.12 -12.37 -5.81
CA PHE B 175 20.31 -13.29 -4.67
C PHE B 175 19.56 -14.62 -4.90
N GLN B 176 19.24 -14.97 -6.15
CA GLN B 176 18.43 -16.20 -6.47
C GLN B 176 19.15 -17.47 -5.99
N ASN B 177 20.49 -17.50 -6.02
CA ASN B 177 21.33 -18.69 -5.72
C ASN B 177 21.85 -18.67 -4.28
N LEU B 178 21.55 -17.65 -3.46
CA LEU B 178 21.88 -17.69 -2.02
C LEU B 178 20.95 -18.69 -1.33
N THR B 179 21.43 -19.32 -0.27
CA THR B 179 20.64 -20.21 0.61
C THR B 179 19.66 -19.34 1.40
N LYS B 180 18.67 -19.96 2.03
CA LYS B 180 17.76 -19.21 2.87
C LYS B 180 18.52 -18.56 4.03
N LYS B 181 19.47 -19.26 4.64
CA LYS B 181 20.16 -18.65 5.81
C LYS B 181 20.97 -17.46 5.33
N GLN B 182 21.64 -17.53 4.18
CA GLN B 182 22.36 -16.36 3.60
C GLN B 182 21.37 -15.20 3.39
N ARG B 183 20.19 -15.49 2.84
CA ARG B 183 19.18 -14.45 2.46
C ARG B 183 18.63 -13.79 3.73
N GLN B 184 18.31 -14.57 4.77
CA GLN B 184 17.78 -14.05 6.05
C GLN B 184 18.80 -13.09 6.67
N SER B 185 20.06 -13.52 6.69
CA SER B 185 21.16 -12.76 7.31
C SER B 185 21.41 -11.48 6.51
N LEU B 186 21.48 -11.58 5.19
CA LEU B 186 21.76 -10.41 4.29
C LEU B 186 20.63 -9.38 4.47
N ARG B 187 19.38 -9.86 4.51
CA ARG B 187 18.20 -8.98 4.70
C ARG B 187 18.35 -8.17 6.00
N LYS B 188 18.59 -8.86 7.10
CA LYS B 188 18.64 -8.20 8.41
C LYS B 188 19.77 -7.15 8.37
N MET B 189 20.93 -7.51 7.84
CA MET B 189 22.09 -6.61 7.85
C MET B 189 21.79 -5.38 6.98
N VAL B 190 21.15 -5.56 5.84
CA VAL B 190 20.90 -4.44 4.89
C VAL B 190 19.89 -3.49 5.56
N ILE B 191 18.88 -4.03 6.24
CA ILE B 191 17.91 -3.17 6.97
C ILE B 191 18.66 -2.36 8.02
N ASP B 192 19.48 -3.02 8.82
CA ASP B 192 20.18 -2.37 9.94
C ASP B 192 21.08 -1.26 9.39
N ILE B 193 21.74 -1.49 8.25
CA ILE B 193 22.68 -0.49 7.67
C ILE B 193 21.88 0.72 7.13
N VAL B 194 20.82 0.50 6.34
CA VAL B 194 20.10 1.61 5.66
C VAL B 194 19.35 2.46 6.70
N LEU B 195 18.72 1.83 7.70
CA LEU B 195 18.00 2.57 8.77
C LEU B 195 18.97 3.49 9.51
N ALA B 196 20.24 3.15 9.57
CA ALA B 196 21.28 3.90 10.28
C ALA B 196 21.76 5.10 9.46
N THR B 197 21.30 5.27 8.20
CA THR B 197 21.65 6.46 7.36
C THR B 197 20.74 7.65 7.74
N ASP B 198 19.63 7.42 8.45
CA ASP B 198 18.78 8.49 9.01
C ASP B 198 19.63 9.33 9.99
N MET B 199 19.78 10.62 9.72
CA MET B 199 20.60 11.57 10.53
C MET B 199 20.09 11.67 11.96
N SER B 200 18.82 11.35 12.21
CA SER B 200 18.25 11.35 13.57
C SER B 200 18.95 10.26 14.41
N LYS B 201 19.58 9.27 13.79
CA LYS B 201 20.30 8.18 14.53
C LYS B 201 21.81 8.52 14.71
N HIS B 202 22.28 9.66 14.22
CA HIS B 202 23.73 9.97 14.10
C HIS B 202 24.42 9.94 15.47
N MET B 203 23.85 10.65 16.46
CA MET B 203 24.41 10.83 17.82
C MET B 203 24.55 9.45 18.52
N ASN B 204 23.55 8.57 18.43
CA ASN B 204 23.59 7.25 19.10
C ASN B 204 24.64 6.35 18.43
N LEU B 205 24.68 6.37 17.10
CA LEU B 205 25.68 5.63 16.31
C LEU B 205 27.09 6.03 16.74
N LEU B 206 27.32 7.35 16.84
CA LEU B 206 28.64 7.93 17.12
C LEU B 206 29.02 7.60 18.58
N ALA B 207 28.08 7.69 19.51
CA ALA B 207 28.28 7.33 20.92
C ALA B 207 28.80 5.88 20.99
N ASP B 208 28.15 4.97 20.26
CA ASP B 208 28.48 3.53 20.27
C ASP B 208 29.82 3.29 19.58
N LEU B 209 30.13 4.02 18.53
CA LEU B 209 31.44 3.89 17.84
C LEU B 209 32.56 4.33 18.81
N LYS B 210 32.36 5.44 19.54
CA LYS B 210 33.30 5.97 20.56
C LYS B 210 33.53 4.92 21.65
N THR B 211 32.45 4.36 22.21
CA THR B 211 32.47 3.24 23.20
C THR B 211 33.30 2.10 22.65
N MET B 212 33.18 1.80 21.36
CA MET B 212 33.86 0.65 20.74
C MET B 212 35.35 0.94 20.59
N VAL B 213 35.73 2.20 20.32
CA VAL B 213 37.17 2.60 20.21
C VAL B 213 37.82 2.49 21.61
N GLU B 214 37.13 2.95 22.65
CA GLU B 214 37.59 2.90 24.07
C GLU B 214 37.80 1.44 24.54
N THR B 215 37.01 0.46 24.09
CA THR B 215 37.01 -0.95 24.57
C THR B 215 37.54 -1.88 23.47
N LYS B 216 38.24 -1.30 22.50
CA LYS B 216 38.69 -1.96 21.25
C LYS B 216 39.56 -3.18 21.60
N LYS B 217 39.20 -4.35 21.07
CA LYS B 217 40.00 -5.60 21.14
C LYS B 217 40.51 -5.94 19.74
N VAL B 218 41.73 -6.44 19.61
CA VAL B 218 42.35 -6.92 18.35
C VAL B 218 42.73 -8.40 18.55
N THR B 219 42.99 -9.15 17.48
CA THR B 219 43.65 -10.50 17.49
C THR B 219 45.16 -10.34 17.67
N SER B 220 45.92 -11.45 17.70
CA SER B 220 47.40 -11.42 17.84
C SER B 220 48.05 -10.78 16.61
N SER B 221 47.39 -10.89 15.44
CA SER B 221 47.81 -10.31 14.14
C SER B 221 47.46 -8.80 14.05
N GLY B 222 46.69 -8.27 15.01
CA GLY B 222 46.30 -6.84 15.07
C GLY B 222 45.06 -6.51 14.26
N VAL B 223 44.27 -7.51 13.89
CA VAL B 223 42.98 -7.42 13.14
C VAL B 223 41.85 -7.18 14.15
N LEU B 224 40.94 -6.24 13.88
CA LEU B 224 39.86 -5.83 14.82
C LEU B 224 39.00 -7.06 15.17
N LEU B 225 38.70 -7.25 16.45
CA LEU B 225 37.93 -8.41 16.97
C LEU B 225 36.51 -7.90 17.24
N LEU B 226 35.53 -8.48 16.53
CA LEU B 226 34.09 -8.23 16.70
C LEU B 226 33.44 -9.62 16.78
N ASP B 227 33.11 -10.09 17.97
CA ASP B 227 32.71 -11.50 18.18
C ASP B 227 31.19 -11.64 18.44
N ASN B 228 30.43 -10.54 18.36
CA ASN B 228 28.95 -10.53 18.45
C ASN B 228 28.38 -9.72 17.27
N TYR B 229 27.14 -10.02 16.89
CA TYR B 229 26.43 -9.35 15.78
C TYR B 229 26.36 -7.84 16.05
N SER B 230 25.97 -7.49 17.27
CA SER B 230 25.77 -6.09 17.70
C SER B 230 27.01 -5.24 17.33
N ASP B 231 28.23 -5.78 17.48
CA ASP B 231 29.48 -5.01 17.30
C ASP B 231 29.83 -4.97 15.81
N ARG B 232 29.65 -6.11 15.16
CA ARG B 232 29.88 -6.28 13.70
C ARG B 232 29.01 -5.27 12.94
N ILE B 233 27.72 -5.20 13.29
CA ILE B 233 26.72 -4.39 12.54
C ILE B 233 26.94 -2.93 12.85
N GLN B 234 27.28 -2.58 14.09
CA GLN B 234 27.56 -1.19 14.42
C GLN B 234 28.74 -0.64 13.61
N VAL B 235 29.72 -1.48 13.32
CA VAL B 235 30.87 -1.04 12.50
C VAL B 235 30.40 -0.85 11.06
N LEU B 236 29.58 -1.77 10.55
CA LEU B 236 29.07 -1.67 9.15
C LEU B 236 28.15 -0.45 9.04
N GLN B 237 27.32 -0.22 10.04
CA GLN B 237 26.45 0.96 10.11
C GLN B 237 27.30 2.23 10.04
N ASN B 238 28.33 2.34 10.89
CA ASN B 238 29.16 3.56 10.95
C ASN B 238 29.96 3.70 9.66
N MET B 239 30.33 2.57 9.05
CA MET B 239 31.12 2.59 7.80
C MET B 239 30.28 3.24 6.69
N VAL B 240 29.05 2.76 6.49
CA VAL B 240 28.17 3.26 5.38
C VAL B 240 27.74 4.69 5.73
N HIS B 241 27.52 4.98 7.01
CA HIS B 241 27.23 6.35 7.51
C HIS B 241 28.40 7.28 7.13
N CYS B 242 29.66 6.90 7.39
CA CYS B 242 30.88 7.66 7.02
C CYS B 242 30.92 7.81 5.50
N ALA B 243 30.58 6.75 4.75
CA ALA B 243 30.56 6.81 3.27
C ALA B 243 29.52 7.87 2.83
N ASP B 244 28.37 7.88 3.51
CA ASP B 244 27.26 8.82 3.21
C ASP B 244 27.72 10.26 3.50
N LEU B 245 28.46 10.45 4.59
CA LEU B 245 28.99 11.78 5.02
C LEU B 245 30.45 11.96 4.55
N SER B 246 30.83 11.30 3.46
CA SER B 246 32.24 11.30 3.01
C SER B 246 32.53 12.48 2.10
N ASN B 247 31.56 13.25 1.58
CA ASN B 247 31.93 14.35 0.64
C ASN B 247 33.05 15.33 1.14
N PRO B 248 32.93 15.96 2.36
CA PRO B 248 33.93 16.94 2.78
C PRO B 248 35.34 16.36 2.96
N THR B 249 35.48 15.03 2.88
CA THR B 249 36.77 14.30 3.05
C THR B 249 37.37 13.99 1.69
N LYS B 250 36.70 14.45 0.64
CA LYS B 250 37.18 14.18 -0.69
C LYS B 250 37.98 15.36 -1.27
N PRO B 251 38.91 15.11 -2.24
CA PRO B 251 39.57 16.23 -2.91
C PRO B 251 38.56 17.38 -3.14
N LEU B 252 39.02 18.60 -2.91
CA LEU B 252 38.20 19.83 -2.90
C LEU B 252 37.34 19.92 -4.18
N GLN B 253 37.85 19.61 -5.36
CA GLN B 253 37.03 19.78 -6.56
C GLN B 253 35.77 18.94 -6.45
N LEU B 254 35.91 17.72 -5.95
CA LEU B 254 34.74 16.82 -5.76
C LEU B 254 33.79 17.42 -4.72
N TYR B 255 34.32 17.80 -3.56
CA TYR B 255 33.54 18.35 -2.42
C TYR B 255 32.72 19.56 -2.90
N ARG B 256 33.33 20.45 -3.70
CA ARG B 256 32.65 21.70 -4.14
C ARG B 256 31.45 21.36 -5.04
N GLN B 257 31.58 20.34 -5.88
CA GLN B 257 30.47 19.86 -6.72
C GLN B 257 29.34 19.31 -5.84
N TRP B 258 29.67 18.55 -4.80
CA TRP B 258 28.63 18.00 -3.91
C TRP B 258 27.93 19.13 -3.15
N THR B 259 28.69 20.14 -2.75
CA THR B 259 28.17 21.32 -2.04
C THR B 259 27.19 22.03 -2.98
N ASP B 260 27.58 22.32 -4.23
CA ASP B 260 26.67 22.96 -5.22
C ASP B 260 25.36 22.17 -5.28
N ARG B 261 25.47 20.84 -5.29
CA ARG B 261 24.32 19.94 -5.53
C ARG B 261 23.43 19.89 -4.28
N ILE B 262 23.97 19.74 -3.09
CA ILE B 262 23.12 19.65 -1.88
C ILE B 262 22.42 21.02 -1.71
N MET B 263 23.11 22.10 -2.07
CA MET B 263 22.53 23.46 -1.90
C MET B 263 21.40 23.66 -2.93
N GLU B 264 21.59 23.21 -4.18
CA GLU B 264 20.53 23.21 -5.20
C GLU B 264 19.32 22.43 -4.63
N GLU B 265 19.54 21.24 -4.08
CA GLU B 265 18.41 20.41 -3.58
C GLU B 265 17.70 21.13 -2.44
N PHE B 266 18.45 21.71 -1.50
CA PHE B 266 17.93 22.41 -0.31
C PHE B 266 17.12 23.64 -0.74
N PHE B 267 17.65 24.44 -1.66
CA PHE B 267 16.99 25.66 -2.14
C PHE B 267 15.69 25.27 -2.83
N ARG B 268 15.71 24.19 -3.60
CA ARG B 268 14.47 23.70 -4.22
C ARG B 268 13.45 23.41 -3.12
N GLN B 269 13.86 22.73 -2.06
CA GLN B 269 12.92 22.39 -0.96
C GLN B 269 12.40 23.70 -0.40
N GLY B 270 13.26 24.68 -0.18
CA GLY B 270 12.85 25.97 0.37
C GLY B 270 11.84 26.68 -0.51
N ASP B 271 12.05 26.65 -1.84
CA ASP B 271 11.12 27.25 -2.83
C ASP B 271 9.77 26.53 -2.73
N ARG B 272 9.77 25.20 -2.58
CA ARG B 272 8.54 24.38 -2.46
C ARG B 272 7.82 24.77 -1.17
N GLU B 273 8.56 25.06 -0.11
CA GLU B 273 8.01 25.42 1.22
C GLU B 273 7.44 26.85 1.18
N ARG B 274 8.15 27.80 0.56
CA ARG B 274 7.75 29.23 0.46
C ARG B 274 6.47 29.33 -0.37
N GLU B 275 6.44 28.65 -1.52
CA GLU B 275 5.27 28.68 -2.44
C GLU B 275 4.05 28.13 -1.70
N ARG B 276 4.17 27.18 -0.77
CA ARG B 276 3.03 26.56 -0.07
C ARG B 276 2.77 27.26 1.26
N GLY B 277 3.48 28.35 1.54
CA GLY B 277 3.40 29.10 2.81
C GLY B 277 3.80 28.29 4.03
N MET B 278 4.57 27.21 3.87
CA MET B 278 5.20 26.44 4.97
C MET B 278 6.40 27.24 5.51
N GLU B 279 6.77 26.97 6.76
CA GLU B 279 8.03 27.50 7.34
C GLU B 279 9.18 26.96 6.50
N ILE B 280 10.13 27.82 6.12
CA ILE B 280 11.32 27.43 5.35
C ILE B 280 12.31 26.73 6.29
N SER B 281 12.73 25.51 5.95
CA SER B 281 13.62 24.64 6.75
C SER B 281 15.02 25.27 6.83
N PRO B 282 15.77 24.89 7.88
CA PRO B 282 17.13 25.42 7.89
C PRO B 282 17.96 25.22 6.66
N MET B 283 18.72 26.24 6.28
CA MET B 283 19.63 26.16 5.14
C MET B 283 18.95 26.00 3.80
N CYS B 284 17.65 26.17 3.79
CA CYS B 284 16.84 26.00 2.56
C CYS B 284 16.41 27.33 1.94
N ASP B 285 16.68 28.46 2.58
CA ASP B 285 16.22 29.78 2.06
C ASP B 285 17.32 30.39 1.20
N LYS B 286 17.17 30.39 -0.13
CA LYS B 286 18.20 30.93 -1.07
C LYS B 286 18.37 32.45 -0.87
N HIS B 287 17.43 33.12 -0.20
CA HIS B 287 17.47 34.60 0.02
C HIS B 287 18.22 34.90 1.31
N ASN B 288 18.45 33.88 2.15
CA ASN B 288 18.90 34.04 3.56
C ASN B 288 19.79 32.85 3.93
N ALA B 289 20.88 32.61 3.21
CA ALA B 289 21.74 31.41 3.36
C ALA B 289 23.22 31.75 3.43
N SER B 290 23.95 31.05 4.29
CA SER B 290 25.43 31.05 4.38
C SER B 290 25.97 29.68 3.98
N VAL B 291 26.10 29.42 2.68
CA VAL B 291 26.61 28.11 2.14
C VAL B 291 27.92 27.73 2.87
N GLU B 292 28.90 28.65 2.90
CA GLU B 292 30.27 28.40 3.39
C GLU B 292 30.23 28.17 4.90
N LYS B 293 29.50 29.01 5.65
CA LYS B 293 29.40 28.87 7.12
C LYS B 293 28.69 27.53 7.44
N SER B 294 27.71 27.15 6.64
CA SER B 294 26.93 25.90 6.85
C SER B 294 27.86 24.68 6.67
N GLN B 295 28.72 24.68 5.64
CA GLN B 295 29.72 23.60 5.42
C GLN B 295 30.65 23.53 6.64
N VAL B 296 31.15 24.67 7.11
CA VAL B 296 32.07 24.65 8.27
C VAL B 296 31.32 24.09 9.49
N GLY B 297 30.07 24.51 9.69
CA GLY B 297 29.25 24.02 10.84
C GLY B 297 29.02 22.52 10.70
N PHE B 298 28.75 22.05 9.48
CA PHE B 298 28.51 20.63 9.19
C PHE B 298 29.76 19.83 9.53
N ILE B 299 30.92 20.33 9.09
CA ILE B 299 32.22 19.66 9.37
C ILE B 299 32.44 19.62 10.89
N ASP B 300 32.29 20.76 11.57
CA ASP B 300 32.66 20.94 13.00
C ASP B 300 31.78 20.07 13.89
N TYR B 301 30.47 20.00 13.62
CA TYR B 301 29.47 19.41 14.55
C TYR B 301 29.17 17.96 14.16
N ILE B 302 29.27 17.60 12.88
CA ILE B 302 28.81 16.26 12.43
C ILE B 302 29.97 15.45 11.82
N VAL B 303 30.57 15.95 10.75
CA VAL B 303 31.46 15.16 9.87
C VAL B 303 32.79 14.88 10.60
N HIS B 304 33.45 15.89 11.16
CA HIS B 304 34.78 15.75 11.81
C HIS B 304 34.66 14.85 13.04
N PRO B 305 33.69 15.02 13.97
CA PRO B 305 33.57 14.09 15.10
C PRO B 305 33.42 12.64 14.64
N LEU B 306 32.67 12.41 13.55
CA LEU B 306 32.39 11.06 13.06
C LEU B 306 33.69 10.47 12.49
N TRP B 307 34.33 11.20 11.58
CA TRP B 307 35.55 10.73 10.90
C TRP B 307 36.73 10.63 11.88
N GLU B 308 36.83 11.52 12.87
CA GLU B 308 37.88 11.45 13.91
C GLU B 308 37.70 10.10 14.63
N THR B 309 36.47 9.74 15.02
CA THR B 309 36.23 8.47 15.74
C THR B 309 36.48 7.27 14.81
N TRP B 310 36.03 7.35 13.56
CA TRP B 310 36.34 6.30 12.57
C TRP B 310 37.87 6.14 12.47
N ALA B 311 38.59 7.25 12.26
CA ALA B 311 40.07 7.27 12.07
C ALA B 311 40.75 6.57 13.27
N ASP B 312 40.25 6.77 14.48
CA ASP B 312 40.80 6.08 15.65
C ASP B 312 40.52 4.57 15.58
N LEU B 313 39.32 4.18 15.18
CA LEU B 313 38.99 2.75 15.05
C LEU B 313 39.98 2.05 14.11
N VAL B 314 40.34 2.67 12.99
CA VAL B 314 41.14 2.02 11.90
C VAL B 314 42.52 2.70 11.78
N HIS B 315 42.99 3.31 12.88
CA HIS B 315 44.28 4.06 12.92
C HIS B 315 45.40 3.18 12.35
N PRO B 316 46.28 3.67 11.44
CA PRO B 316 46.27 5.05 10.94
C PRO B 316 45.73 5.17 9.50
N ASP B 317 44.87 4.23 9.11
CA ASP B 317 44.50 4.00 7.68
C ASP B 317 43.79 5.24 7.12
N ALA B 318 43.12 6.03 7.97
CA ALA B 318 42.26 7.16 7.53
C ALA B 318 42.97 8.50 7.71
N GLN B 319 44.27 8.53 8.00
CA GLN B 319 44.99 9.78 8.30
C GLN B 319 44.87 10.77 7.12
N ASP B 320 45.03 10.34 5.85
CA ASP B 320 44.99 11.28 4.69
C ASP B 320 43.56 11.81 4.49
N ILE B 321 42.57 10.96 4.75
CA ILE B 321 41.13 11.32 4.69
C ILE B 321 40.90 12.45 5.72
N LEU B 322 41.32 12.25 6.96
CA LEU B 322 41.15 13.25 8.04
C LEU B 322 41.92 14.53 7.66
N ASP B 323 43.14 14.43 7.14
CA ASP B 323 43.95 15.62 6.75
C ASP B 323 43.18 16.40 5.70
N THR B 324 42.58 15.70 4.72
CA THR B 324 41.83 16.35 3.62
C THR B 324 40.61 17.08 4.20
N LEU B 325 39.93 16.46 5.16
CA LEU B 325 38.73 17.04 5.82
C LEU B 325 39.13 18.37 6.45
N GLU B 326 40.24 18.40 7.19
CA GLU B 326 40.73 19.59 7.93
C GLU B 326 41.18 20.66 6.93
N ASP B 327 41.82 20.28 5.81
CA ASP B 327 42.22 21.24 4.74
C ASP B 327 40.97 21.85 4.12
N ASN B 328 40.00 21.02 3.76
CA ASN B 328 38.74 21.44 3.10
C ASN B 328 37.97 22.35 4.07
N ARG B 329 38.00 22.04 5.36
CA ARG B 329 37.36 22.89 6.40
C ARG B 329 37.97 24.29 6.32
N GLU B 330 39.30 24.42 6.35
CA GLU B 330 40.01 25.75 6.37
C GLU B 330 39.74 26.47 5.06
N TRP B 331 39.61 25.74 3.95
CA TRP B 331 39.31 26.40 2.66
C TRP B 331 37.92 27.07 2.72
N TYR B 332 36.90 26.36 3.23
CA TYR B 332 35.51 26.89 3.30
C TYR B 332 35.49 28.04 4.31
N GLN B 333 36.15 27.91 5.46
CA GLN B 333 36.30 28.98 6.51
C GLN B 333 36.81 30.25 5.84
N SER B 334 37.81 30.15 4.97
CA SER B 334 38.48 31.31 4.34
C SER B 334 37.58 31.96 3.29
N THR B 335 36.41 31.40 2.98
CA THR B 335 35.48 31.96 1.96
C THR B 335 34.18 32.46 2.61
N ILE B 336 34.09 32.45 3.94
CA ILE B 336 32.93 33.00 4.71
C ILE B 336 33.00 34.52 4.71
N PRO B 337 31.97 35.26 4.23
CA PRO B 337 32.01 36.73 4.25
C PRO B 337 32.14 37.26 5.68
N GLN B 338 32.45 38.54 5.90
CA GLN B 338 32.68 39.13 7.27
C GLN B 338 31.37 39.77 7.75
N GLN C 14 -12.74 -40.82 14.21
CA GLN C 14 -12.96 -39.41 13.69
C GLN C 14 -12.12 -39.18 12.44
N GLU C 15 -10.83 -39.51 12.46
CA GLU C 15 -9.92 -39.42 11.27
C GLU C 15 -10.42 -40.38 10.17
N ASP C 16 -11.07 -41.47 10.59
CA ASP C 16 -11.62 -42.41 9.62
C ASP C 16 -12.91 -41.86 9.04
N VAL C 17 -13.77 -41.32 9.89
CA VAL C 17 -15.06 -40.73 9.42
C VAL C 17 -14.76 -39.63 8.37
N LEU C 18 -13.70 -38.83 8.60
CA LEU C 18 -13.28 -37.73 7.71
C LEU C 18 -12.87 -38.31 6.37
N ALA C 19 -12.02 -39.34 6.37
CA ALA C 19 -11.56 -40.05 5.16
C ALA C 19 -12.75 -40.64 4.39
N LYS C 20 -13.77 -41.13 5.09
CA LYS C 20 -15.00 -41.69 4.43
C LYS C 20 -15.72 -40.54 3.72
N GLU C 21 -15.83 -39.37 4.36
CA GLU C 21 -16.54 -38.21 3.77
C GLU C 21 -15.77 -37.70 2.55
N LEU C 22 -14.44 -37.70 2.59
CA LEU C 22 -13.58 -37.22 1.47
C LEU C 22 -13.65 -38.18 0.27
N GLU C 23 -14.26 -39.36 0.41
CA GLU C 23 -14.44 -40.29 -0.74
C GLU C 23 -15.54 -39.73 -1.65
N ASP C 24 -16.39 -38.81 -1.16
CA ASP C 24 -17.46 -38.16 -1.97
C ASP C 24 -16.91 -36.98 -2.78
N VAL C 25 -15.59 -36.76 -2.78
CA VAL C 25 -14.98 -35.51 -3.32
C VAL C 25 -15.29 -35.34 -4.83
N ASN C 26 -15.63 -36.41 -5.54
CA ASN C 26 -15.91 -36.36 -7.01
C ASN C 26 -17.41 -36.24 -7.25
N LYS C 27 -18.20 -36.11 -6.19
CA LYS C 27 -19.67 -36.05 -6.29
C LYS C 27 -20.19 -34.64 -5.96
N TRP C 28 -21.15 -34.16 -6.74
CA TRP C 28 -22.06 -33.05 -6.37
C TRP C 28 -22.82 -33.45 -5.10
N GLY C 29 -22.77 -32.67 -4.03
CA GLY C 29 -23.46 -33.06 -2.79
C GLY C 29 -22.55 -33.56 -1.70
N LEU C 30 -21.25 -33.36 -1.85
CA LEU C 30 -20.24 -33.54 -0.78
C LEU C 30 -20.72 -32.86 0.51
N HIS C 31 -20.61 -33.55 1.65
CA HIS C 31 -21.06 -33.05 2.99
C HIS C 31 -19.99 -32.08 3.53
N VAL C 32 -19.87 -30.92 2.88
CA VAL C 32 -18.74 -29.96 3.08
C VAL C 32 -18.76 -29.40 4.50
N PHE C 33 -19.94 -29.21 5.09
CA PHE C 33 -20.06 -28.68 6.48
C PHE C 33 -19.60 -29.76 7.46
N ARG C 34 -19.97 -31.02 7.22
CA ARG C 34 -19.50 -32.16 8.05
C ARG C 34 -17.97 -32.22 7.95
N ILE C 35 -17.41 -32.01 6.74
CA ILE C 35 -15.93 -32.04 6.55
C ILE C 35 -15.29 -30.91 7.37
N ALA C 36 -15.87 -29.71 7.36
CA ALA C 36 -15.39 -28.54 8.15
C ALA C 36 -15.39 -28.89 9.65
N GLU C 37 -16.45 -29.52 10.15
CA GLU C 37 -16.54 -29.95 11.58
C GLU C 37 -15.41 -30.95 11.88
N LEU C 38 -15.21 -31.98 11.04
CA LEU C 38 -14.27 -33.09 11.32
C LEU C 38 -12.83 -32.66 11.13
N SER C 39 -12.53 -31.71 10.23
CA SER C 39 -11.14 -31.26 9.93
C SER C 39 -10.68 -30.20 10.97
N GLY C 40 -11.49 -29.88 11.97
CA GLY C 40 -11.24 -28.76 12.89
C GLY C 40 -11.22 -27.41 12.16
N ASN C 41 -12.22 -27.19 11.29
CA ASN C 41 -12.37 -25.98 10.46
C ASN C 41 -11.22 -25.86 9.44
N ARG C 42 -10.87 -26.98 8.82
CA ARG C 42 -9.80 -27.02 7.78
C ARG C 42 -10.36 -27.62 6.50
N PRO C 43 -11.61 -27.31 6.10
CA PRO C 43 -12.20 -27.90 4.92
C PRO C 43 -11.43 -27.51 3.65
N LEU C 44 -10.92 -26.27 3.56
CA LEU C 44 -10.27 -25.84 2.29
C LEU C 44 -8.98 -26.64 2.14
N THR C 45 -8.22 -26.81 3.21
CA THR C 45 -6.93 -27.49 3.20
C THR C 45 -7.14 -28.97 2.83
N VAL C 46 -8.03 -29.68 3.52
CA VAL C 46 -8.18 -31.14 3.31
C VAL C 46 -8.81 -31.40 1.94
N ILE C 47 -9.80 -30.61 1.55
CA ILE C 47 -10.46 -30.79 0.22
C ILE C 47 -9.48 -30.45 -0.90
N MET C 48 -8.72 -29.37 -0.80
CA MET C 48 -7.72 -29.00 -1.84
C MET C 48 -6.65 -30.10 -1.93
N HIS C 49 -6.18 -30.60 -0.79
CA HIS C 49 -5.15 -31.66 -0.75
C HIS C 49 -5.69 -32.92 -1.44
N THR C 50 -6.86 -33.40 -1.03
CA THR C 50 -7.56 -34.56 -1.63
C THR C 50 -7.68 -34.36 -3.15
N ILE C 51 -8.12 -33.20 -3.60
CA ILE C 51 -8.30 -32.91 -5.06
C ILE C 51 -6.94 -32.89 -5.74
N PHE C 52 -5.91 -32.33 -5.12
CA PHE C 52 -4.57 -32.29 -5.76
C PHE C 52 -4.04 -33.73 -5.94
N GLN C 53 -4.18 -34.58 -4.93
CA GLN C 53 -3.85 -36.03 -5.00
C GLN C 53 -4.71 -36.67 -6.11
N GLU C 54 -6.01 -36.51 -6.10
CA GLU C 54 -6.95 -37.17 -7.05
C GLU C 54 -6.54 -36.83 -8.49
N ARG C 55 -6.12 -35.60 -8.78
CA ARG C 55 -5.79 -35.18 -10.17
C ARG C 55 -4.28 -35.26 -10.38
N ASP C 56 -3.56 -35.82 -9.42
CA ASP C 56 -2.10 -36.08 -9.51
C ASP C 56 -1.34 -34.78 -9.81
N LEU C 57 -1.79 -33.68 -9.21
CA LEU C 57 -1.25 -32.32 -9.50
C LEU C 57 0.10 -32.11 -8.81
N LEU C 58 0.30 -32.72 -7.64
CA LEU C 58 1.60 -32.69 -6.92
C LEU C 58 2.70 -33.27 -7.81
N LYS C 59 2.50 -34.47 -8.37
CA LYS C 59 3.47 -35.11 -9.28
C LYS C 59 3.65 -34.27 -10.56
N THR C 60 2.57 -33.92 -11.24
CA THR C 60 2.63 -33.20 -12.54
C THR C 60 3.41 -31.88 -12.43
N PHE C 61 3.28 -31.16 -11.32
CA PHE C 61 3.85 -29.80 -11.14
C PHE C 61 4.97 -29.81 -10.09
N LYS C 62 5.34 -30.97 -9.56
CA LYS C 62 6.49 -31.17 -8.64
C LYS C 62 6.28 -30.22 -7.47
N ILE C 63 5.10 -30.28 -6.89
CA ILE C 63 4.70 -29.48 -5.71
C ILE C 63 5.07 -30.29 -4.48
N PRO C 64 6.06 -29.83 -3.68
CA PRO C 64 6.38 -30.49 -2.42
C PRO C 64 5.14 -30.51 -1.54
N VAL C 65 4.81 -31.65 -0.97
CA VAL C 65 3.57 -31.83 -0.19
C VAL C 65 3.60 -30.89 1.03
N ASP C 66 4.77 -30.69 1.66
CA ASP C 66 4.92 -29.79 2.83
C ASP C 66 4.61 -28.35 2.39
N THR C 67 5.02 -27.94 1.21
CA THR C 67 4.79 -26.57 0.69
C THR C 67 3.29 -26.39 0.45
N LEU C 68 2.67 -27.37 -0.20
CA LEU C 68 1.22 -27.34 -0.48
C LEU C 68 0.47 -27.16 0.84
N ILE C 69 0.80 -27.94 1.86
CA ILE C 69 0.03 -27.92 3.14
C ILE C 69 0.25 -26.57 3.82
N THR C 70 1.47 -26.06 3.80
CA THR C 70 1.80 -24.74 4.40
C THR C 70 1.00 -23.65 3.68
N TYR C 71 1.01 -23.63 2.36
CA TYR C 71 0.25 -22.62 1.59
C TYR C 71 -1.25 -22.79 1.89
N LEU C 72 -1.77 -24.02 1.89
CA LEU C 72 -3.22 -24.22 2.11
C LEU C 72 -3.60 -23.73 3.50
N MET C 73 -2.83 -24.05 4.54
CA MET C 73 -3.16 -23.52 5.86
C MET C 73 -3.09 -21.99 5.91
N THR C 74 -2.07 -21.40 5.29
CA THR C 74 -1.91 -19.94 5.24
C THR C 74 -3.14 -19.33 4.56
N LEU C 75 -3.50 -19.84 3.38
CA LEU C 75 -4.66 -19.37 2.61
C LEU C 75 -5.92 -19.50 3.47
N GLU C 76 -6.15 -20.67 4.05
CA GLU C 76 -7.37 -20.91 4.86
C GLU C 76 -7.41 -19.89 6.02
N ASP C 77 -6.27 -19.59 6.61
CA ASP C 77 -6.17 -18.64 7.76
C ASP C 77 -6.53 -17.21 7.35
N HIS C 78 -6.44 -16.85 6.08
CA HIS C 78 -6.78 -15.50 5.57
C HIS C 78 -8.23 -15.44 5.06
N TYR C 79 -9.01 -16.52 5.23
CA TYR C 79 -10.49 -16.49 5.21
C TYR C 79 -10.91 -16.16 6.64
N HIS C 80 -11.93 -15.33 6.79
CA HIS C 80 -12.38 -14.84 8.11
C HIS C 80 -13.36 -15.87 8.67
N ALA C 81 -13.05 -16.48 9.80
CA ALA C 81 -13.94 -17.40 10.56
C ALA C 81 -15.24 -16.72 11.02
N ASP C 82 -15.23 -15.40 11.26
CA ASP C 82 -16.38 -14.59 11.77
C ASP C 82 -17.34 -14.19 10.64
N VAL C 83 -17.02 -14.45 9.37
CA VAL C 83 -17.91 -14.11 8.22
C VAL C 83 -18.73 -15.37 7.91
N ALA C 84 -20.04 -15.23 7.79
CA ALA C 84 -20.95 -16.41 7.86
C ALA C 84 -20.96 -17.15 6.51
N TYR C 85 -20.86 -16.43 5.38
CA TYR C 85 -20.89 -17.05 4.06
C TYR C 85 -19.49 -17.03 3.43
N HIS C 86 -18.88 -15.86 3.20
CA HIS C 86 -17.61 -15.72 2.43
C HIS C 86 -16.41 -16.13 3.28
N ASN C 87 -16.34 -17.42 3.61
CA ASN C 87 -15.34 -18.03 4.51
C ASN C 87 -14.69 -19.22 3.80
N ASN C 88 -13.83 -19.92 4.53
CA ASN C 88 -13.05 -21.09 4.06
C ASN C 88 -14.02 -22.19 3.59
N ILE C 89 -15.21 -22.30 4.18
CA ILE C 89 -16.14 -23.39 3.79
C ILE C 89 -16.67 -23.08 2.39
N HIS C 90 -17.07 -21.85 2.11
CA HIS C 90 -17.49 -21.42 0.74
C HIS C 90 -16.36 -21.67 -0.25
N ALA C 91 -15.14 -21.28 0.09
CA ALA C 91 -13.94 -21.47 -0.75
C ALA C 91 -13.80 -22.97 -1.06
N ALA C 92 -13.88 -23.82 -0.02
CA ALA C 92 -13.77 -25.28 -0.15
C ALA C 92 -14.86 -25.77 -1.10
N ASP C 93 -16.08 -25.28 -0.91
CA ASP C 93 -17.26 -25.68 -1.70
C ASP C 93 -17.02 -25.36 -3.18
N VAL C 94 -16.53 -24.17 -3.48
CA VAL C 94 -16.37 -23.71 -4.88
C VAL C 94 -15.25 -24.53 -5.54
N VAL C 95 -14.19 -24.81 -4.79
CA VAL C 95 -13.07 -25.65 -5.27
C VAL C 95 -13.63 -27.02 -5.68
N GLN C 96 -14.40 -27.64 -4.78
CA GLN C 96 -14.88 -29.01 -5.00
C GLN C 96 -15.88 -29.03 -6.14
N SER C 97 -16.71 -28.00 -6.23
CA SER C 97 -17.74 -27.88 -7.29
C SER C 97 -17.04 -27.69 -8.64
N THR C 98 -16.01 -26.86 -8.70
CA THR C 98 -15.22 -26.63 -9.93
C THR C 98 -14.59 -27.96 -10.36
N HIS C 99 -14.11 -28.72 -9.38
CA HIS C 99 -13.45 -30.04 -9.59
C HIS C 99 -14.46 -30.98 -10.26
N VAL C 100 -15.69 -31.03 -9.78
CA VAL C 100 -16.74 -31.91 -10.38
C VAL C 100 -17.10 -31.39 -11.77
N LEU C 101 -17.19 -30.07 -11.97
CA LEU C 101 -17.55 -29.51 -13.30
C LEU C 101 -16.45 -29.81 -14.32
N LEU C 102 -15.18 -29.78 -13.92
CA LEU C 102 -14.03 -30.10 -14.82
C LEU C 102 -14.10 -31.56 -15.31
N SER C 103 -14.63 -32.45 -14.49
CA SER C 103 -14.68 -33.85 -14.81
C SER C 103 -15.88 -34.21 -15.65
N THR C 104 -16.57 -33.21 -16.15
CA THR C 104 -17.75 -33.46 -16.94
C THR C 104 -17.48 -34.18 -18.27
N PRO C 105 -18.29 -35.22 -18.60
CA PRO C 105 -17.99 -35.96 -19.82
C PRO C 105 -17.76 -35.07 -21.06
N ALA C 106 -18.58 -34.04 -21.24
CA ALA C 106 -18.52 -33.13 -22.42
C ALA C 106 -17.21 -32.34 -22.45
N LEU C 107 -16.42 -32.33 -21.38
CA LEU C 107 -15.14 -31.59 -21.33
C LEU C 107 -13.95 -32.54 -21.22
N GLU C 108 -14.16 -33.85 -21.36
CA GLU C 108 -13.08 -34.85 -21.24
C GLU C 108 -11.96 -34.50 -22.21
N ALA C 109 -10.73 -34.40 -21.69
CA ALA C 109 -9.49 -34.16 -22.45
C ALA C 109 -9.47 -32.78 -23.14
N VAL C 110 -10.42 -31.90 -22.87
CA VAL C 110 -10.44 -30.53 -23.47
C VAL C 110 -9.31 -29.66 -22.87
N PHE C 111 -9.14 -29.66 -21.54
CA PHE C 111 -8.29 -28.68 -20.82
C PHE C 111 -6.93 -29.30 -20.45
N THR C 112 -5.87 -28.49 -20.56
CA THR C 112 -4.48 -28.86 -20.18
C THR C 112 -4.40 -28.96 -18.65
N ASP C 113 -3.34 -29.59 -18.16
CA ASP C 113 -3.04 -29.70 -16.71
C ASP C 113 -2.93 -28.27 -16.12
N LEU C 114 -2.32 -27.34 -16.86
CA LEU C 114 -2.08 -25.96 -16.38
C LEU C 114 -3.43 -25.27 -16.20
N GLU C 115 -4.32 -25.39 -17.19
CA GLU C 115 -5.69 -24.85 -17.11
C GLU C 115 -6.44 -25.46 -15.91
N ILE C 116 -6.33 -26.75 -15.66
CA ILE C 116 -7.04 -27.42 -14.54
C ILE C 116 -6.54 -26.78 -13.24
N LEU C 117 -5.22 -26.65 -13.11
CA LEU C 117 -4.53 -26.03 -11.96
C LEU C 117 -5.04 -24.59 -11.76
N ALA C 118 -5.13 -23.81 -12.84
CA ALA C 118 -5.60 -22.42 -12.82
C ALA C 118 -7.02 -22.35 -12.26
N ALA C 119 -7.92 -23.17 -12.79
CA ALA C 119 -9.35 -23.15 -12.40
C ALA C 119 -9.46 -23.52 -10.91
N ILE C 120 -8.72 -24.50 -10.45
CA ILE C 120 -8.88 -24.98 -9.05
C ILE C 120 -8.19 -23.98 -8.11
N PHE C 121 -7.00 -23.50 -8.47
CA PHE C 121 -6.29 -22.49 -7.65
C PHE C 121 -7.16 -21.24 -7.57
N ALA C 122 -7.66 -20.77 -8.70
CA ALA C 122 -8.57 -19.60 -8.78
C ALA C 122 -9.72 -19.80 -7.78
N SER C 123 -10.37 -20.95 -7.83
CA SER C 123 -11.51 -21.28 -6.94
C SER C 123 -11.08 -21.15 -5.48
N ALA C 124 -9.88 -21.57 -5.16
CA ALA C 124 -9.41 -21.62 -3.76
C ALA C 124 -9.16 -20.21 -3.22
N ILE C 125 -8.70 -19.28 -4.06
CA ILE C 125 -8.32 -17.91 -3.60
C ILE C 125 -9.43 -16.91 -3.87
N HIS C 126 -10.55 -17.32 -4.46
CA HIS C 126 -11.44 -16.39 -5.23
C HIS C 126 -12.15 -15.41 -4.29
N ASP C 127 -12.22 -15.71 -2.99
CA ASP C 127 -12.87 -14.84 -1.98
C ASP C 127 -11.95 -14.65 -0.77
N VAL C 128 -10.65 -14.83 -0.89
CA VAL C 128 -9.76 -14.78 0.31
C VAL C 128 -9.76 -13.34 0.87
N ASP C 129 -9.80 -13.23 2.19
CA ASP C 129 -9.78 -11.98 2.97
C ASP C 129 -11.05 -11.18 2.69
N HIS C 130 -12.15 -11.88 2.39
CA HIS C 130 -13.45 -11.25 2.18
C HIS C 130 -13.92 -10.72 3.53
N PRO C 131 -14.23 -9.41 3.62
CA PRO C 131 -14.66 -8.81 4.88
C PRO C 131 -16.16 -8.98 5.23
N GLY C 132 -16.94 -9.62 4.37
CA GLY C 132 -18.36 -9.90 4.66
C GLY C 132 -19.25 -8.76 4.28
N VAL C 133 -18.77 -7.84 3.43
CA VAL C 133 -19.56 -6.71 2.87
C VAL C 133 -19.29 -6.60 1.37
N SER C 134 -20.14 -5.85 0.66
CA SER C 134 -20.15 -5.73 -0.82
C SER C 134 -19.11 -4.72 -1.30
N ASN C 135 -18.81 -4.79 -2.59
CA ASN C 135 -17.99 -3.75 -3.28
C ASN C 135 -18.60 -2.38 -3.00
N GLN C 136 -19.93 -2.27 -3.08
CA GLN C 136 -20.62 -0.96 -2.98
C GLN C 136 -20.40 -0.41 -1.58
N PHE C 137 -20.43 -1.26 -0.55
CA PHE C 137 -20.21 -0.82 0.85
C PHE C 137 -18.79 -0.25 0.96
N LEU C 138 -17.80 -0.94 0.38
CA LEU C 138 -16.38 -0.50 0.44
C LEU C 138 -16.23 0.81 -0.34
N ILE C 139 -16.98 0.99 -1.43
CA ILE C 139 -16.96 2.26 -2.22
C ILE C 139 -17.61 3.36 -1.38
N ASN C 140 -18.78 3.11 -0.82
CA ASN C 140 -19.53 4.14 -0.06
C ASN C 140 -18.77 4.61 1.19
N THR C 141 -17.90 3.78 1.75
CA THR C 141 -17.19 4.18 2.99
C THR C 141 -15.81 4.75 2.66
N ASN C 142 -15.50 4.96 1.40
CA ASN C 142 -14.18 5.47 0.96
C ASN C 142 -13.05 4.61 1.54
N SER C 143 -13.20 3.30 1.47
CA SER C 143 -12.16 2.37 1.95
C SER C 143 -10.90 2.48 1.10
N GLU C 144 -9.75 2.21 1.69
CA GLU C 144 -8.44 2.17 1.00
C GLU C 144 -8.52 1.22 -0.20
N LEU C 145 -9.19 0.07 -0.09
CA LEU C 145 -9.27 -0.92 -1.20
C LEU C 145 -9.99 -0.27 -2.39
N ALA C 146 -11.08 0.42 -2.17
CA ALA C 146 -11.79 1.08 -3.21
C ALA C 146 -10.97 2.15 -3.91
N LEU C 147 -10.11 2.84 -3.19
CA LEU C 147 -9.26 3.82 -3.79
C LEU C 147 -8.17 3.16 -4.58
N MET C 148 -7.61 2.12 -4.05
CA MET C 148 -6.49 1.39 -4.74
C MET C 148 -6.96 0.93 -6.12
N TYR C 149 -8.21 0.46 -6.23
CA TYR C 149 -8.69 -0.27 -7.42
C TYR C 149 -9.75 0.55 -8.18
N ASN C 150 -9.82 1.86 -7.94
CA ASN C 150 -10.72 2.78 -8.67
C ASN C 150 -12.14 2.20 -8.72
N ASP C 151 -12.62 1.67 -7.59
CA ASP C 151 -14.04 1.26 -7.37
C ASP C 151 -14.42 0.13 -8.34
N SER C 152 -13.45 -0.53 -8.97
CA SER C 152 -13.70 -1.53 -10.05
C SER C 152 -13.29 -2.91 -9.52
N SER C 153 -14.26 -3.79 -9.37
CA SER C 153 -14.03 -5.19 -8.90
C SER C 153 -13.14 -5.13 -7.65
N VAL C 154 -13.54 -4.33 -6.68
CA VAL C 154 -12.64 -3.99 -5.54
C VAL C 154 -12.27 -5.27 -4.79
N LEU C 155 -13.25 -6.02 -4.33
CA LEU C 155 -12.98 -7.28 -3.58
C LEU C 155 -12.19 -8.28 -4.45
N GLU C 156 -12.53 -8.39 -5.73
CA GLU C 156 -11.98 -9.45 -6.61
C GLU C 156 -10.50 -9.13 -6.90
N ASN C 157 -10.16 -7.85 -7.13
CA ASN C 157 -8.75 -7.39 -7.16
C ASN C 157 -8.00 -7.77 -5.86
N HIS C 158 -8.64 -7.53 -4.72
CA HIS C 158 -8.02 -7.82 -3.41
C HIS C 158 -7.83 -9.34 -3.26
N HIS C 159 -8.83 -10.15 -3.57
CA HIS C 159 -8.71 -11.59 -3.43
C HIS C 159 -7.51 -12.09 -4.23
N LEU C 160 -7.38 -11.64 -5.48
CA LEU C 160 -6.22 -11.99 -6.32
C LEU C 160 -4.93 -11.56 -5.62
N ALA C 161 -4.80 -10.28 -5.24
CA ALA C 161 -3.54 -9.78 -4.63
C ALA C 161 -3.16 -10.64 -3.41
N VAL C 162 -4.11 -10.97 -2.55
CA VAL C 162 -3.82 -11.72 -1.30
C VAL C 162 -3.41 -13.15 -1.67
N GLY C 163 -4.20 -13.80 -2.54
CA GLY C 163 -3.93 -15.19 -2.92
C GLY C 163 -2.53 -15.38 -3.48
N PHE C 164 -2.09 -14.47 -4.36
CA PHE C 164 -0.74 -14.50 -4.96
C PHE C 164 0.31 -14.13 -3.91
N LYS C 165 0.07 -13.09 -3.11
CA LYS C 165 1.05 -12.59 -2.13
C LYS C 165 1.34 -13.71 -1.12
N LEU C 166 0.37 -14.53 -0.75
CA LEU C 166 0.62 -15.58 0.27
C LEU C 166 1.61 -16.64 -0.26
N LEU C 167 1.82 -16.73 -1.58
CA LEU C 167 2.85 -17.64 -2.18
C LEU C 167 4.26 -17.27 -1.69
N GLN C 168 4.47 -16.01 -1.26
CA GLN C 168 5.80 -15.50 -0.87
C GLN C 168 6.05 -15.76 0.61
N GLU C 169 5.13 -16.31 1.37
CA GLU C 169 5.39 -16.60 2.80
C GLU C 169 6.31 -17.84 2.84
N GLU C 170 6.94 -18.11 3.98
CA GLU C 170 7.98 -19.16 4.09
C GLU C 170 7.37 -20.52 3.72
N ASN C 171 7.95 -21.18 2.71
CA ASN C 171 7.58 -22.55 2.28
C ASN C 171 6.12 -22.57 1.80
N CYS C 172 5.72 -21.56 1.03
CA CYS C 172 4.33 -21.36 0.55
C CYS C 172 4.30 -21.32 -0.99
N ASP C 173 5.46 -21.31 -1.66
CA ASP C 173 5.48 -21.17 -3.13
C ASP C 173 5.20 -22.53 -3.78
N ILE C 174 3.91 -22.86 -3.96
CA ILE C 174 3.50 -24.18 -4.51
C ILE C 174 3.82 -24.23 -6.01
N PHE C 175 4.15 -23.09 -6.64
CA PHE C 175 4.52 -23.02 -8.06
C PHE C 175 6.04 -22.87 -8.22
N GLN C 176 6.84 -23.26 -7.23
CA GLN C 176 8.33 -23.05 -7.23
C GLN C 176 9.00 -23.79 -8.39
N ASN C 177 8.47 -24.95 -8.79
CA ASN C 177 9.07 -25.85 -9.81
C ASN C 177 8.40 -25.66 -11.18
N LEU C 178 7.39 -24.80 -11.32
CA LEU C 178 6.87 -24.38 -12.65
C LEU C 178 7.90 -23.48 -13.33
N THR C 179 7.93 -23.50 -14.64
CA THR C 179 8.76 -22.61 -15.47
C THR C 179 8.15 -21.22 -15.40
N LYS C 180 8.91 -20.19 -15.77
CA LYS C 180 8.44 -18.81 -16.01
C LYS C 180 7.21 -18.85 -16.94
N LYS C 181 7.28 -19.56 -18.06
CA LYS C 181 6.18 -19.59 -19.05
C LYS C 181 4.91 -20.15 -18.41
N GLN C 182 5.03 -21.25 -17.67
CA GLN C 182 3.87 -21.86 -16.96
C GLN C 182 3.31 -20.82 -15.97
N ARG C 183 4.17 -20.12 -15.22
CA ARG C 183 3.77 -19.14 -14.17
C ARG C 183 3.02 -17.97 -14.82
N GLN C 184 3.51 -17.41 -15.92
CA GLN C 184 2.83 -16.27 -16.54
C GLN C 184 1.47 -16.68 -17.09
N SER C 185 1.39 -17.88 -17.67
CA SER C 185 0.13 -18.39 -18.24
C SER C 185 -0.88 -18.63 -17.11
N LEU C 186 -0.43 -19.27 -16.04
CA LEU C 186 -1.30 -19.57 -14.86
C LEU C 186 -1.81 -18.26 -14.28
N ARG C 187 -0.92 -17.27 -14.12
CA ARG C 187 -1.28 -15.92 -13.58
C ARG C 187 -2.40 -15.32 -14.44
N LYS C 188 -2.22 -15.24 -15.75
CA LYS C 188 -3.22 -14.60 -16.63
C LYS C 188 -4.57 -15.33 -16.44
N MET C 189 -4.55 -16.65 -16.47
CA MET C 189 -5.80 -17.42 -16.42
C MET C 189 -6.48 -17.20 -15.05
N VAL C 190 -5.71 -17.20 -13.97
CA VAL C 190 -6.30 -17.08 -12.60
C VAL C 190 -6.90 -15.68 -12.46
N ILE C 191 -6.23 -14.65 -12.97
CA ILE C 191 -6.78 -13.27 -12.93
C ILE C 191 -8.10 -13.27 -13.69
N ASP C 192 -8.12 -13.82 -14.90
CA ASP C 192 -9.31 -13.77 -15.77
C ASP C 192 -10.46 -14.49 -15.06
N ILE C 193 -10.19 -15.61 -14.40
CA ILE C 193 -11.26 -16.41 -13.72
C ILE C 193 -11.79 -15.65 -12.49
N VAL C 194 -10.93 -15.13 -11.62
CA VAL C 194 -11.37 -14.48 -10.34
C VAL C 194 -12.10 -13.15 -10.65
N LEU C 195 -11.64 -12.37 -11.62
CA LEU C 195 -12.31 -11.09 -11.98
C LEU C 195 -13.73 -11.38 -12.49
N ALA C 196 -13.95 -12.56 -13.05
CA ALA C 196 -15.25 -12.98 -13.60
C ALA C 196 -16.22 -13.43 -12.47
N THR C 197 -15.78 -13.50 -11.21
CA THR C 197 -16.65 -13.83 -10.05
C THR C 197 -17.42 -12.58 -9.59
N ASP C 198 -17.01 -11.39 -10.02
CA ASP C 198 -17.73 -10.13 -9.72
C ASP C 198 -19.13 -10.23 -10.33
N MET C 199 -20.19 -10.14 -9.51
CA MET C 199 -21.59 -10.33 -9.97
C MET C 199 -21.99 -9.22 -10.94
N SER C 200 -21.30 -8.08 -10.92
CA SER C 200 -21.56 -6.98 -11.88
C SER C 200 -21.20 -7.46 -13.30
N LYS C 201 -20.39 -8.51 -13.45
CA LYS C 201 -20.03 -9.05 -14.78
C LYS C 201 -20.98 -10.21 -15.22
N HIS C 202 -21.96 -10.57 -14.41
CA HIS C 202 -22.80 -11.79 -14.62
C HIS C 202 -23.52 -11.77 -15.98
N MET C 203 -24.22 -10.68 -16.31
CA MET C 203 -25.04 -10.54 -17.53
C MET C 203 -24.13 -10.68 -18.78
N ASN C 204 -22.95 -10.06 -18.80
CA ASN C 204 -22.04 -10.12 -19.98
C ASN C 204 -21.49 -11.54 -20.13
N LEU C 205 -21.08 -12.16 -19.04
CA LEU C 205 -20.60 -13.56 -19.01
C LEU C 205 -21.68 -14.49 -19.59
N LEU C 206 -22.92 -14.34 -19.14
CA LEU C 206 -24.08 -15.19 -19.54
C LEU C 206 -24.40 -14.95 -21.02
N ALA C 207 -24.37 -13.69 -21.48
CA ALA C 207 -24.57 -13.33 -22.90
C ALA C 207 -23.55 -14.10 -23.75
N ASP C 208 -22.28 -14.10 -23.34
CA ASP C 208 -21.17 -14.74 -24.07
C ASP C 208 -21.31 -16.26 -24.01
N LEU C 209 -21.76 -16.81 -22.90
CA LEU C 209 -21.97 -18.29 -22.77
C LEU C 209 -23.11 -18.70 -23.73
N LYS C 210 -24.20 -17.90 -23.81
CA LYS C 210 -25.35 -18.12 -24.73
C LYS C 210 -24.85 -18.10 -26.19
N THR C 211 -24.07 -17.07 -26.56
CA THR C 211 -23.42 -16.95 -27.90
C THR C 211 -22.61 -18.22 -28.18
N MET C 212 -21.93 -18.77 -27.18
CA MET C 212 -21.05 -19.95 -27.36
C MET C 212 -21.91 -21.21 -27.54
N VAL C 213 -23.08 -21.29 -26.90
CA VAL C 213 -24.02 -22.43 -27.07
C VAL C 213 -24.60 -22.42 -28.49
N GLU C 214 -24.96 -21.24 -29.00
CA GLU C 214 -25.48 -21.02 -30.38
C GLU C 214 -24.45 -21.43 -31.45
N THR C 215 -23.15 -21.26 -31.22
CA THR C 215 -22.02 -21.46 -32.18
C THR C 215 -21.22 -22.73 -31.81
N LYS C 216 -21.81 -23.57 -30.95
CA LYS C 216 -21.15 -24.73 -30.30
C LYS C 216 -20.69 -25.72 -31.40
N LYS C 217 -19.42 -26.07 -31.40
CA LYS C 217 -18.82 -27.15 -32.25
C LYS C 217 -18.40 -28.31 -31.34
N VAL C 218 -18.58 -29.56 -31.78
CA VAL C 218 -18.05 -30.76 -31.08
C VAL C 218 -16.93 -31.38 -31.93
N THR C 219 -16.01 -32.12 -31.30
CA THR C 219 -14.97 -32.94 -31.97
C THR C 219 -15.59 -34.26 -32.44
N SER C 220 -14.79 -35.14 -33.09
CA SER C 220 -15.16 -36.51 -33.52
C SER C 220 -15.63 -37.36 -32.34
N SER C 221 -15.03 -37.13 -31.16
CA SER C 221 -15.29 -37.86 -29.89
C SER C 221 -16.53 -37.29 -29.17
N GLY C 222 -17.12 -36.19 -29.66
CA GLY C 222 -18.38 -35.63 -29.15
C GLY C 222 -18.20 -34.64 -28.00
N VAL C 223 -16.96 -34.23 -27.70
CA VAL C 223 -16.62 -33.25 -26.63
C VAL C 223 -16.45 -31.87 -27.27
N LEU C 224 -16.62 -30.82 -26.45
CA LEU C 224 -16.54 -29.40 -26.89
C LEU C 224 -15.22 -29.11 -27.60
N LEU C 225 -15.30 -28.31 -28.67
CA LEU C 225 -14.11 -27.90 -29.42
C LEU C 225 -13.84 -26.43 -29.07
N LEU C 226 -12.70 -26.14 -28.45
CA LEU C 226 -12.30 -24.78 -28.00
C LEU C 226 -10.88 -24.50 -28.52
N ASP C 227 -10.75 -23.76 -29.62
CA ASP C 227 -9.46 -23.73 -30.37
C ASP C 227 -8.78 -22.36 -30.24
N ASN C 228 -9.32 -21.44 -29.44
CA ASN C 228 -8.70 -20.12 -29.13
C ASN C 228 -8.76 -19.89 -27.61
N TYR C 229 -7.83 -19.07 -27.08
CA TYR C 229 -7.74 -18.70 -25.65
C TYR C 229 -9.11 -18.15 -25.18
N SER C 230 -9.64 -17.22 -25.97
CA SER C 230 -10.87 -16.47 -25.63
C SER C 230 -12.01 -17.46 -25.29
N ASP C 231 -12.10 -18.59 -25.99
CA ASP C 231 -13.24 -19.54 -25.84
C ASP C 231 -12.96 -20.45 -24.64
N ARG C 232 -11.72 -20.88 -24.52
CA ARG C 232 -11.25 -21.75 -23.42
C ARG C 232 -11.46 -21.02 -22.08
N ILE C 233 -11.05 -19.76 -22.01
CA ILE C 233 -11.07 -18.98 -20.74
C ILE C 233 -12.52 -18.62 -20.40
N GLN C 234 -13.33 -18.29 -21.42
CA GLN C 234 -14.78 -18.00 -21.25
C GLN C 234 -15.47 -19.18 -20.58
N VAL C 235 -15.11 -20.41 -20.97
CA VAL C 235 -15.73 -21.63 -20.38
C VAL C 235 -15.25 -21.77 -18.93
N LEU C 236 -13.95 -21.53 -18.66
CA LEU C 236 -13.39 -21.65 -17.30
C LEU C 236 -14.04 -20.56 -16.42
N GLN C 237 -14.18 -19.35 -16.95
CA GLN C 237 -14.84 -18.24 -16.23
C GLN C 237 -16.26 -18.65 -15.86
N ASN C 238 -17.06 -19.15 -16.81
CA ASN C 238 -18.47 -19.49 -16.56
C ASN C 238 -18.53 -20.71 -15.63
N MET C 239 -17.54 -21.61 -15.72
CA MET C 239 -17.49 -22.81 -14.87
C MET C 239 -17.34 -22.40 -13.40
N VAL C 240 -16.37 -21.52 -13.10
CA VAL C 240 -16.08 -21.12 -11.69
C VAL C 240 -17.23 -20.21 -11.21
N HIS C 241 -17.78 -19.40 -12.11
CA HIS C 241 -19.00 -18.59 -11.85
C HIS C 241 -20.16 -19.52 -11.45
N CYS C 242 -20.41 -20.60 -12.21
CA CYS C 242 -21.46 -21.62 -11.90
C CYS C 242 -21.14 -22.27 -10.55
N ALA C 243 -19.87 -22.58 -10.28
CA ALA C 243 -19.44 -23.15 -8.99
C ALA C 243 -19.80 -22.18 -7.85
N ASP C 244 -19.55 -20.89 -8.09
CA ASP C 244 -19.80 -19.80 -7.10
C ASP C 244 -21.31 -19.71 -6.82
N LEU C 245 -22.14 -19.86 -7.86
CA LEU C 245 -23.62 -19.77 -7.75
C LEU C 245 -24.23 -21.19 -7.75
N SER C 246 -23.53 -22.17 -7.19
CA SER C 246 -24.02 -23.57 -7.24
C SER C 246 -24.85 -23.98 -6.03
N ASN C 247 -25.03 -23.11 -5.05
CA ASN C 247 -25.76 -23.48 -3.81
C ASN C 247 -27.16 -24.02 -4.09
N PRO C 248 -28.03 -23.31 -4.81
CA PRO C 248 -29.38 -23.80 -5.03
C PRO C 248 -29.44 -25.11 -5.84
N THR C 249 -28.33 -25.57 -6.39
CA THR C 249 -28.28 -26.80 -7.23
C THR C 249 -27.82 -27.98 -6.37
N LYS C 250 -27.57 -27.76 -5.08
CA LYS C 250 -27.05 -28.80 -4.19
C LYS C 250 -28.22 -29.46 -3.47
N PRO C 251 -28.02 -30.69 -2.95
CA PRO C 251 -28.96 -31.27 -2.00
C PRO C 251 -29.44 -30.21 -1.00
N LEU C 252 -30.75 -30.24 -0.75
CA LEU C 252 -31.48 -29.22 0.04
C LEU C 252 -30.78 -28.99 1.40
N GLN C 253 -30.27 -30.00 2.09
CA GLN C 253 -29.69 -29.78 3.46
C GLN C 253 -28.45 -28.87 3.35
N LEU C 254 -27.74 -28.91 2.22
CA LEU C 254 -26.58 -28.02 1.94
C LEU C 254 -27.11 -26.62 1.61
N TYR C 255 -28.04 -26.54 0.66
CA TYR C 255 -28.63 -25.26 0.18
C TYR C 255 -29.18 -24.46 1.38
N ARG C 256 -29.90 -25.11 2.28
CA ARG C 256 -30.52 -24.44 3.46
C ARG C 256 -29.45 -23.76 4.31
N GLN C 257 -28.34 -24.44 4.51
CA GLN C 257 -27.22 -23.90 5.32
C GLN C 257 -26.60 -22.69 4.62
N TRP C 258 -26.41 -22.75 3.30
CA TRP C 258 -25.87 -21.61 2.53
C TRP C 258 -26.82 -20.41 2.62
N THR C 259 -28.12 -20.68 2.56
CA THR C 259 -29.16 -19.63 2.62
C THR C 259 -29.08 -18.98 4.01
N ASP C 260 -29.07 -19.76 5.09
CA ASP C 260 -28.97 -19.20 6.46
C ASP C 260 -27.76 -18.26 6.51
N ARG C 261 -26.65 -18.69 5.91
CA ARG C 261 -25.34 -18.02 6.04
C ARG C 261 -25.31 -16.75 5.19
N ILE C 262 -25.78 -16.77 3.95
CA ILE C 262 -25.76 -15.53 3.12
C ILE C 262 -26.70 -14.51 3.77
N MET C 263 -27.80 -14.96 4.37
CA MET C 263 -28.78 -14.04 4.99
C MET C 263 -28.15 -13.42 6.25
N GLU C 264 -27.45 -14.24 7.06
CA GLU C 264 -26.69 -13.74 8.22
C GLU C 264 -25.73 -12.65 7.73
N GLU C 265 -24.97 -12.91 6.68
CA GLU C 265 -23.94 -11.96 6.20
C GLU C 265 -24.60 -10.69 5.74
N PHE C 266 -25.69 -10.79 4.98
CA PHE C 266 -26.43 -9.63 4.42
C PHE C 266 -27.04 -8.80 5.56
N PHE C 267 -27.68 -9.44 6.53
CA PHE C 267 -28.28 -8.71 7.69
C PHE C 267 -27.16 -7.99 8.47
N ARG C 268 -26.01 -8.64 8.66
CA ARG C 268 -24.90 -7.96 9.31
C ARG C 268 -24.45 -6.73 8.52
N GLN C 269 -24.42 -6.83 7.19
CA GLN C 269 -24.08 -5.64 6.38
C GLN C 269 -25.15 -4.57 6.65
N GLY C 270 -26.42 -4.96 6.66
CA GLY C 270 -27.54 -4.02 6.89
C GLY C 270 -27.40 -3.32 8.23
N ASP C 271 -27.06 -4.09 9.28
CA ASP C 271 -26.80 -3.55 10.65
C ASP C 271 -25.65 -2.54 10.61
N ARG C 272 -24.57 -2.84 9.88
CA ARG C 272 -23.40 -1.94 9.75
C ARG C 272 -23.81 -0.67 9.00
N GLU C 273 -24.74 -0.77 8.05
CA GLU C 273 -25.21 0.37 7.23
C GLU C 273 -26.14 1.25 8.09
N ARG C 274 -27.07 0.64 8.84
CA ARG C 274 -28.07 1.36 9.69
C ARG C 274 -27.33 2.09 10.81
N GLU C 275 -26.29 1.46 11.34
CA GLU C 275 -25.42 2.01 12.38
C GLU C 275 -24.85 3.33 11.89
N ARG C 276 -24.30 3.35 10.68
CA ARG C 276 -23.60 4.54 10.12
C ARG C 276 -24.54 5.46 9.36
N GLY C 277 -25.85 5.25 9.48
CA GLY C 277 -26.83 6.13 8.81
C GLY C 277 -26.82 5.98 7.30
N MET C 278 -26.16 4.96 6.77
CA MET C 278 -26.14 4.69 5.30
C MET C 278 -27.49 4.08 4.92
N GLU C 279 -27.88 4.21 3.65
CA GLU C 279 -29.07 3.53 3.11
C GLU C 279 -28.82 2.02 3.23
N ILE C 280 -29.81 1.27 3.72
CA ILE C 280 -29.73 -0.21 3.83
C ILE C 280 -29.87 -0.83 2.45
N SER C 281 -28.91 -1.66 2.04
CA SER C 281 -28.81 -2.31 0.71
C SER C 281 -29.97 -3.31 0.52
N PRO C 282 -30.35 -3.61 -0.74
CA PRO C 282 -31.37 -4.62 -1.01
C PRO C 282 -31.14 -5.94 -0.25
N MET C 283 -32.20 -6.43 0.41
CA MET C 283 -32.30 -7.75 1.11
C MET C 283 -31.33 -7.81 2.30
N CYS C 284 -30.81 -6.66 2.75
CA CYS C 284 -29.94 -6.53 3.94
C CYS C 284 -30.72 -6.07 5.18
N ASP C 285 -31.99 -5.74 5.07
CA ASP C 285 -32.79 -5.24 6.21
C ASP C 285 -33.50 -6.43 6.87
N LYS C 286 -33.04 -6.87 8.05
CA LYS C 286 -33.63 -8.01 8.80
C LYS C 286 -35.07 -7.72 9.23
N HIS C 287 -35.49 -6.46 9.24
CA HIS C 287 -36.84 -6.03 9.70
C HIS C 287 -37.79 -6.02 8.50
N ASN C 288 -37.25 -6.13 7.29
CA ASN C 288 -38.02 -5.94 6.03
C ASN C 288 -37.51 -6.93 4.95
N ALA C 289 -37.50 -8.23 5.23
CA ALA C 289 -36.89 -9.27 4.36
C ALA C 289 -37.81 -10.48 4.18
N SER C 290 -37.78 -11.07 2.96
CA SER C 290 -38.52 -12.30 2.66
C SER C 290 -37.48 -13.33 2.18
N VAL C 291 -36.81 -14.03 3.09
CA VAL C 291 -35.74 -15.03 2.80
C VAL C 291 -36.17 -15.97 1.65
N GLU C 292 -37.34 -16.59 1.78
CA GLU C 292 -37.84 -17.64 0.84
C GLU C 292 -38.14 -17.02 -0.52
N LYS C 293 -38.82 -15.87 -0.55
CA LYS C 293 -39.14 -15.18 -1.83
C LYS C 293 -37.84 -14.73 -2.52
N SER C 294 -36.83 -14.30 -1.75
CA SER C 294 -35.53 -13.82 -2.30
C SER C 294 -34.81 -14.99 -2.98
N GLN C 295 -34.81 -16.18 -2.35
CA GLN C 295 -34.20 -17.39 -2.95
C GLN C 295 -34.90 -17.72 -4.26
N VAL C 296 -36.24 -17.67 -4.28
CA VAL C 296 -36.98 -18.00 -5.52
C VAL C 296 -36.60 -16.97 -6.59
N GLY C 297 -36.55 -15.69 -6.22
CA GLY C 297 -36.14 -14.60 -7.16
C GLY C 297 -34.74 -14.83 -7.68
N PHE C 298 -33.83 -15.23 -6.79
CA PHE C 298 -32.41 -15.48 -7.13
C PHE C 298 -32.33 -16.61 -8.15
N ILE C 299 -33.07 -17.70 -7.87
CA ILE C 299 -33.10 -18.87 -8.79
C ILE C 299 -33.65 -18.41 -10.15
N ASP C 300 -34.81 -17.74 -10.16
CA ASP C 300 -35.57 -17.38 -11.39
C ASP C 300 -34.75 -16.42 -12.27
N TYR C 301 -34.10 -15.41 -11.71
CA TYR C 301 -33.48 -14.29 -12.48
C TYR C 301 -31.98 -14.53 -12.72
N ILE C 302 -31.28 -15.26 -11.85
CA ILE C 302 -29.79 -15.39 -11.94
C ILE C 302 -29.37 -16.85 -12.11
N VAL C 303 -29.70 -17.70 -11.14
CA VAL C 303 -29.10 -19.06 -11.04
C VAL C 303 -29.62 -19.97 -12.18
N HIS C 304 -30.94 -20.05 -12.37
CA HIS C 304 -31.57 -20.94 -13.39
C HIS C 304 -31.13 -20.53 -14.79
N PRO C 305 -31.17 -19.24 -15.21
CA PRO C 305 -30.69 -18.88 -16.53
C PRO C 305 -29.24 -19.31 -16.77
N LEU C 306 -28.39 -19.21 -15.74
CA LEU C 306 -26.96 -19.50 -15.89
C LEU C 306 -26.81 -21.02 -16.06
N TRP C 307 -27.38 -21.79 -15.14
CA TRP C 307 -27.27 -23.27 -15.15
C TRP C 307 -27.99 -23.86 -16.38
N GLU C 308 -29.12 -23.28 -16.82
CA GLU C 308 -29.82 -23.73 -18.04
C GLU C 308 -28.85 -23.57 -19.23
N THR C 309 -28.13 -22.45 -19.33
CA THR C 309 -27.18 -22.23 -20.44
C THR C 309 -25.97 -23.15 -20.30
N TRP C 310 -25.43 -23.33 -19.09
CA TRP C 310 -24.35 -24.31 -18.85
C TRP C 310 -24.86 -25.69 -19.30
N ALA C 311 -26.04 -26.12 -18.86
CA ALA C 311 -26.61 -27.46 -19.15
C ALA C 311 -26.68 -27.68 -20.68
N ASP C 312 -27.07 -26.66 -21.44
CA ASP C 312 -27.08 -26.71 -22.93
C ASP C 312 -25.65 -26.94 -23.41
N LEU C 313 -24.69 -26.16 -22.92
CA LEU C 313 -23.29 -26.27 -23.38
C LEU C 313 -22.80 -27.72 -23.23
N VAL C 314 -23.11 -28.38 -22.13
CA VAL C 314 -22.52 -29.73 -21.79
C VAL C 314 -23.61 -30.82 -21.88
N HIS C 315 -24.70 -30.58 -22.61
CA HIS C 315 -25.81 -31.53 -22.72
C HIS C 315 -25.42 -33.00 -22.91
N PRO C 316 -26.09 -33.91 -22.17
CA PRO C 316 -26.97 -33.71 -21.03
C PRO C 316 -26.25 -34.05 -19.74
N ASP C 317 -25.02 -33.57 -19.58
CA ASP C 317 -24.20 -33.91 -18.39
C ASP C 317 -24.79 -33.26 -17.13
N ALA C 318 -25.47 -32.12 -17.24
CA ALA C 318 -25.91 -31.32 -16.07
C ALA C 318 -27.40 -31.52 -15.76
N GLN C 319 -28.06 -32.49 -16.38
CA GLN C 319 -29.50 -32.72 -16.21
C GLN C 319 -29.88 -32.91 -14.73
N ASP C 320 -29.16 -33.70 -13.93
CA ASP C 320 -29.56 -33.96 -12.51
C ASP C 320 -29.33 -32.70 -11.67
N ILE C 321 -28.29 -31.94 -11.98
CA ILE C 321 -28.00 -30.63 -11.33
C ILE C 321 -29.20 -29.71 -11.60
N LEU C 322 -29.61 -29.56 -12.86
CA LEU C 322 -30.77 -28.71 -13.22
C LEU C 322 -32.04 -29.23 -12.54
N ASP C 323 -32.28 -30.55 -12.51
CA ASP C 323 -33.47 -31.15 -11.84
C ASP C 323 -33.47 -30.75 -10.37
N THR C 324 -32.31 -30.82 -9.71
CA THR C 324 -32.18 -30.48 -8.26
C THR C 324 -32.52 -28.99 -8.06
N LEU C 325 -32.04 -28.14 -8.96
CA LEU C 325 -32.27 -26.67 -8.90
C LEU C 325 -33.77 -26.41 -8.93
N GLU C 326 -34.49 -27.06 -9.85
CA GLU C 326 -35.95 -26.86 -10.07
C GLU C 326 -36.71 -27.43 -8.87
N ASP C 327 -36.27 -28.56 -8.30
CA ASP C 327 -36.89 -29.15 -7.09
C ASP C 327 -36.72 -28.18 -5.91
N ASN C 328 -35.50 -27.68 -5.69
CA ASN C 328 -35.16 -26.76 -4.58
C ASN C 328 -35.94 -25.46 -4.76
N ARG C 329 -36.11 -25.00 -6.00
CA ARG C 329 -36.92 -23.80 -6.28
C ARG C 329 -38.33 -24.01 -5.74
N GLU C 330 -38.97 -25.14 -6.09
CA GLU C 330 -40.38 -25.44 -5.72
C GLU C 330 -40.47 -25.61 -4.22
N TRP C 331 -39.43 -26.16 -3.58
CA TRP C 331 -39.43 -26.31 -2.11
C TRP C 331 -39.48 -24.93 -1.43
N TYR C 332 -38.68 -23.97 -1.88
CA TYR C 332 -38.62 -22.61 -1.26
C TYR C 332 -39.94 -21.90 -1.54
N GLN C 333 -40.47 -22.00 -2.76
CA GLN C 333 -41.79 -21.41 -3.14
C GLN C 333 -42.86 -21.92 -2.16
N SER C 334 -42.86 -23.21 -1.84
CA SER C 334 -43.92 -23.84 -1.03
C SER C 334 -43.76 -23.46 0.45
N THR C 335 -42.75 -22.68 0.82
CA THR C 335 -42.50 -22.26 2.23
C THR C 335 -42.77 -20.76 2.41
N ILE C 336 -43.23 -20.07 1.36
CA ILE C 336 -43.56 -18.61 1.38
C ILE C 336 -44.86 -18.40 2.14
N PRO C 337 -44.87 -17.68 3.29
CA PRO C 337 -46.08 -17.51 4.11
C PRO C 337 -47.19 -16.73 3.39
N GLN D 14 8.45 38.31 -15.38
CA GLN D 14 7.48 39.37 -14.93
C GLN D 14 6.08 38.74 -14.88
N GLU D 15 5.42 38.88 -13.74
CA GLU D 15 4.11 38.28 -13.56
C GLU D 15 3.06 38.98 -14.41
N ASP D 16 3.36 40.19 -14.89
CA ASP D 16 2.39 40.82 -15.78
C ASP D 16 2.45 40.20 -17.19
N VAL D 17 3.66 39.84 -17.65
CA VAL D 17 3.77 39.13 -18.96
C VAL D 17 3.01 37.79 -18.89
N LEU D 18 3.09 37.10 -17.73
CA LEU D 18 2.40 35.82 -17.47
C LEU D 18 0.87 36.04 -17.55
N ALA D 19 0.36 37.07 -16.88
CA ALA D 19 -1.07 37.44 -16.90
C ALA D 19 -1.53 37.75 -18.34
N LYS D 20 -0.67 38.36 -19.15
CA LYS D 20 -1.01 38.67 -20.57
C LYS D 20 -1.16 37.33 -21.31
N GLU D 21 -0.24 36.39 -21.09
CA GLU D 21 -0.26 35.08 -21.81
C GLU D 21 -1.51 34.28 -21.39
N LEU D 22 -1.89 34.34 -20.11
CA LEU D 22 -3.06 33.60 -19.58
C LEU D 22 -4.38 34.19 -20.10
N GLU D 23 -4.36 35.31 -20.82
CA GLU D 23 -5.59 35.85 -21.44
C GLU D 23 -5.96 34.99 -22.65
N ASP D 24 -5.01 34.21 -23.18
CA ASP D 24 -5.25 33.28 -24.33
C ASP D 24 -5.81 31.93 -23.83
N VAL D 25 -6.15 31.81 -22.56
CA VAL D 25 -6.55 30.52 -21.92
C VAL D 25 -7.80 29.94 -22.60
N ASN D 26 -8.61 30.74 -23.33
CA ASN D 26 -9.85 30.28 -24.00
C ASN D 26 -9.56 29.93 -25.46
N LYS D 27 -8.30 30.05 -25.88
CA LYS D 27 -7.90 29.88 -27.30
C LYS D 27 -7.09 28.58 -27.51
N TRP D 28 -7.41 27.85 -28.56
CA TRP D 28 -6.55 26.78 -29.14
C TRP D 28 -5.24 27.42 -29.58
N GLY D 29 -4.09 26.91 -29.13
CA GLY D 29 -2.80 27.52 -29.56
C GLY D 29 -2.16 28.40 -28.50
N LEU D 30 -2.65 28.29 -27.28
CA LEU D 30 -2.03 28.83 -26.05
C LEU D 30 -0.54 28.52 -26.06
N HIS D 31 0.30 29.50 -25.74
CA HIS D 31 1.78 29.37 -25.65
C HIS D 31 2.10 28.70 -24.31
N VAL D 32 1.78 27.41 -24.20
CA VAL D 32 1.84 26.66 -22.92
C VAL D 32 3.29 26.53 -22.47
N PHE D 33 4.25 26.42 -23.39
CA PHE D 33 5.69 26.29 -23.06
C PHE D 33 6.17 27.64 -22.47
N ARG D 34 5.76 28.75 -23.08
CA ARG D 34 6.09 30.09 -22.56
C ARG D 34 5.47 30.26 -21.17
N ILE D 35 4.25 29.76 -20.95
CA ILE D 35 3.58 29.87 -19.62
C ILE D 35 4.36 29.06 -18.58
N ALA D 36 4.84 27.85 -18.95
CA ALA D 36 5.69 27.02 -18.08
C ALA D 36 6.99 27.77 -17.70
N GLU D 37 7.62 28.46 -18.65
CA GLU D 37 8.85 29.28 -18.39
C GLU D 37 8.49 30.40 -17.40
N LEU D 38 7.42 31.14 -17.63
CA LEU D 38 7.10 32.38 -16.86
C LEU D 38 6.57 32.03 -15.47
N SER D 39 5.91 30.88 -15.29
CA SER D 39 5.32 30.46 -14.00
C SER D 39 6.38 29.81 -13.09
N GLY D 40 7.64 29.72 -13.53
CA GLY D 40 8.67 28.93 -12.83
C GLY D 40 8.32 27.44 -12.79
N ASN D 41 7.91 26.88 -13.93
CA ASN D 41 7.54 25.45 -14.11
C ASN D 41 6.26 25.15 -13.31
N ARG D 42 5.30 26.07 -13.32
CA ARG D 42 3.99 25.89 -12.63
C ARG D 42 2.86 26.04 -13.64
N PRO D 43 2.98 25.54 -14.89
CA PRO D 43 1.94 25.74 -15.89
C PRO D 43 0.62 25.08 -15.45
N LEU D 44 0.67 23.91 -14.80
CA LEU D 44 -0.58 23.19 -14.47
C LEU D 44 -1.32 24.03 -13.42
N THR D 45 -0.60 24.54 -12.43
CA THR D 45 -1.18 25.29 -11.29
C THR D 45 -1.81 26.58 -11.80
N VAL D 46 -1.09 27.38 -12.58
CA VAL D 46 -1.59 28.73 -13.01
C VAL D 46 -2.73 28.54 -14.00
N ILE D 47 -2.61 27.62 -14.94
CA ILE D 47 -3.69 27.38 -15.93
C ILE D 47 -4.94 26.81 -15.24
N MET D 48 -4.80 25.86 -14.32
CA MET D 48 -5.96 25.31 -13.58
C MET D 48 -6.61 26.42 -12.73
N HIS D 49 -5.82 27.25 -12.09
CA HIS D 49 -6.32 28.36 -11.23
C HIS D 49 -7.12 29.33 -12.12
N THR D 50 -6.52 29.82 -13.22
CA THR D 50 -7.17 30.74 -14.18
C THR D 50 -8.49 30.12 -14.63
N ILE D 51 -8.51 28.85 -15.01
CA ILE D 51 -9.73 28.15 -15.49
C ILE D 51 -10.75 28.08 -14.34
N PHE D 52 -10.33 27.78 -13.12
CA PHE D 52 -11.31 27.66 -12.02
C PHE D 52 -11.97 29.03 -11.73
N GLN D 53 -11.19 30.11 -11.71
CA GLN D 53 -11.69 31.52 -11.62
C GLN D 53 -12.63 31.79 -12.80
N GLU D 54 -12.21 31.55 -14.04
CA GLU D 54 -12.99 31.92 -15.25
C GLU D 54 -14.37 31.22 -15.18
N ARG D 55 -14.44 29.98 -14.72
CA ARG D 55 -15.70 29.20 -14.74
C ARG D 55 -16.38 29.31 -13.38
N ASP D 56 -15.85 30.14 -12.48
CA ASP D 56 -16.46 30.45 -11.16
C ASP D 56 -16.65 29.15 -10.36
N LEU D 57 -15.72 28.21 -10.48
CA LEU D 57 -15.82 26.87 -9.86
C LEU D 57 -15.54 26.94 -8.36
N LEU D 58 -14.68 27.86 -7.93
CA LEU D 58 -14.38 28.09 -6.48
C LEU D 58 -15.66 28.46 -5.73
N LYS D 59 -16.41 29.43 -6.24
CA LYS D 59 -17.69 29.89 -5.63
C LYS D 59 -18.70 28.74 -5.67
N THR D 60 -18.92 28.16 -6.83
CA THR D 60 -19.99 27.13 -7.03
C THR D 60 -19.79 25.95 -6.07
N PHE D 61 -18.54 25.53 -5.83
CA PHE D 61 -18.22 24.29 -5.08
C PHE D 61 -17.54 24.62 -3.74
N LYS D 62 -17.47 25.90 -3.39
CA LYS D 62 -17.02 26.37 -2.05
C LYS D 62 -15.64 25.77 -1.81
N ILE D 63 -14.78 25.94 -2.80
CA ILE D 63 -13.37 25.46 -2.76
C ILE D 63 -12.56 26.62 -2.20
N PRO D 64 -11.97 26.46 -1.01
CA PRO D 64 -11.05 27.48 -0.50
C PRO D 64 -9.90 27.68 -1.50
N VAL D 65 -9.59 28.91 -1.85
CA VAL D 65 -8.54 29.22 -2.86
C VAL D 65 -7.19 28.66 -2.38
N ASP D 66 -6.86 28.75 -1.09
CA ASP D 66 -5.60 28.21 -0.50
C ASP D 66 -5.57 26.68 -0.70
N THR D 67 -6.70 25.99 -0.54
CA THR D 67 -6.77 24.51 -0.69
C THR D 67 -6.52 24.16 -2.17
N LEU D 68 -7.18 24.89 -3.05
CA LEU D 68 -7.02 24.69 -4.51
C LEU D 68 -5.56 24.80 -4.87
N ILE D 69 -4.89 25.85 -4.43
CA ILE D 69 -3.49 26.13 -4.87
C ILE D 69 -2.58 25.06 -4.26
N THR D 70 -2.82 24.67 -3.02
CA THR D 70 -2.01 23.60 -2.35
C THR D 70 -2.18 22.30 -3.14
N TYR D 71 -3.42 21.92 -3.46
CA TYR D 71 -3.64 20.66 -4.22
C TYR D 71 -3.00 20.79 -5.60
N LEU D 72 -3.16 21.92 -6.28
CA LEU D 72 -2.60 22.09 -7.65
C LEU D 72 -1.09 21.95 -7.59
N MET D 73 -0.46 22.57 -6.61
CA MET D 73 1.01 22.52 -6.49
C MET D 73 1.44 21.08 -6.17
N THR D 74 0.71 20.39 -5.29
CA THR D 74 1.00 18.99 -4.93
C THR D 74 0.86 18.11 -6.18
N LEU D 75 -0.23 18.23 -6.91
CA LEU D 75 -0.48 17.45 -8.13
C LEU D 75 0.65 17.72 -9.11
N GLU D 76 0.97 19.00 -9.36
CA GLU D 76 2.02 19.34 -10.36
C GLU D 76 3.34 18.68 -9.94
N ASP D 77 3.61 18.65 -8.63
CA ASP D 77 4.88 18.12 -8.07
C ASP D 77 4.98 16.61 -8.31
N HIS D 78 3.87 15.90 -8.51
CA HIS D 78 3.85 14.44 -8.72
C HIS D 78 3.87 14.09 -10.19
N TYR D 79 3.97 15.07 -11.07
CA TYR D 79 4.42 14.89 -12.47
C TYR D 79 5.94 14.93 -12.43
N HIS D 80 6.60 14.07 -13.20
CA HIS D 80 8.07 13.89 -13.16
C HIS D 80 8.73 14.95 -14.04
N ALA D 81 9.56 15.81 -13.45
CA ALA D 81 10.34 16.85 -14.15
C ALA D 81 11.30 16.25 -15.19
N ASP D 82 11.78 15.01 -15.00
CA ASP D 82 12.78 14.31 -15.84
C ASP D 82 12.13 13.59 -17.04
N VAL D 83 10.80 13.56 -17.14
CA VAL D 83 10.07 12.90 -18.25
C VAL D 83 9.78 13.97 -19.32
N ALA D 84 10.09 13.69 -20.58
CA ALA D 84 10.13 14.75 -21.63
C ALA D 84 8.73 15.12 -22.10
N TYR D 85 7.83 14.15 -22.19
CA TYR D 85 6.45 14.39 -22.68
C TYR D 85 5.45 14.31 -21.52
N HIS D 86 5.32 13.18 -20.83
CA HIS D 86 4.25 12.92 -19.83
C HIS D 86 4.56 13.64 -18.51
N ASN D 87 4.57 14.97 -18.55
CA ASN D 87 4.94 15.86 -17.44
C ASN D 87 3.82 16.88 -17.19
N ASN D 88 4.06 17.80 -16.27
CA ASN D 88 3.11 18.88 -15.87
C ASN D 88 2.74 19.74 -17.08
N ILE D 89 3.63 19.91 -18.06
CA ILE D 89 3.30 20.76 -19.23
C ILE D 89 2.22 20.05 -20.05
N HIS D 90 2.38 18.75 -20.32
CA HIS D 90 1.36 17.93 -21.02
C HIS D 90 0.04 18.01 -20.26
N ALA D 91 0.06 17.82 -18.95
CA ALA D 91 -1.12 17.88 -18.07
C ALA D 91 -1.79 19.26 -18.26
N ALA D 92 -1.02 20.34 -18.20
CA ALA D 92 -1.53 21.71 -18.34
C ALA D 92 -2.18 21.83 -19.74
N ASP D 93 -1.52 21.32 -20.76
CA ASP D 93 -2.00 21.40 -22.14
C ASP D 93 -3.34 20.68 -22.31
N VAL D 94 -3.48 19.50 -21.72
CA VAL D 94 -4.73 18.70 -21.86
C VAL D 94 -5.86 19.39 -21.10
N VAL D 95 -5.55 19.96 -19.95
CA VAL D 95 -6.52 20.73 -19.12
C VAL D 95 -7.04 21.89 -19.97
N GLN D 96 -6.14 22.66 -20.56
CA GLN D 96 -6.51 23.88 -21.28
C GLN D 96 -7.28 23.50 -22.54
N SER D 97 -6.90 22.40 -23.18
CA SER D 97 -7.54 21.94 -24.43
C SER D 97 -8.95 21.43 -24.12
N THR D 98 -9.11 20.73 -23.01
CA THR D 98 -10.42 20.23 -22.55
C THR D 98 -11.30 21.44 -22.26
N HIS D 99 -10.71 22.47 -21.66
CA HIS D 99 -11.42 23.72 -21.29
C HIS D 99 -11.97 24.36 -22.54
N VAL D 100 -11.17 24.46 -23.60
CA VAL D 100 -11.62 25.06 -24.89
C VAL D 100 -12.72 24.17 -25.49
N LEU D 101 -12.57 22.85 -25.46
CA LEU D 101 -13.56 21.94 -26.07
C LEU D 101 -14.89 22.05 -25.30
N LEU D 102 -14.89 22.18 -23.98
CA LEU D 102 -16.13 22.31 -23.17
C LEU D 102 -16.90 23.59 -23.55
N SER D 103 -16.18 24.63 -23.94
CA SER D 103 -16.66 25.99 -24.31
C SER D 103 -17.23 25.99 -25.73
N THR D 104 -17.15 24.90 -26.46
CA THR D 104 -17.57 24.86 -27.89
C THR D 104 -19.07 25.24 -27.96
N PRO D 105 -19.45 26.13 -28.91
CA PRO D 105 -20.85 26.55 -29.06
C PRO D 105 -21.85 25.39 -29.07
N ALA D 106 -21.54 24.30 -29.76
CA ALA D 106 -22.42 23.13 -29.92
C ALA D 106 -22.69 22.43 -28.58
N LEU D 107 -21.94 22.75 -27.53
CA LEU D 107 -22.11 22.09 -26.20
C LEU D 107 -22.55 23.12 -25.14
N GLU D 108 -22.91 24.34 -25.55
CA GLU D 108 -23.25 25.40 -24.57
C GLU D 108 -24.43 24.91 -23.70
N ALA D 109 -24.28 24.97 -22.39
CA ALA D 109 -25.31 24.60 -21.38
C ALA D 109 -25.71 23.11 -21.43
N VAL D 110 -24.99 22.28 -22.17
CA VAL D 110 -25.26 20.82 -22.19
C VAL D 110 -24.87 20.16 -20.86
N PHE D 111 -23.70 20.49 -20.31
CA PHE D 111 -23.10 19.80 -19.14
C PHE D 111 -23.30 20.62 -17.87
N THR D 112 -23.55 19.91 -16.76
CA THR D 112 -23.70 20.52 -15.40
C THR D 112 -22.33 21.03 -14.92
N ASP D 113 -22.33 21.84 -13.87
CA ASP D 113 -21.11 22.36 -13.21
C ASP D 113 -20.28 21.16 -12.72
N LEU D 114 -20.95 20.11 -12.20
CA LEU D 114 -20.29 18.93 -11.64
C LEU D 114 -19.56 18.19 -12.79
N GLU D 115 -20.23 17.99 -13.91
CA GLU D 115 -19.61 17.36 -15.10
C GLU D 115 -18.42 18.20 -15.59
N ILE D 116 -18.53 19.52 -15.61
CA ILE D 116 -17.41 20.40 -16.08
C ILE D 116 -16.22 20.17 -15.15
N LEU D 117 -16.48 20.18 -13.86
CA LEU D 117 -15.49 19.93 -12.77
C LEU D 117 -14.82 18.58 -12.99
N ALA D 118 -15.60 17.53 -13.28
CA ALA D 118 -15.11 16.15 -13.52
C ALA D 118 -14.15 16.14 -14.71
N ALA D 119 -14.56 16.73 -15.82
CA ALA D 119 -13.76 16.72 -17.07
C ALA D 119 -12.43 17.45 -16.82
N ILE D 120 -12.47 18.57 -16.14
CA ILE D 120 -11.23 19.40 -15.97
C ILE D 120 -10.34 18.71 -14.92
N PHE D 121 -10.92 18.22 -13.82
CA PHE D 121 -10.15 17.52 -12.78
C PHE D 121 -9.52 16.28 -13.41
N ALA D 122 -10.30 15.47 -14.13
CA ALA D 122 -9.80 14.29 -14.87
C ALA D 122 -8.58 14.69 -15.70
N SER D 123 -8.70 15.75 -16.49
CA SER D 123 -7.63 16.24 -17.39
C SER D 123 -6.37 16.50 -16.57
N ALA D 124 -6.53 17.09 -15.40
CA ALA D 124 -5.38 17.54 -14.59
C ALA D 124 -4.62 16.34 -14.03
N ILE D 125 -5.32 15.27 -13.67
CA ILE D 125 -4.69 14.10 -12.98
C ILE D 125 -4.36 12.98 -13.97
N HIS D 126 -4.68 13.13 -15.25
CA HIS D 126 -4.88 11.97 -16.16
C HIS D 126 -3.58 11.22 -16.43
N ASP D 127 -2.44 11.86 -16.21
CA ASP D 127 -1.10 11.23 -16.41
C ASP D 127 -0.21 11.45 -15.18
N VAL D 128 -0.75 11.69 -14.00
CA VAL D 128 0.10 12.04 -12.83
C VAL D 128 0.95 10.81 -12.47
N ASP D 129 2.22 11.06 -12.13
CA ASP D 129 3.20 10.04 -11.69
C ASP D 129 3.50 9.10 -12.85
N HIS D 130 3.42 9.59 -14.08
CA HIS D 130 3.79 8.82 -15.28
C HIS D 130 5.30 8.65 -15.24
N PRO D 131 5.81 7.40 -15.31
CA PRO D 131 7.26 7.14 -15.34
C PRO D 131 7.98 7.31 -16.69
N GLY D 132 7.27 7.62 -17.76
CA GLY D 132 7.89 7.93 -19.08
C GLY D 132 8.16 6.66 -19.89
N VAL D 133 7.46 5.58 -19.53
CA VAL D 133 7.49 4.28 -20.26
C VAL D 133 6.05 3.79 -20.41
N SER D 134 5.83 2.85 -21.32
CA SER D 134 4.50 2.34 -21.72
C SER D 134 3.97 1.31 -20.73
N ASN D 135 2.68 1.07 -20.76
CA ASN D 135 2.06 -0.06 -20.03
C ASN D 135 2.82 -1.36 -20.40
N GLN D 136 3.16 -1.56 -21.67
CA GLN D 136 3.77 -2.84 -22.13
C GLN D 136 5.15 -2.97 -21.47
N PHE D 137 5.91 -1.89 -21.36
CA PHE D 137 7.23 -1.92 -20.70
C PHE D 137 7.04 -2.34 -19.24
N LEU D 138 6.06 -1.76 -18.56
CA LEU D 138 5.79 -2.07 -17.13
C LEU D 138 5.36 -3.53 -16.99
N ILE D 139 4.62 -4.05 -17.96
CA ILE D 139 4.17 -5.47 -17.93
C ILE D 139 5.40 -6.38 -18.16
N ASN D 140 6.19 -6.08 -19.17
CA ASN D 140 7.33 -6.95 -19.59
C ASN D 140 8.41 -6.98 -18.50
N THR D 141 8.52 -5.96 -17.65
CA THR D 141 9.53 -5.90 -16.55
C THR D 141 8.93 -6.45 -15.26
N ASN D 142 7.72 -6.99 -15.26
CA ASN D 142 7.08 -7.50 -14.02
C ASN D 142 7.06 -6.41 -12.93
N SER D 143 6.80 -5.15 -13.28
CA SER D 143 6.80 -4.02 -12.32
C SER D 143 5.66 -4.20 -11.32
N GLU D 144 5.84 -3.69 -10.11
CA GLU D 144 4.80 -3.71 -9.05
C GLU D 144 3.47 -3.12 -9.58
N LEU D 145 3.50 -2.04 -10.36
CA LEU D 145 2.27 -1.41 -10.92
C LEU D 145 1.50 -2.39 -11.79
N ALA D 146 2.20 -3.08 -12.70
CA ALA D 146 1.63 -4.11 -13.60
C ALA D 146 0.95 -5.20 -12.75
N LEU D 147 1.56 -5.58 -11.64
CA LEU D 147 1.06 -6.63 -10.74
C LEU D 147 -0.18 -6.13 -10.04
N MET D 148 -0.16 -4.90 -9.57
CA MET D 148 -1.27 -4.27 -8.79
C MET D 148 -2.54 -4.24 -9.64
N TYR D 149 -2.40 -3.96 -10.92
CA TYR D 149 -3.54 -3.66 -11.82
C TYR D 149 -3.74 -4.74 -12.90
N ASN D 150 -3.22 -5.94 -12.66
CA ASN D 150 -3.47 -7.13 -13.54
C ASN D 150 -3.19 -6.80 -15.01
N ASP D 151 -2.13 -6.04 -15.28
CA ASP D 151 -1.66 -5.68 -16.65
C ASP D 151 -2.74 -4.92 -17.43
N SER D 152 -3.78 -4.40 -16.79
CA SER D 152 -4.96 -3.79 -17.44
C SER D 152 -4.97 -2.28 -17.13
N SER D 153 -4.74 -1.46 -18.15
CA SER D 153 -4.71 0.01 -18.03
C SER D 153 -3.86 0.38 -16.81
N VAL D 154 -2.64 -0.12 -16.77
CA VAL D 154 -1.80 -0.07 -15.54
C VAL D 154 -1.55 1.38 -15.18
N LEU D 155 -1.00 2.18 -16.10
CA LEU D 155 -0.68 3.59 -15.83
C LEU D 155 -1.97 4.36 -15.48
N GLU D 156 -3.07 4.09 -16.19
CA GLU D 156 -4.31 4.89 -16.07
C GLU D 156 -4.95 4.61 -14.70
N ASN D 157 -4.95 3.36 -14.25
CA ASN D 157 -5.38 3.02 -12.86
C ASN D 157 -4.50 3.80 -11.87
N HIS D 158 -3.19 3.84 -12.11
CA HIS D 158 -2.29 4.52 -11.18
C HIS D 158 -2.53 6.03 -11.14
N HIS D 159 -2.65 6.65 -12.30
CA HIS D 159 -2.90 8.10 -12.41
C HIS D 159 -4.12 8.43 -11.53
N LEU D 160 -5.19 7.67 -11.68
CA LEU D 160 -6.42 7.87 -10.88
C LEU D 160 -6.10 7.74 -9.38
N ALA D 161 -5.49 6.63 -8.97
CA ALA D 161 -5.24 6.35 -7.55
C ALA D 161 -4.42 7.50 -6.96
N VAL D 162 -3.39 7.98 -7.66
CA VAL D 162 -2.51 9.06 -7.12
C VAL D 162 -3.31 10.36 -7.06
N GLY D 163 -4.02 10.72 -8.12
CA GLY D 163 -4.79 11.96 -8.18
C GLY D 163 -5.77 12.08 -7.01
N PHE D 164 -6.47 10.99 -6.69
CA PHE D 164 -7.44 10.93 -5.55
C PHE D 164 -6.69 10.94 -4.23
N LYS D 165 -5.64 10.14 -4.11
CA LYS D 165 -4.85 10.02 -2.87
C LYS D 165 -4.26 11.37 -2.49
N LEU D 166 -3.85 12.21 -3.45
CA LEU D 166 -3.21 13.51 -3.12
C LEU D 166 -4.23 14.44 -2.44
N LEU D 167 -5.53 14.18 -2.56
CA LEU D 167 -6.58 14.99 -1.86
C LEU D 167 -6.42 14.87 -0.35
N GLN D 168 -5.76 13.83 0.15
CA GLN D 168 -5.60 13.57 1.60
C GLN D 168 -4.35 14.26 2.15
N GLU D 169 -3.54 14.93 1.34
CA GLU D 169 -2.36 15.67 1.90
C GLU D 169 -2.89 16.94 2.60
N GLU D 170 -2.05 17.59 3.41
CA GLU D 170 -2.42 18.76 4.24
C GLU D 170 -3.04 19.84 3.35
N ASN D 171 -4.28 20.23 3.65
CA ASN D 171 -5.01 21.34 2.98
C ASN D 171 -5.11 21.10 1.46
N CYS D 172 -5.43 19.85 1.07
CA CYS D 172 -5.48 19.43 -0.37
C CYS D 172 -6.89 18.96 -0.77
N ASP D 173 -7.85 18.86 0.15
CA ASP D 173 -9.18 18.29 -0.18
C ASP D 173 -10.04 19.40 -0.81
N ILE D 174 -9.91 19.59 -2.11
CA ILE D 174 -10.64 20.66 -2.86
C ILE D 174 -12.13 20.30 -2.95
N PHE D 175 -12.52 19.06 -2.67
CA PHE D 175 -13.92 18.60 -2.70
C PHE D 175 -14.52 18.49 -1.29
N GLN D 176 -13.94 19.16 -0.29
CA GLN D 176 -14.37 19.03 1.15
C GLN D 176 -15.84 19.47 1.32
N ASN D 177 -16.29 20.45 0.53
CA ASN D 177 -17.63 21.09 0.67
C ASN D 177 -18.63 20.50 -0.34
N LEU D 178 -18.27 19.56 -1.19
CA LEU D 178 -19.27 18.80 -1.99
C LEU D 178 -20.03 17.83 -1.08
N THR D 179 -21.29 17.58 -1.40
CA THR D 179 -22.14 16.58 -0.71
C THR D 179 -21.63 15.19 -1.07
N LYS D 180 -22.02 14.17 -0.31
CA LYS D 180 -21.71 12.76 -0.63
C LYS D 180 -22.18 12.44 -2.06
N LYS D 181 -23.40 12.82 -2.42
CA LYS D 181 -23.89 12.54 -3.77
C LYS D 181 -22.97 13.15 -4.81
N GLN D 182 -22.70 14.44 -4.69
CA GLN D 182 -21.82 15.14 -5.67
C GLN D 182 -20.47 14.39 -5.76
N ARG D 183 -19.92 13.95 -4.62
CA ARG D 183 -18.57 13.33 -4.59
C ARG D 183 -18.63 11.96 -5.26
N GLN D 184 -19.67 11.17 -5.03
CA GLN D 184 -19.83 9.82 -5.66
C GLN D 184 -19.93 9.99 -7.18
N SER D 185 -20.71 10.94 -7.63
CA SER D 185 -20.94 11.22 -9.07
C SER D 185 -19.64 11.70 -9.72
N LEU D 186 -18.93 12.65 -9.08
CA LEU D 186 -17.69 13.22 -9.60
C LEU D 186 -16.66 12.11 -9.72
N ARG D 187 -16.55 11.28 -8.68
CA ARG D 187 -15.57 10.16 -8.64
C ARG D 187 -15.83 9.23 -9.83
N LYS D 188 -17.07 8.78 -10.01
CA LYS D 188 -17.40 7.81 -11.08
C LYS D 188 -17.01 8.46 -12.43
N MET D 189 -17.40 9.70 -12.66
CA MET D 189 -17.15 10.34 -13.97
C MET D 189 -15.63 10.47 -14.18
N VAL D 190 -14.86 10.85 -13.15
CA VAL D 190 -13.40 11.05 -13.32
C VAL D 190 -12.75 9.69 -13.64
N ILE D 191 -13.17 8.64 -12.97
CA ILE D 191 -12.61 7.29 -13.26
C ILE D 191 -12.95 6.90 -14.71
N ASP D 192 -14.19 7.09 -15.12
CA ASP D 192 -14.64 6.70 -16.49
C ASP D 192 -13.82 7.49 -17.53
N ILE D 193 -13.55 8.77 -17.28
CA ILE D 193 -12.80 9.62 -18.23
C ILE D 193 -11.34 9.16 -18.29
N VAL D 194 -10.67 9.00 -17.16
CA VAL D 194 -9.20 8.72 -17.17
C VAL D 194 -8.92 7.31 -17.73
N LEU D 195 -9.75 6.31 -17.39
CA LEU D 195 -9.58 4.93 -17.92
C LEU D 195 -9.66 4.94 -19.46
N ALA D 196 -10.43 5.88 -20.00
CA ALA D 196 -10.67 6.01 -21.45
C ALA D 196 -9.49 6.68 -22.17
N THR D 197 -8.47 7.17 -21.44
CA THR D 197 -7.26 7.77 -22.06
C THR D 197 -6.28 6.67 -22.49
N ASP D 198 -6.42 5.46 -21.98
CA ASP D 198 -5.64 4.28 -22.45
C ASP D 198 -5.87 4.08 -23.97
N MET D 199 -4.83 4.18 -24.79
CA MET D 199 -4.91 4.08 -26.27
C MET D 199 -5.45 2.72 -26.71
N SER D 200 -5.38 1.69 -25.87
CA SER D 200 -5.96 0.37 -26.19
C SER D 200 -7.48 0.49 -26.29
N LYS D 201 -8.10 1.54 -25.72
CA LYS D 201 -9.57 1.76 -25.79
C LYS D 201 -9.96 2.69 -26.96
N HIS D 202 -9.00 3.24 -27.70
CA HIS D 202 -9.34 4.23 -28.76
C HIS D 202 -10.36 3.78 -29.80
N MET D 203 -10.16 2.60 -30.38
CA MET D 203 -11.04 2.08 -31.46
C MET D 203 -12.48 1.98 -30.96
N ASN D 204 -12.71 1.48 -29.74
CA ASN D 204 -14.09 1.33 -29.20
C ASN D 204 -14.71 2.70 -28.95
N LEU D 205 -13.94 3.61 -28.35
CA LEU D 205 -14.38 4.99 -28.09
C LEU D 205 -14.80 5.65 -29.41
N LEU D 206 -13.97 5.52 -30.46
CA LEU D 206 -14.19 6.15 -31.78
C LEU D 206 -15.42 5.52 -32.44
N ALA D 207 -15.58 4.20 -32.34
CA ALA D 207 -16.76 3.49 -32.87
C ALA D 207 -18.03 4.11 -32.26
N ASP D 208 -18.02 4.31 -30.94
CA ASP D 208 -19.18 4.87 -30.18
C ASP D 208 -19.41 6.34 -30.54
N LEU D 209 -18.34 7.11 -30.74
CA LEU D 209 -18.45 8.52 -31.15
C LEU D 209 -19.11 8.59 -32.54
N LYS D 210 -18.69 7.72 -33.46
CA LYS D 210 -19.24 7.61 -34.85
C LYS D 210 -20.73 7.28 -34.77
N THR D 211 -21.10 6.27 -33.98
CA THR D 211 -22.52 5.88 -33.72
C THR D 211 -23.29 7.11 -33.25
N MET D 212 -22.69 7.93 -32.40
CA MET D 212 -23.38 9.11 -31.81
C MET D 212 -23.54 10.20 -32.87
N VAL D 213 -22.59 10.36 -33.79
CA VAL D 213 -22.69 11.34 -34.92
C VAL D 213 -23.81 10.92 -35.88
N GLU D 214 -23.92 9.64 -36.19
CA GLU D 214 -24.97 9.06 -37.08
C GLU D 214 -26.38 9.27 -36.48
N THR D 215 -26.55 9.24 -35.16
CA THR D 215 -27.87 9.30 -34.46
C THR D 215 -28.03 10.66 -33.75
N LYS D 216 -27.21 11.62 -34.14
CA LYS D 216 -27.05 12.95 -33.46
C LYS D 216 -28.37 13.69 -33.49
N LYS D 217 -28.79 14.19 -32.32
CA LYS D 217 -29.99 15.00 -32.21
C LYS D 217 -29.62 16.34 -31.56
N VAL D 218 -30.11 17.45 -32.09
CA VAL D 218 -29.86 18.82 -31.57
C VAL D 218 -31.15 19.29 -30.90
N THR D 219 -31.06 20.10 -29.84
CA THR D 219 -32.20 20.81 -29.20
C THR D 219 -32.60 22.02 -30.05
N SER D 220 -33.67 22.71 -29.68
CA SER D 220 -34.20 23.91 -30.40
C SER D 220 -33.18 25.06 -30.32
N SER D 221 -32.36 25.07 -29.26
CA SER D 221 -31.30 26.06 -28.95
C SER D 221 -30.00 25.71 -29.71
N GLY D 222 -29.96 24.58 -30.43
CA GLY D 222 -28.88 24.29 -31.40
C GLY D 222 -27.67 23.58 -30.77
N VAL D 223 -27.86 23.04 -29.55
CA VAL D 223 -26.81 22.30 -28.80
C VAL D 223 -27.19 20.82 -28.84
N LEU D 224 -26.20 19.96 -28.68
CA LEU D 224 -26.34 18.49 -28.62
C LEU D 224 -27.36 18.10 -27.55
N LEU D 225 -28.24 17.16 -27.88
CA LEU D 225 -29.13 16.45 -26.92
C LEU D 225 -28.42 15.18 -26.41
N LEU D 226 -28.17 15.09 -25.11
CA LEU D 226 -27.55 13.92 -24.43
C LEU D 226 -28.38 13.61 -23.18
N ASP D 227 -29.27 12.64 -23.24
CA ASP D 227 -30.36 12.51 -22.23
C ASP D 227 -30.13 11.28 -21.33
N ASN D 228 -29.02 10.57 -21.48
CA ASN D 228 -28.63 9.42 -20.60
C ASN D 228 -27.15 9.55 -20.20
N TYR D 229 -26.77 8.94 -19.06
CA TYR D 229 -25.38 8.95 -18.53
C TYR D 229 -24.41 8.45 -19.60
N SER D 230 -24.76 7.32 -20.19
CA SER D 230 -23.92 6.60 -21.17
C SER D 230 -23.46 7.56 -22.29
N ASP D 231 -24.33 8.47 -22.73
CA ASP D 231 -24.05 9.34 -23.90
C ASP D 231 -23.25 10.54 -23.41
N ARG D 232 -23.62 11.06 -22.25
CA ARG D 232 -22.94 12.21 -21.61
C ARG D 232 -21.48 11.84 -21.33
N ILE D 233 -21.26 10.69 -20.70
CA ILE D 233 -19.90 10.23 -20.32
C ILE D 233 -19.10 9.87 -21.57
N GLN D 234 -19.71 9.32 -22.60
CA GLN D 234 -18.99 9.01 -23.83
C GLN D 234 -18.44 10.26 -24.48
N VAL D 235 -19.21 11.34 -24.44
CA VAL D 235 -18.75 12.63 -25.02
C VAL D 235 -17.61 13.18 -24.17
N LEU D 236 -17.70 13.08 -22.84
CA LEU D 236 -16.63 13.60 -21.97
C LEU D 236 -15.38 12.76 -22.17
N GLN D 237 -15.53 11.45 -22.29
CA GLN D 237 -14.41 10.52 -22.56
C GLN D 237 -13.73 10.94 -23.87
N ASN D 238 -14.50 11.07 -24.96
CA ASN D 238 -13.93 11.40 -26.30
C ASN D 238 -13.34 12.81 -26.26
N MET D 239 -13.92 13.71 -25.47
CA MET D 239 -13.43 15.10 -25.37
C MET D 239 -12.02 15.09 -24.78
N VAL D 240 -11.82 14.42 -23.64
CA VAL D 240 -10.49 14.40 -22.95
C VAL D 240 -9.52 13.60 -23.81
N HIS D 241 -10.01 12.54 -24.46
CA HIS D 241 -9.23 11.74 -25.42
C HIS D 241 -8.73 12.65 -26.56
N CYS D 242 -9.60 13.46 -27.16
CA CYS D 242 -9.25 14.45 -28.23
C CYS D 242 -8.26 15.45 -27.66
N ALA D 243 -8.47 15.91 -26.43
CA ALA D 243 -7.50 16.85 -25.78
C ALA D 243 -6.13 16.18 -25.65
N ASP D 244 -6.12 14.90 -25.28
CA ASP D 244 -4.89 14.11 -25.10
C ASP D 244 -4.15 13.98 -26.45
N LEU D 245 -4.90 13.75 -27.53
CA LEU D 245 -4.36 13.58 -28.90
C LEU D 245 -4.52 14.89 -29.71
N SER D 246 -4.49 16.03 -29.04
CA SER D 246 -4.69 17.30 -29.74
C SER D 246 -3.36 17.89 -30.20
N ASN D 247 -2.20 17.29 -29.93
CA ASN D 247 -0.96 17.93 -30.44
C ASN D 247 -0.91 18.24 -31.97
N PRO D 248 -1.22 17.25 -32.88
CA PRO D 248 -1.09 17.57 -34.31
C PRO D 248 -2.10 18.60 -34.81
N THR D 249 -3.02 19.02 -33.95
CA THR D 249 -4.04 19.98 -34.34
C THR D 249 -3.67 21.34 -33.80
N LYS D 250 -2.48 21.44 -33.22
CA LYS D 250 -2.04 22.71 -32.65
C LYS D 250 -1.15 23.49 -33.63
N PRO D 251 -0.93 24.82 -33.39
CA PRO D 251 0.04 25.51 -34.27
C PRO D 251 1.29 24.69 -34.48
N LEU D 252 1.87 24.76 -35.66
CA LEU D 252 3.01 23.88 -36.01
C LEU D 252 4.14 24.06 -34.98
N GLN D 253 4.48 25.26 -34.53
CA GLN D 253 5.60 25.37 -33.60
C GLN D 253 5.33 24.56 -32.34
N LEU D 254 4.10 24.61 -31.85
CA LEU D 254 3.72 23.81 -30.66
C LEU D 254 3.85 22.31 -30.97
N TYR D 255 3.24 21.87 -32.06
CA TYR D 255 3.25 20.45 -32.50
C TYR D 255 4.70 19.94 -32.59
N ARG D 256 5.58 20.71 -33.22
CA ARG D 256 6.99 20.30 -33.37
C ARG D 256 7.66 20.08 -32.01
N GLN D 257 7.35 20.92 -31.03
CA GLN D 257 7.91 20.75 -29.67
C GLN D 257 7.38 19.47 -29.04
N TRP D 258 6.10 19.15 -29.24
CA TRP D 258 5.51 17.92 -28.67
C TRP D 258 6.11 16.70 -29.34
N THR D 259 6.38 16.79 -30.63
CA THR D 259 7.01 15.71 -31.42
C THR D 259 8.42 15.48 -30.87
N ASP D 260 9.26 16.50 -30.73
CA ASP D 260 10.58 16.33 -30.15
C ASP D 260 10.55 15.71 -28.75
N ARG D 261 9.48 15.98 -27.98
CA ARG D 261 9.35 15.48 -26.60
C ARG D 261 8.88 14.01 -26.60
N ILE D 262 7.88 13.67 -27.39
CA ILE D 262 7.38 12.27 -27.37
C ILE D 262 8.50 11.37 -27.93
N MET D 263 9.28 11.88 -28.89
CA MET D 263 10.35 11.08 -29.52
C MET D 263 11.50 10.91 -28.52
N GLU D 264 11.83 11.94 -27.77
CA GLU D 264 12.82 11.85 -26.67
C GLU D 264 12.34 10.75 -25.70
N GLU D 265 11.08 10.77 -25.29
CA GLU D 265 10.56 9.80 -24.29
C GLU D 265 10.66 8.39 -24.86
N PHE D 266 10.25 8.21 -26.12
CA PHE D 266 10.21 6.90 -26.82
C PHE D 266 11.64 6.36 -26.97
N PHE D 267 12.58 7.19 -27.42
CA PHE D 267 14.00 6.78 -27.59
C PHE D 267 14.58 6.38 -26.24
N ARG D 268 14.28 7.13 -25.18
CA ARG D 268 14.73 6.74 -23.85
C ARG D 268 14.20 5.37 -23.46
N GLN D 269 12.94 5.08 -23.79
CA GLN D 269 12.38 3.74 -23.49
C GLN D 269 13.15 2.70 -24.32
N GLY D 270 13.40 3.00 -25.60
CA GLY D 270 14.13 2.07 -26.47
C GLY D 270 15.53 1.79 -25.95
N ASP D 271 16.25 2.81 -25.47
CA ASP D 271 17.59 2.66 -24.86
C ASP D 271 17.50 1.74 -23.62
N ARG D 272 16.47 1.90 -22.80
CA ARG D 272 16.28 1.07 -21.58
C ARG D 272 15.97 -0.37 -22.00
N GLU D 273 15.27 -0.56 -23.12
CA GLU D 273 14.91 -1.91 -23.64
C GLU D 273 16.16 -2.59 -24.23
N ARG D 274 16.97 -1.87 -25.01
CA ARG D 274 18.20 -2.38 -25.67
C ARG D 274 19.21 -2.78 -24.60
N GLU D 275 19.46 -1.90 -23.63
CA GLU D 275 20.29 -2.14 -22.42
C GLU D 275 19.94 -3.48 -21.76
N ARG D 276 18.66 -3.82 -21.63
CA ARG D 276 18.17 -5.01 -20.88
C ARG D 276 17.98 -6.19 -21.83
N GLY D 277 18.36 -6.03 -23.11
CA GLY D 277 18.19 -7.04 -24.17
C GLY D 277 16.74 -7.40 -24.45
N MET D 278 15.80 -6.52 -24.10
CA MET D 278 14.36 -6.66 -24.47
C MET D 278 14.20 -6.26 -25.93
N GLU D 279 13.13 -6.75 -26.56
CA GLU D 279 12.72 -6.31 -27.91
C GLU D 279 12.45 -4.80 -27.82
N ILE D 280 12.98 -4.03 -28.76
CA ILE D 280 12.74 -2.55 -28.80
C ILE D 280 11.33 -2.31 -29.36
N SER D 281 10.50 -1.55 -28.63
CA SER D 281 9.08 -1.29 -28.95
C SER D 281 8.98 -0.44 -30.22
N PRO D 282 7.83 -0.53 -30.94
CA PRO D 282 7.60 0.30 -32.12
C PRO D 282 7.99 1.77 -31.94
N MET D 283 8.78 2.30 -32.88
CA MET D 283 9.20 3.73 -33.03
C MET D 283 10.04 4.20 -31.84
N CYS D 284 10.58 3.26 -31.04
CA CYS D 284 11.46 3.52 -29.87
C CYS D 284 12.94 3.35 -30.20
N ASP D 285 13.28 2.89 -31.42
CA ASP D 285 14.69 2.63 -31.80
C ASP D 285 15.24 3.89 -32.47
N LYS D 286 16.10 4.65 -31.78
CA LYS D 286 16.72 5.90 -32.31
C LYS D 286 17.63 5.59 -33.50
N HIS D 287 18.04 4.33 -33.70
CA HIS D 287 18.98 3.92 -34.79
C HIS D 287 18.17 3.55 -36.03
N ASN D 288 16.85 3.37 -35.88
CA ASN D 288 15.96 2.79 -36.92
C ASN D 288 14.60 3.50 -36.89
N ALA D 289 14.59 4.83 -37.04
CA ALA D 289 13.42 5.68 -36.74
C ALA D 289 13.08 6.63 -37.86
N SER D 290 11.79 6.70 -38.18
CA SER D 290 11.19 7.61 -39.18
C SER D 290 10.27 8.59 -38.45
N VAL D 291 10.80 9.62 -37.79
CA VAL D 291 10.01 10.56 -36.95
C VAL D 291 8.87 11.13 -37.80
N GLU D 292 9.22 11.64 -38.99
CA GLU D 292 8.29 12.38 -39.89
C GLU D 292 7.23 11.43 -40.43
N LYS D 293 7.64 10.25 -40.89
CA LYS D 293 6.69 9.24 -41.42
C LYS D 293 5.77 8.75 -40.28
N SER D 294 6.29 8.63 -39.07
CA SER D 294 5.52 8.16 -37.89
C SER D 294 4.41 9.18 -37.54
N GLN D 295 4.72 10.47 -37.58
CA GLN D 295 3.72 11.55 -37.38
C GLN D 295 2.65 11.47 -38.46
N VAL D 296 3.04 11.30 -39.72
CA VAL D 296 2.03 11.20 -40.82
C VAL D 296 1.15 9.96 -40.56
N GLY D 297 1.74 8.84 -40.17
CA GLY D 297 0.99 7.60 -39.88
C GLY D 297 0.07 7.81 -38.71
N PHE D 298 0.54 8.50 -37.69
CA PHE D 298 -0.24 8.80 -36.46
C PHE D 298 -1.45 9.65 -36.84
N ILE D 299 -1.23 10.68 -37.65
CA ILE D 299 -2.33 11.55 -38.12
C ILE D 299 -3.32 10.72 -38.92
N ASP D 300 -2.84 9.97 -39.92
CA ASP D 300 -3.68 9.24 -40.91
C ASP D 300 -4.53 8.16 -40.21
N TYR D 301 -3.98 7.41 -39.26
CA TYR D 301 -4.65 6.21 -38.69
C TYR D 301 -5.36 6.53 -37.38
N ILE D 302 -4.90 7.51 -36.60
CA ILE D 302 -5.46 7.74 -35.23
C ILE D 302 -6.07 9.14 -35.11
N VAL D 303 -5.25 10.18 -35.31
CA VAL D 303 -5.62 11.57 -34.92
C VAL D 303 -6.72 12.09 -35.86
N HIS D 304 -6.53 12.02 -37.19
CA HIS D 304 -7.47 12.58 -38.19
C HIS D 304 -8.83 11.87 -38.08
N PRO D 305 -8.92 10.53 -38.04
CA PRO D 305 -10.23 9.89 -37.87
C PRO D 305 -10.95 10.37 -36.62
N LEU D 306 -10.22 10.58 -35.53
CA LEU D 306 -10.84 10.97 -34.24
C LEU D 306 -11.37 12.40 -34.36
N TRP D 307 -10.51 13.31 -34.80
CA TRP D 307 -10.87 14.74 -34.93
C TRP D 307 -11.93 14.97 -36.01
N GLU D 308 -11.89 14.21 -37.10
CA GLU D 308 -12.93 14.29 -38.16
C GLU D 308 -14.27 13.92 -37.51
N THR D 309 -14.33 12.88 -36.70
CA THR D 309 -15.60 12.48 -36.03
C THR D 309 -15.99 13.51 -34.97
N TRP D 310 -15.05 14.00 -34.16
CA TRP D 310 -15.34 15.12 -33.22
C TRP D 310 -15.92 16.30 -34.02
N ALA D 311 -15.26 16.73 -35.09
CA ALA D 311 -15.65 17.90 -35.90
C ALA D 311 -17.10 17.76 -36.39
N ASP D 312 -17.48 16.56 -36.82
CA ASP D 312 -18.87 16.25 -37.23
C ASP D 312 -19.77 16.44 -36.01
N LEU D 313 -19.44 15.87 -34.87
CA LEU D 313 -20.30 15.96 -33.66
C LEU D 313 -20.62 17.43 -33.35
N VAL D 314 -19.63 18.33 -33.44
CA VAL D 314 -19.81 19.76 -33.01
C VAL D 314 -19.83 20.71 -34.21
N HIS D 315 -20.15 20.21 -35.40
CA HIS D 315 -20.06 20.95 -36.69
C HIS D 315 -20.73 22.30 -36.54
N PRO D 316 -20.11 23.44 -36.98
CA PRO D 316 -18.79 23.48 -37.59
C PRO D 316 -17.71 24.04 -36.66
N ASP D 317 -17.93 23.88 -35.36
CA ASP D 317 -17.10 24.51 -34.29
C ASP D 317 -15.61 24.14 -34.47
N ALA D 318 -15.27 22.95 -34.99
CA ALA D 318 -13.88 22.45 -35.00
C ALA D 318 -13.22 22.56 -36.39
N GLN D 319 -13.83 23.28 -37.32
CA GLN D 319 -13.30 23.36 -38.72
C GLN D 319 -11.82 23.84 -38.75
N ASP D 320 -11.44 24.88 -38.00
CA ASP D 320 -10.06 25.44 -38.06
C ASP D 320 -9.07 24.45 -37.44
N ILE D 321 -9.50 23.73 -36.41
CA ILE D 321 -8.70 22.67 -35.74
C ILE D 321 -8.38 21.61 -36.81
N LEU D 322 -9.39 21.12 -37.51
CA LEU D 322 -9.21 20.10 -38.57
C LEU D 322 -8.32 20.67 -39.69
N ASP D 323 -8.52 21.92 -40.10
CA ASP D 323 -7.70 22.54 -41.19
C ASP D 323 -6.24 22.54 -40.75
N THR D 324 -5.97 22.88 -39.48
CA THR D 324 -4.59 22.95 -38.95
C THR D 324 -3.97 21.56 -38.97
N LEU D 325 -4.74 20.54 -38.61
CA LEU D 325 -4.29 19.13 -38.57
C LEU D 325 -3.81 18.75 -39.97
N GLU D 326 -4.61 19.06 -40.99
CA GLU D 326 -4.32 18.73 -42.41
C GLU D 326 -3.07 19.51 -42.89
N ASP D 327 -2.93 20.77 -42.50
CA ASP D 327 -1.73 21.60 -42.84
C ASP D 327 -0.47 20.97 -42.22
N ASN D 328 -0.56 20.63 -40.94
CA ASN D 328 0.56 20.06 -40.15
C ASN D 328 0.93 18.69 -40.74
N ARG D 329 -0.06 17.93 -41.16
CA ARG D 329 0.17 16.61 -41.81
C ARG D 329 1.04 16.84 -43.05
N GLU D 330 0.68 17.78 -43.93
CA GLU D 330 1.39 18.04 -45.22
C GLU D 330 2.81 18.52 -44.91
N TRP D 331 2.97 19.29 -43.84
CA TRP D 331 4.33 19.77 -43.48
C TRP D 331 5.23 18.58 -43.13
N TYR D 332 4.76 17.65 -42.31
CA TYR D 332 5.56 16.47 -41.88
C TYR D 332 5.83 15.58 -43.09
N GLN D 333 4.83 15.34 -43.95
CA GLN D 333 4.97 14.55 -45.22
C GLN D 333 6.13 15.14 -46.05
N SER D 334 6.21 16.46 -46.16
CA SER D 334 7.18 17.15 -47.03
C SER D 334 8.59 17.10 -46.42
N THR D 335 8.75 16.55 -45.22
CA THR D 335 10.08 16.48 -44.54
C THR D 335 10.54 15.03 -44.38
N ILE D 336 9.85 14.06 -44.98
CA ILE D 336 10.23 12.61 -44.94
C ILE D 336 11.48 12.38 -45.80
N PRO D 337 12.63 11.94 -45.22
CA PRO D 337 13.88 11.80 -45.98
C PRO D 337 13.85 10.90 -47.24
ZN ZN E . -2.61 -4.67 23.77
MG MG F . 0.03 -4.82 21.18
C1 EDO G . -15.22 -11.36 20.30
O1 EDO G . -14.05 -12.00 20.75
C2 EDO G . -15.02 -9.92 20.00
O2 EDO G . -15.44 -9.46 18.72
C1 EDO H . 0.65 19.50 25.16
O1 EDO H . -0.74 19.56 24.86
C2 EDO H . 1.47 19.02 24.01
O2 EDO H . 2.23 17.84 24.33
C1 EDO I . 10.13 1.14 15.14
O1 EDO I . 9.53 0.95 13.89
C2 EDO I . 11.12 2.22 14.99
O2 EDO I . 10.43 3.42 14.74
C1 EDO J . -2.55 -6.78 -0.26
O1 EDO J . -2.33 -8.13 0.17
C2 EDO J . -1.39 -6.23 -1.02
O2 EDO J . -0.35 -7.20 -1.21
C1 EDO K . -5.84 4.73 40.87
O1 EDO K . -6.89 5.29 40.09
C2 EDO K . -4.78 4.10 40.03
O2 EDO K . -3.51 4.76 39.90
N1 EPE L . -18.61 -13.07 31.51
C2 EPE L . -18.66 -14.05 32.60
C3 EPE L . -19.75 -15.07 32.34
N4 EPE L . -19.47 -15.80 31.09
C5 EPE L . -19.27 -14.84 30.00
C6 EPE L . -19.60 -13.43 30.50
C7 EPE L . -18.26 -16.61 31.26
C8 EPE L . -18.09 -17.51 30.04
O8 EPE L . -19.21 -18.39 29.94
C9 EPE L . -18.90 -11.72 32.03
C10 EPE L . -17.96 -11.47 33.21
S EPE L . -18.09 -9.89 33.69
O1S EPE L . -17.69 -9.01 32.58
O2S EPE L . -17.22 -9.66 34.86
O3S EPE L . -19.50 -9.61 34.06
C1 EDO M . 8.34 10.05 16.65
O1 EDO M . 7.80 10.38 17.92
C2 EDO M . 7.38 10.21 15.54
O2 EDO M . 6.96 11.58 15.28
C16 RLW N . 2.05 -15.70 30.37
C17 RLW N . 1.25 -16.84 29.74
C18 RLW N . 1.22 -16.54 28.29
C19 RLW N . 1.80 -15.14 28.10
C20 RLW N . 0.84 -11.96 28.29
C15 RLW N . 1.80 -14.50 29.46
C13 RLW N . 0.08 -12.72 29.22
C12 RLW N . -3.21 -12.68 30.88
C10 RLW N . -1.20 -12.25 29.62
O01 RLW N . 3.13 -8.93 24.20
C02 RLW N . 2.27 -9.21 25.02
C03 RLW N . 2.39 -10.24 26.14
C04 RLW N . 3.61 -9.96 27.03
C05 RLW N . 2.49 -11.64 25.54
C06 RLW N . 1.04 -9.95 26.80
C07 RLW N . 0.32 -10.78 27.76
C08 RLW N . -0.95 -10.35 28.16
C09 RLW N . -1.69 -11.07 29.08
O11 RLW N . -1.87 -13.02 30.51
O14 RLW N . 0.49 -13.92 29.77
N21 RLW N . 0.54 -8.83 26.39
N22 RLW N . 1.02 -8.66 25.11
C1 EDO O . -14.66 -0.08 7.47
O1 EDO O . -16.00 0.28 7.40
C2 EDO O . -14.28 -0.91 6.33
O2 EDO O . -14.74 -0.33 5.16
ZN ZN P . 22.81 9.23 1.09
MG MG Q . 19.35 8.90 2.93
C1 EDO R . 17.64 20.82 5.99
O1 EDO R . 16.80 21.26 7.04
C2 EDO R . 17.21 19.53 5.43
O2 EDO R . 15.94 19.65 4.84
C1 EDO S . 22.58 13.75 -12.37
O1 EDO S . 21.37 14.45 -12.14
C2 EDO S . 22.32 12.54 -13.18
O2 EDO S . 21.19 11.81 -12.73
C1 EDO T . 15.89 -5.12 12.19
O1 EDO T . 16.88 -5.42 13.13
C2 EDO T . 16.00 -6.03 11.04
O2 EDO T . 15.65 -7.37 11.34
C1 EDO U . 42.52 -9.03 23.32
O1 EDO U . 42.25 -9.88 22.23
C2 EDO U . 42.76 -7.61 22.91
O2 EDO U . 44.04 -7.37 22.33
C1 EDO V . 32.99 29.74 -3.06
O1 EDO V . 32.73 31.14 -3.01
C2 EDO V . 32.65 29.00 -1.81
O2 EDO V . 31.35 28.41 -1.73
C1 EDO W . 8.53 22.00 6.22
O1 EDO W . 9.61 21.10 6.01
C2 EDO W . 8.63 23.04 7.32
O2 EDO W . 9.90 23.15 7.98
C1 EDO X . 17.32 15.25 3.33
O1 EDO X . 18.25 16.33 3.45
C2 EDO X . 17.90 14.00 2.70
O2 EDO X . 17.60 12.72 3.29
N1 EPE Y . 16.09 -19.49 -15.97
C2 EPE Y . 15.80 -18.23 -16.66
C3 EPE Y . 17.03 -17.35 -16.66
N4 EPE Y . 17.45 -17.08 -15.28
C5 EPE Y . 17.86 -18.35 -14.68
C6 EPE Y . 16.63 -19.24 -14.62
C7 EPE Y . 18.57 -16.14 -15.27
C8 EPE Y . 19.71 -16.71 -16.08
O8 EPE Y . 20.66 -15.68 -16.27
C9 EPE Y . 14.83 -20.23 -15.75
C10 EPE Y . 13.86 -20.01 -16.90
S EPE Y . 12.60 -21.07 -16.72
O1S EPE Y . 11.56 -20.81 -17.72
O2S EPE Y . 13.11 -22.44 -16.87
O3S EPE Y . 12.03 -20.91 -15.37
N1 EPE Z . 34.43 16.57 -14.09
C2 EPE Z . 34.63 17.73 -14.98
C3 EPE Z . 33.67 17.65 -16.16
N4 EPE Z . 32.27 17.70 -15.74
C5 EPE Z . 32.08 16.88 -14.54
C6 EPE Z . 33.22 15.86 -14.49
C7 EPE Z . 31.88 19.08 -15.43
C8 EPE Z . 31.92 19.90 -16.71
O8 EPE Z . 30.99 19.37 -17.66
C9 EPE Z . 35.59 15.67 -14.20
C10 EPE Z . 36.42 15.67 -12.92
S EPE Z . 35.53 15.09 -11.63
O1S EPE Z . 34.51 16.10 -11.23
O2S EPE Z . 36.43 14.84 -10.49
O3S EPE Z . 34.84 13.85 -12.02
C16 RLW AA . 25.53 21.89 5.25
C17 RLW AA . 24.84 22.76 4.20
C18 RLW AA . 23.54 22.10 3.93
C19 RLW AA . 23.52 20.77 4.68
C20 RLW AA . 24.56 17.71 4.17
C15 RLW AA . 24.96 20.51 5.04
C13 RLW AA . 25.54 18.54 3.60
C12 RLW AA . 27.98 18.59 0.88
C10 RLW AA . 26.44 18.02 2.63
O01 RLW AA . 20.63 14.17 6.09
C02 RLW AA . 21.62 14.47 5.41
C03 RLW AA . 22.40 15.78 5.45
C04 RLW AA . 22.95 16.02 6.86
C05 RLW AA . 21.50 16.95 5.06
C06 RLW AA . 23.44 15.45 4.36
C07 RLW AA . 24.46 16.36 3.80
C08 RLW AA . 25.35 15.87 2.84
C09 RLW AA . 26.33 16.68 2.27
O11 RLW AA . 27.38 18.89 2.13
O14 RLW AA . 25.68 19.88 3.94
N21 RLW AA . 23.32 14.25 3.88
N22 RLW AA . 22.20 13.67 4.45
ZN ZN BA . -17.58 -16.73 -3.90
MG MG CA . -16.80 -13.37 -4.47
C1 EDO DA . 1.79 -16.52 -10.81
O1 EDO DA . 2.38 -15.34 -10.31
C2 EDO DA . 2.33 -17.75 -10.20
O2 EDO DA . 3.21 -17.47 -9.15
C1 EDO EA . -22.14 -32.51 -14.78
O1 EDO EA . -21.24 -33.08 -13.84
C2 EDO EA . -22.07 -31.03 -14.83
O2 EDO EA . -21.25 -30.49 -15.86
C1 EDO FA . -2.14 0.16 5.51
O1 EDO FA . -3.48 0.32 6.01
C2 EDO FA . -1.32 1.41 5.54
O2 EDO FA . -1.98 2.53 4.95
C1 EDO GA . -9.80 -20.22 9.34
O1 EDO GA . -10.83 -20.58 8.45
C2 EDO GA . -10.05 -18.94 10.02
O2 EDO GA . -8.98 -18.00 10.00
C1 EDO HA . 0.13 -13.78 8.42
O1 EDO HA . 0.33 -12.88 7.31
C2 EDO HA . 0.20 -15.24 8.07
O2 EDO HA . 1.35 -15.90 8.53
N1 EPE IA . -24.49 -31.09 9.36
C2 EPE IA . -23.53 -32.12 9.76
C3 EPE IA . -23.85 -32.59 11.18
N4 EPE IA . -23.77 -31.45 12.11
C5 EPE IA . -24.71 -30.40 11.69
C6 EPE IA . -24.38 -29.93 10.27
C7 EPE IA . -24.11 -31.90 13.45
C8 EPE IA . -23.26 -33.12 13.79
O8 EPE IA . -23.59 -33.59 15.11
C9 EPE IA . -24.20 -30.68 7.99
C10 EPE IA . -24.21 -31.91 7.11
S EPE IA . -24.01 -31.48 5.52
O1S EPE IA . -22.63 -31.01 5.30
O2S EPE IA . -24.97 -30.41 5.18
O3S EPE IA . -24.30 -32.65 4.68
C16 RLW JA . -29.45 -13.12 -3.07
C17 RLW JA . -30.93 -13.37 -2.91
C18 RLW JA . -31.17 -13.79 -1.49
C19 RLW JA . -29.86 -13.64 -0.80
C20 RLW JA . -26.46 -14.71 -3.18
C15 RLW JA . -28.84 -13.83 -1.91
C13 RLW JA . -27.41 -15.58 -2.57
C12 RLW JA . -27.76 -18.99 -1.41
C10 RLW JA . -26.99 -16.87 -2.18
O01 RLW JA . -22.33 -11.51 -5.12
C02 RLW JA . -22.81 -12.53 -4.71
C03 RLW JA . -24.26 -12.77 -4.32
C04 RLW JA . -25.27 -12.50 -5.45
C05 RLW JA . -24.56 -11.87 -3.12
C06 RLW JA . -24.13 -14.26 -4.01
C07 RLW JA . -25.15 -15.14 -3.40
C08 RLW JA . -24.78 -16.43 -3.00
C09 RLW JA . -25.69 -17.28 -2.39
O11 RLW JA . -27.97 -17.60 -1.57
O14 RLW JA . -28.71 -15.24 -2.29
N21 RLW JA . -22.97 -14.73 -4.34
N22 RLW JA . -22.11 -13.67 -4.46
C1 PEG KA . -23.08 -37.81 -1.16
O1 PEG KA . -23.77 -37.63 -2.38
C2 PEG KA . -23.31 -39.16 -0.55
O2 PEG KA . -22.62 -39.24 0.69
C3 PEG KA . -22.88 -40.43 1.46
C4 PEG KA . -21.66 -40.79 2.27
O4 PEG KA . -21.52 -40.05 3.49
C1 EDO LA . -24.23 5.89 1.57
O1 EDO LA . -25.54 5.41 1.78
C2 EDO LA . -23.90 6.04 0.15
O2 EDO LA . -24.62 7.08 -0.46
ZN ZN MA . -1.84 12.21 -21.68
MG MG NA . -1.88 8.73 -20.50
C1 EDO OA . -20.00 28.32 -34.23
O1 EDO OA . -18.84 27.48 -34.46
C2 EDO OA . -19.70 29.80 -34.18
O2 EDO OA . -19.27 30.28 -32.90
C1 EDO PA . -35.56 28.67 -28.60
O1 EDO PA . -34.52 27.95 -27.97
C2 EDO PA . -36.75 27.83 -29.00
O2 EDO PA . -37.44 27.12 -27.93
C1 EDO QA . 5.74 3.32 -27.14
O1 EDO QA . 5.28 2.37 -26.23
C2 EDO QA . 5.53 2.92 -28.55
O2 EDO QA . 5.68 1.53 -28.82
C1 EDO RA . -16.50 2.66 -11.47
O1 EDO RA . -17.37 3.60 -10.84
C2 EDO RA . -16.35 2.90 -12.92
O2 EDO RA . -17.46 3.58 -13.51
C1 EDO SA . 8.75 19.32 -16.08
O1 EDO SA . 8.37 19.64 -14.74
C2 EDO SA . 9.15 20.47 -16.89
O2 EDO SA . 9.42 20.02 -18.16
C1 EDO TA . -13.87 22.89 -30.40
O1 EDO TA . -15.03 22.27 -30.91
C2 EDO TA . -13.54 24.29 -30.82
O2 EDO TA . -13.89 25.22 -29.81
C1 EDO UA . -25.64 32.32 -25.08
O1 EDO UA . -24.83 32.95 -24.14
C2 EDO UA . -24.95 32.22 -26.42
O2 EDO UA . -23.54 32.05 -26.39
C1 EDO VA . -21.67 24.54 -20.17
O1 EDO VA . -21.65 25.78 -20.86
C2 EDO VA . -20.89 23.45 -20.80
O2 EDO VA . -21.65 22.41 -21.30
C1 EDO WA . -24.36 14.48 -12.62
O1 EDO WA . -23.94 13.74 -13.77
C2 EDO WA . -23.77 15.85 -12.66
O2 EDO WA . -24.64 16.93 -12.27
N1 EPE XA . 9.09 29.22 -25.76
C2 EPE XA . 10.32 28.45 -25.88
C3 EPE XA . 11.30 29.17 -26.79
N4 EPE XA . 11.69 30.49 -26.26
C5 EPE XA . 10.50 31.20 -25.79
C6 EPE XA . 9.26 30.55 -26.38
C7 EPE XA . 12.62 30.32 -25.14
C8 EPE XA . 13.92 29.68 -25.62
O8 EPE XA . 14.56 30.54 -26.56
C9 EPE XA . 8.00 28.50 -26.42
C10 EPE XA . 6.88 29.48 -26.74
S EPE XA . 5.66 28.66 -27.51
O1S EPE XA . 6.23 27.56 -28.30
O2S EPE XA . 4.95 29.59 -28.41
O3S EPE XA . 4.72 28.13 -26.50
C1 EDO YA . 5.10 15.22 -0.93
O1 EDO YA . 4.26 14.17 -1.40
C2 EDO YA . 4.45 16.54 -0.89
O2 EDO YA . 3.65 16.73 -2.01
C16 RLW ZA . 3.91 8.84 -33.58
C17 RLW ZA . 5.39 8.98 -33.32
C18 RLW ZA . 5.62 8.33 -31.98
C19 RLW ZA . 4.24 8.02 -31.40
C20 RLW ZA . 1.97 9.74 -29.71
C15 RLW ZA . 3.29 8.88 -32.19
C13 RLW ZA . 2.60 10.64 -30.58
C12 RLW ZA . 3.18 14.27 -30.97
C10 RLW ZA . 2.50 12.04 -30.33
O01 RLW ZA . -0.44 6.50 -25.89
C02 RLW ZA . -0.14 7.57 -26.38
C03 RLW ZA . 0.47 7.80 -27.75
C04 RLW ZA . -0.45 7.33 -28.87
C05 RLW ZA . 1.81 7.09 -27.85
C06 RLW ZA . 0.55 9.30 -27.67
C07 RLW ZA . 1.25 10.21 -28.59
C08 RLW ZA . 1.19 11.58 -28.37
C09 RLW ZA . 1.79 12.49 -29.23
O11 RLW ZA . 3.11 12.87 -31.24
O14 RLW ZA . 3.33 10.24 -31.68
N21 RLW ZA . -0.19 9.78 -26.71
N22 RLW ZA . -0.25 8.77 -25.78
C1 PEG AB . -2.48 32.64 -10.93
O1 PEG AB . -1.58 33.13 -11.94
C2 PEG AB . -1.89 31.49 -10.12
O2 PEG AB . -1.61 31.88 -8.78
C3 PEG AB . -1.28 30.80 -7.90
C4 PEG AB . 0.13 30.30 -8.14
O4 PEG AB . 1.11 31.32 -8.17
#